data_8YEW
# 
_entry.id   8YEW 
# 
_audit_conform.dict_name       mmcif_pdbx.dic 
_audit_conform.dict_version    5.395 
_audit_conform.dict_location   http://mmcif.pdb.org/dictionaries/ascii/mmcif_pdbx.dic 
# 
loop_
_database_2.database_id 
_database_2.database_code 
_database_2.pdbx_database_accession 
_database_2.pdbx_DOI 
PDB   8YEW         pdb_00008yew 10.2210/pdb8yew/pdb 
WWPDB D_1300045502 ?            ?                   
# 
loop_
_pdbx_audit_revision_history.ordinal 
_pdbx_audit_revision_history.data_content_type 
_pdbx_audit_revision_history.major_revision 
_pdbx_audit_revision_history.minor_revision 
_pdbx_audit_revision_history.revision_date 
1 'Structure model' 1 0 2024-06-26 
2 'Structure model' 1 1 2024-08-28 
# 
_pdbx_audit_revision_details.ordinal             1 
_pdbx_audit_revision_details.revision_ordinal    1 
_pdbx_audit_revision_details.data_content_type   'Structure model' 
_pdbx_audit_revision_details.provider            repository 
_pdbx_audit_revision_details.type                'Initial release' 
_pdbx_audit_revision_details.description         ? 
_pdbx_audit_revision_details.details             ? 
# 
_pdbx_audit_revision_group.ordinal             1 
_pdbx_audit_revision_group.revision_ordinal    2 
_pdbx_audit_revision_group.data_content_type   'Structure model' 
_pdbx_audit_revision_group.group               'Database references' 
# 
_pdbx_audit_revision_category.ordinal             1 
_pdbx_audit_revision_category.revision_ordinal    2 
_pdbx_audit_revision_category.data_content_type   'Structure model' 
_pdbx_audit_revision_category.category            citation 
# 
loop_
_pdbx_audit_revision_item.ordinal 
_pdbx_audit_revision_item.revision_ordinal 
_pdbx_audit_revision_item.data_content_type 
_pdbx_audit_revision_item.item 
1 2 'Structure model' '_citation.journal_volume' 
2 2 'Structure model' '_citation.page_first'     
# 
_pdbx_database_status.status_code                     REL 
_pdbx_database_status.status_code_sf                  REL 
_pdbx_database_status.status_code_mr                  ? 
_pdbx_database_status.entry_id                        8YEW 
_pdbx_database_status.recvd_initial_deposition_date   2024-02-23 
_pdbx_database_status.SG_entry                        N 
_pdbx_database_status.deposit_site                    PDBJ 
_pdbx_database_status.process_site                    PDBJ 
_pdbx_database_status.status_code_cs                  ? 
_pdbx_database_status.status_code_nmr_data            ? 
_pdbx_database_status.methods_development_category    ? 
_pdbx_database_status.pdb_format_compatible           Y 
# 
_pdbx_contact_author.id                 3 
_pdbx_contact_author.email              jpding@sibcb.ac.cn 
_pdbx_contact_author.name_first         Jianping 
_pdbx_contact_author.name_last          Ding 
_pdbx_contact_author.name_mi            ? 
_pdbx_contact_author.role               'principal investigator/group leader' 
_pdbx_contact_author.identifier_ORCID   0000-0001-7029-7346 
# 
loop_
_audit_author.name 
_audit_author.pdbx_ordinal 
_audit_author.identifier_ORCID 
'Ding, J.' 1 0000-0001-7029-7346 
'Yang, H.' 2 0000-0003-0304-5098 
'Hu, C.'   3 0009-0005-1034-0943 
# 
_citation.abstract                  ? 
_citation.abstract_id_CAS           ? 
_citation.book_id_ISBN              ? 
_citation.book_publisher            ? 
_citation.book_publisher_city       ? 
_citation.book_title                ? 
_citation.coordinate_linkage        ? 
_citation.country                   UK 
_citation.database_id_Medline       ? 
_citation.details                   ? 
_citation.id                        primary 
_citation.journal_abbrev            Structure 
_citation.journal_id_ASTM           STRUE6 
_citation.journal_id_CSD            2005 
_citation.journal_id_ISSN           0969-2126 
_citation.journal_full              ? 
_citation.journal_issue             ? 
_citation.journal_volume            32 
_citation.language                  ? 
_citation.page_first                1208 
_citation.page_last                 ? 
_citation.title                     
;Biochemical and structural characterization of the DNA-binding properties of human TRIP4 ASCH domain reveals insights into its functional role.
;
_citation.year                      2024 
_citation.database_id_CSD           ? 
_citation.pdbx_database_id_DOI      10.1016/j.str.2024.05.012 
_citation.pdbx_database_id_PubMed   38870938 
_citation.pdbx_database_id_patent   ? 
_citation.unpublished_flag          ? 
# 
loop_
_citation_author.citation_id 
_citation_author.name 
_citation_author.ordinal 
_citation_author.identifier_ORCID 
primary 'Hu, C.'   1 ? 
primary 'Chen, Z.' 2 ? 
primary 'Wang, G.' 3 ? 
primary 'Yang, H.' 4 ? 
primary 'Ding, J.' 5 ? 
# 
loop_
_entity.id 
_entity.type 
_entity.src_method 
_entity.pdbx_description 
_entity.formula_weight 
_entity.pdbx_number_of_molecules 
_entity.pdbx_ec 
_entity.pdbx_mutation 
_entity.pdbx_fragment 
_entity.details 
1 polymer man 'Activating signal cointegrator 1' 16923.664 1  ? ? ? ? 
2 water   nat water                              18.015    91 ? ? ? ? 
# 
_entity_name_com.entity_id   1 
_entity_name_com.name        'ASC-1,Thyroid receptor-interacting protein 4,TR-interacting protein 4,TRIP-4' 
# 
_entity_poly.entity_id                      1 
_entity_poly.type                           'polypeptide(L)' 
_entity_poly.nstd_linkage                   no 
_entity_poly.nstd_monomer                   no 
_entity_poly.pdbx_seq_one_letter_code       
;SWCLSVHQPWASLLVRGIKRVEGRSWYTPHRGRLWIAATAKKPSPQEVSELQATYRLLRGKDVEFPNDYPSGCLLGCVDL
IDCLSQKQFKEQFPDISQESDSPFVFICKNPQEMVVKFPIKGNPKIWKLDSKIHQGAKKGLMKQNKAV
;
_entity_poly.pdbx_seq_one_letter_code_can   
;SWCLSVHQPWASLLVRGIKRVEGRSWYTPHRGRLWIAATAKKPSPQEVSELQATYRLLRGKDVEFPNDYPSGCLLGCVDL
IDCLSQKQFKEQFPDISQESDSPFVFICKNPQEMVVKFPIKGNPKIWKLDSKIHQGAKKGLMKQNKAV
;
_entity_poly.pdbx_strand_id                 A 
_entity_poly.pdbx_target_identifier         ? 
# 
_pdbx_entity_nonpoly.entity_id   2 
_pdbx_entity_nonpoly.name        water 
_pdbx_entity_nonpoly.comp_id     HOH 
# 
loop_
_entity_poly_seq.entity_id 
_entity_poly_seq.num 
_entity_poly_seq.mon_id 
_entity_poly_seq.hetero 
1 1   SER n 
1 2   TRP n 
1 3   CYS n 
1 4   LEU n 
1 5   SER n 
1 6   VAL n 
1 7   HIS n 
1 8   GLN n 
1 9   PRO n 
1 10  TRP n 
1 11  ALA n 
1 12  SER n 
1 13  LEU n 
1 14  LEU n 
1 15  VAL n 
1 16  ARG n 
1 17  GLY n 
1 18  ILE n 
1 19  LYS n 
1 20  ARG n 
1 21  VAL n 
1 22  GLU n 
1 23  GLY n 
1 24  ARG n 
1 25  SER n 
1 26  TRP n 
1 27  TYR n 
1 28  THR n 
1 29  PRO n 
1 30  HIS n 
1 31  ARG n 
1 32  GLY n 
1 33  ARG n 
1 34  LEU n 
1 35  TRP n 
1 36  ILE n 
1 37  ALA n 
1 38  ALA n 
1 39  THR n 
1 40  ALA n 
1 41  LYS n 
1 42  LYS n 
1 43  PRO n 
1 44  SER n 
1 45  PRO n 
1 46  GLN n 
1 47  GLU n 
1 48  VAL n 
1 49  SER n 
1 50  GLU n 
1 51  LEU n 
1 52  GLN n 
1 53  ALA n 
1 54  THR n 
1 55  TYR n 
1 56  ARG n 
1 57  LEU n 
1 58  LEU n 
1 59  ARG n 
1 60  GLY n 
1 61  LYS n 
1 62  ASP n 
1 63  VAL n 
1 64  GLU n 
1 65  PHE n 
1 66  PRO n 
1 67  ASN n 
1 68  ASP n 
1 69  TYR n 
1 70  PRO n 
1 71  SER n 
1 72  GLY n 
1 73  CYS n 
1 74  LEU n 
1 75  LEU n 
1 76  GLY n 
1 77  CYS n 
1 78  VAL n 
1 79  ASP n 
1 80  LEU n 
1 81  ILE n 
1 82  ASP n 
1 83  CYS n 
1 84  LEU n 
1 85  SER n 
1 86  GLN n 
1 87  LYS n 
1 88  GLN n 
1 89  PHE n 
1 90  LYS n 
1 91  GLU n 
1 92  GLN n 
1 93  PHE n 
1 94  PRO n 
1 95  ASP n 
1 96  ILE n 
1 97  SER n 
1 98  GLN n 
1 99  GLU n 
1 100 SER n 
1 101 ASP n 
1 102 SER n 
1 103 PRO n 
1 104 PHE n 
1 105 VAL n 
1 106 PHE n 
1 107 ILE n 
1 108 CYS n 
1 109 LYS n 
1 110 ASN n 
1 111 PRO n 
1 112 GLN n 
1 113 GLU n 
1 114 MET n 
1 115 VAL n 
1 116 VAL n 
1 117 LYS n 
1 118 PHE n 
1 119 PRO n 
1 120 ILE n 
1 121 LYS n 
1 122 GLY n 
1 123 ASN n 
1 124 PRO n 
1 125 LYS n 
1 126 ILE n 
1 127 TRP n 
1 128 LYS n 
1 129 LEU n 
1 130 ASP n 
1 131 SER n 
1 132 LYS n 
1 133 ILE n 
1 134 HIS n 
1 135 GLN n 
1 136 GLY n 
1 137 ALA n 
1 138 LYS n 
1 139 LYS n 
1 140 GLY n 
1 141 LEU n 
1 142 MET n 
1 143 LYS n 
1 144 GLN n 
1 145 ASN n 
1 146 LYS n 
1 147 ALA n 
1 148 VAL n 
# 
_entity_src_gen.entity_id                          1 
_entity_src_gen.pdbx_src_id                        1 
_entity_src_gen.pdbx_alt_source_flag               sample 
_entity_src_gen.pdbx_seq_type                      'Biological sequence' 
_entity_src_gen.pdbx_beg_seq_num                   1 
_entity_src_gen.pdbx_end_seq_num                   148 
_entity_src_gen.gene_src_common_name               human 
_entity_src_gen.gene_src_genus                     ? 
_entity_src_gen.pdbx_gene_src_gene                 'TRIP4, RQT4' 
_entity_src_gen.gene_src_species                   ? 
_entity_src_gen.gene_src_strain                    ? 
_entity_src_gen.gene_src_tissue                    ? 
_entity_src_gen.gene_src_tissue_fraction           ? 
_entity_src_gen.gene_src_details                   ? 
_entity_src_gen.pdbx_gene_src_fragment             ? 
_entity_src_gen.pdbx_gene_src_scientific_name      'Homo sapiens' 
_entity_src_gen.pdbx_gene_src_ncbi_taxonomy_id     9606 
_entity_src_gen.pdbx_gene_src_variant              ? 
_entity_src_gen.pdbx_gene_src_cell_line            ? 
_entity_src_gen.pdbx_gene_src_atcc                 ? 
_entity_src_gen.pdbx_gene_src_organ                ? 
_entity_src_gen.pdbx_gene_src_organelle            ? 
_entity_src_gen.pdbx_gene_src_cell                 ? 
_entity_src_gen.pdbx_gene_src_cellular_location    ? 
_entity_src_gen.host_org_common_name               ? 
_entity_src_gen.pdbx_host_org_scientific_name      
;Escherichia coli 'BL21-Gold(DE3)pLysS AG'
;
_entity_src_gen.pdbx_host_org_ncbi_taxonomy_id     866768 
_entity_src_gen.host_org_genus                     ? 
_entity_src_gen.pdbx_host_org_gene                 ? 
_entity_src_gen.pdbx_host_org_organ                ? 
_entity_src_gen.host_org_species                   ? 
_entity_src_gen.pdbx_host_org_tissue               ? 
_entity_src_gen.pdbx_host_org_tissue_fraction      ? 
_entity_src_gen.pdbx_host_org_strain               ? 
_entity_src_gen.pdbx_host_org_variant              ? 
_entity_src_gen.pdbx_host_org_cell_line            ? 
_entity_src_gen.pdbx_host_org_atcc                 ? 
_entity_src_gen.pdbx_host_org_culture_collection   ? 
_entity_src_gen.pdbx_host_org_cell                 ? 
_entity_src_gen.pdbx_host_org_organelle            ? 
_entity_src_gen.pdbx_host_org_cellular_location    ? 
_entity_src_gen.pdbx_host_org_vector_type          ? 
_entity_src_gen.pdbx_host_org_vector               ? 
_entity_src_gen.host_org_details                   ? 
_entity_src_gen.expression_system_id               ? 
_entity_src_gen.plasmid_name                       ? 
_entity_src_gen.plasmid_details                    ? 
_entity_src_gen.pdbx_description                   ? 
# 
loop_
_chem_comp.id 
_chem_comp.type 
_chem_comp.mon_nstd_flag 
_chem_comp.name 
_chem_comp.pdbx_synonyms 
_chem_comp.formula 
_chem_comp.formula_weight 
ALA 'L-peptide linking' y ALANINE         ? 'C3 H7 N O2'     89.093  
ARG 'L-peptide linking' y ARGININE        ? 'C6 H15 N4 O2 1' 175.209 
ASN 'L-peptide linking' y ASPARAGINE      ? 'C4 H8 N2 O3'    132.118 
ASP 'L-peptide linking' y 'ASPARTIC ACID' ? 'C4 H7 N O4'     133.103 
CYS 'L-peptide linking' y CYSTEINE        ? 'C3 H7 N O2 S'   121.158 
GLN 'L-peptide linking' y GLUTAMINE       ? 'C5 H10 N2 O3'   146.144 
GLU 'L-peptide linking' y 'GLUTAMIC ACID' ? 'C5 H9 N O4'     147.129 
GLY 'peptide linking'   y GLYCINE         ? 'C2 H5 N O2'     75.067  
HIS 'L-peptide linking' y HISTIDINE       ? 'C6 H10 N3 O2 1' 156.162 
HOH non-polymer         . WATER           ? 'H2 O'           18.015  
ILE 'L-peptide linking' y ISOLEUCINE      ? 'C6 H13 N O2'    131.173 
LEU 'L-peptide linking' y LEUCINE         ? 'C6 H13 N O2'    131.173 
LYS 'L-peptide linking' y LYSINE          ? 'C6 H15 N2 O2 1' 147.195 
MET 'L-peptide linking' y METHIONINE      ? 'C5 H11 N O2 S'  149.211 
PHE 'L-peptide linking' y PHENYLALANINE   ? 'C9 H11 N O2'    165.189 
PRO 'L-peptide linking' y PROLINE         ? 'C5 H9 N O2'     115.130 
SER 'L-peptide linking' y SERINE          ? 'C3 H7 N O3'     105.093 
THR 'L-peptide linking' y THREONINE       ? 'C4 H9 N O3'     119.119 
TRP 'L-peptide linking' y TRYPTOPHAN      ? 'C11 H12 N2 O2'  204.225 
TYR 'L-peptide linking' y TYROSINE        ? 'C9 H11 N O3'    181.189 
VAL 'L-peptide linking' y VALINE          ? 'C5 H11 N O2'    117.146 
# 
loop_
_pdbx_poly_seq_scheme.asym_id 
_pdbx_poly_seq_scheme.entity_id 
_pdbx_poly_seq_scheme.seq_id 
_pdbx_poly_seq_scheme.mon_id 
_pdbx_poly_seq_scheme.ndb_seq_num 
_pdbx_poly_seq_scheme.pdb_seq_num 
_pdbx_poly_seq_scheme.auth_seq_num 
_pdbx_poly_seq_scheme.pdb_mon_id 
_pdbx_poly_seq_scheme.auth_mon_id 
_pdbx_poly_seq_scheme.pdb_strand_id 
_pdbx_poly_seq_scheme.pdb_ins_code 
_pdbx_poly_seq_scheme.hetero 
A 1 1   SER 1   434 434 SER SER A . n 
A 1 2   TRP 2   435 435 TRP TRP A . n 
A 1 3   CYS 3   436 436 CYS CYS A . n 
A 1 4   LEU 4   437 437 LEU LEU A . n 
A 1 5   SER 5   438 438 SER SER A . n 
A 1 6   VAL 6   439 439 VAL VAL A . n 
A 1 7   HIS 7   440 440 HIS HIS A . n 
A 1 8   GLN 8   441 441 GLN GLN A . n 
A 1 9   PRO 9   442 442 PRO PRO A . n 
A 1 10  TRP 10  443 443 TRP TRP A . n 
A 1 11  ALA 11  444 444 ALA ALA A . n 
A 1 12  SER 12  445 445 SER SER A . n 
A 1 13  LEU 13  446 446 LEU LEU A . n 
A 1 14  LEU 14  447 447 LEU LEU A . n 
A 1 15  VAL 15  448 448 VAL VAL A . n 
A 1 16  ARG 16  449 449 ARG ARG A . n 
A 1 17  GLY 17  450 450 GLY GLY A . n 
A 1 18  ILE 18  451 451 ILE ILE A . n 
A 1 19  LYS 19  452 452 LYS LYS A . n 
A 1 20  ARG 20  453 453 ARG ARG A . n 
A 1 21  VAL 21  454 454 VAL VAL A . n 
A 1 22  GLU 22  455 455 GLU GLU A . n 
A 1 23  GLY 23  456 456 GLY GLY A . n 
A 1 24  ARG 24  457 457 ARG ARG A . n 
A 1 25  SER 25  458 458 SER SER A . n 
A 1 26  TRP 26  459 459 TRP TRP A . n 
A 1 27  TYR 27  460 460 TYR TYR A . n 
A 1 28  THR 28  461 461 THR THR A . n 
A 1 29  PRO 29  462 462 PRO PRO A . n 
A 1 30  HIS 30  463 463 HIS HIS A . n 
A 1 31  ARG 31  464 464 ARG ARG A . n 
A 1 32  GLY 32  465 465 GLY GLY A . n 
A 1 33  ARG 33  466 466 ARG ARG A . n 
A 1 34  LEU 34  467 467 LEU LEU A . n 
A 1 35  TRP 35  468 468 TRP TRP A . n 
A 1 36  ILE 36  469 469 ILE ILE A . n 
A 1 37  ALA 37  470 470 ALA ALA A . n 
A 1 38  ALA 38  471 471 ALA ALA A . n 
A 1 39  THR 39  472 472 THR THR A . n 
A 1 40  ALA 40  473 473 ALA ALA A . n 
A 1 41  LYS 41  474 474 LYS LYS A . n 
A 1 42  LYS 42  475 475 LYS LYS A . n 
A 1 43  PRO 43  476 476 PRO PRO A . n 
A 1 44  SER 44  477 477 SER SER A . n 
A 1 45  PRO 45  478 478 PRO PRO A . n 
A 1 46  GLN 46  479 479 GLN GLN A . n 
A 1 47  GLU 47  480 480 GLU GLU A . n 
A 1 48  VAL 48  481 481 VAL VAL A . n 
A 1 49  SER 49  482 482 SER SER A . n 
A 1 50  GLU 50  483 483 GLU GLU A . n 
A 1 51  LEU 51  484 484 LEU LEU A . n 
A 1 52  GLN 52  485 485 GLN GLN A . n 
A 1 53  ALA 53  486 486 ALA ALA A . n 
A 1 54  THR 54  487 487 THR THR A . n 
A 1 55  TYR 55  488 488 TYR TYR A . n 
A 1 56  ARG 56  489 489 ARG ARG A . n 
A 1 57  LEU 57  490 490 LEU LEU A . n 
A 1 58  LEU 58  491 491 LEU LEU A . n 
A 1 59  ARG 59  492 492 ARG ARG A . n 
A 1 60  GLY 60  493 493 GLY GLY A . n 
A 1 61  LYS 61  494 494 LYS LYS A . n 
A 1 62  ASP 62  495 495 ASP ASP A . n 
A 1 63  VAL 63  496 496 VAL VAL A . n 
A 1 64  GLU 64  497 497 GLU GLU A . n 
A 1 65  PHE 65  498 498 PHE PHE A . n 
A 1 66  PRO 66  499 499 PRO PRO A . n 
A 1 67  ASN 67  500 500 ASN ASN A . n 
A 1 68  ASP 68  501 501 ASP ASP A . n 
A 1 69  TYR 69  502 502 TYR TYR A . n 
A 1 70  PRO 70  503 503 PRO PRO A . n 
A 1 71  SER 71  504 504 SER SER A . n 
A 1 72  GLY 72  505 505 GLY GLY A . n 
A 1 73  CYS 73  506 506 CYS CYS A . n 
A 1 74  LEU 74  507 507 LEU LEU A . n 
A 1 75  LEU 75  508 508 LEU LEU A . n 
A 1 76  GLY 76  509 509 GLY GLY A . n 
A 1 77  CYS 77  510 510 CYS CYS A . n 
A 1 78  VAL 78  511 511 VAL VAL A . n 
A 1 79  ASP 79  512 512 ASP ASP A . n 
A 1 80  LEU 80  513 513 LEU LEU A . n 
A 1 81  ILE 81  514 514 ILE ILE A . n 
A 1 82  ASP 82  515 515 ASP ASP A . n 
A 1 83  CYS 83  516 516 CYS CYS A . n 
A 1 84  LEU 84  517 517 LEU LEU A . n 
A 1 85  SER 85  518 518 SER SER A . n 
A 1 86  GLN 86  519 519 GLN GLN A . n 
A 1 87  LYS 87  520 520 LYS LYS A . n 
A 1 88  GLN 88  521 521 GLN GLN A . n 
A 1 89  PHE 89  522 522 PHE PHE A . n 
A 1 90  LYS 90  523 523 LYS LYS A . n 
A 1 91  GLU 91  524 524 GLU GLU A . n 
A 1 92  GLN 92  525 525 GLN GLN A . n 
A 1 93  PHE 93  526 526 PHE PHE A . n 
A 1 94  PRO 94  527 527 PRO PRO A . n 
A 1 95  ASP 95  528 528 ASP ASP A . n 
A 1 96  ILE 96  529 529 ILE ILE A . n 
A 1 97  SER 97  530 530 SER SER A . n 
A 1 98  GLN 98  531 531 GLN GLN A . n 
A 1 99  GLU 99  532 532 GLU GLU A . n 
A 1 100 SER 100 533 533 SER SER A . n 
A 1 101 ASP 101 534 534 ASP ASP A . n 
A 1 102 SER 102 535 535 SER SER A . n 
A 1 103 PRO 103 536 536 PRO PRO A . n 
A 1 104 PHE 104 537 537 PHE PHE A . n 
A 1 105 VAL 105 538 538 VAL VAL A . n 
A 1 106 PHE 106 539 539 PHE PHE A . n 
A 1 107 ILE 107 540 540 ILE ILE A . n 
A 1 108 CYS 108 541 541 CYS CYS A . n 
A 1 109 LYS 109 542 542 LYS LYS A . n 
A 1 110 ASN 110 543 543 ASN ASN A . n 
A 1 111 PRO 111 544 544 PRO PRO A . n 
A 1 112 GLN 112 545 545 GLN GLN A . n 
A 1 113 GLU 113 546 546 GLU GLU A . n 
A 1 114 MET 114 547 547 MET MET A . n 
A 1 115 VAL 115 548 548 VAL VAL A . n 
A 1 116 VAL 116 549 549 VAL VAL A . n 
A 1 117 LYS 117 550 550 LYS LYS A . n 
A 1 118 PHE 118 551 551 PHE PHE A . n 
A 1 119 PRO 119 552 552 PRO PRO A . n 
A 1 120 ILE 120 553 553 ILE ILE A . n 
A 1 121 LYS 121 554 554 LYS LYS A . n 
A 1 122 GLY 122 555 555 GLY GLY A . n 
A 1 123 ASN 123 556 556 ASN ASN A . n 
A 1 124 PRO 124 557 557 PRO PRO A . n 
A 1 125 LYS 125 558 558 LYS LYS A . n 
A 1 126 ILE 126 559 559 ILE ILE A . n 
A 1 127 TRP 127 560 560 TRP TRP A . n 
A 1 128 LYS 128 561 561 LYS LYS A . n 
A 1 129 LEU 129 562 562 LEU LEU A . n 
A 1 130 ASP 130 563 563 ASP ASP A . n 
A 1 131 SER 131 564 564 SER SER A . n 
A 1 132 LYS 132 565 565 LYS LYS A . n 
A 1 133 ILE 133 566 566 ILE ILE A . n 
A 1 134 HIS 134 567 567 HIS HIS A . n 
A 1 135 GLN 135 568 568 GLN GLN A . n 
A 1 136 GLY 136 569 569 GLY GLY A . n 
A 1 137 ALA 137 570 570 ALA ALA A . n 
A 1 138 LYS 138 571 571 LYS LYS A . n 
A 1 139 LYS 139 572 572 LYS LYS A . n 
A 1 140 GLY 140 573 573 GLY GLY A . n 
A 1 141 LEU 141 574 574 LEU LEU A . n 
A 1 142 MET 142 575 575 MET MET A . n 
A 1 143 LYS 143 576 576 LYS LYS A . n 
A 1 144 GLN 144 577 577 GLN GLN A . n 
A 1 145 ASN 145 578 578 ASN ASN A . n 
A 1 146 LYS 146 579 579 LYS LYS A . n 
A 1 147 ALA 147 580 580 ALA ALA A . n 
A 1 148 VAL 148 581 ?   ?   ?   A . n 
# 
loop_
_pdbx_nonpoly_scheme.asym_id 
_pdbx_nonpoly_scheme.entity_id 
_pdbx_nonpoly_scheme.mon_id 
_pdbx_nonpoly_scheme.ndb_seq_num 
_pdbx_nonpoly_scheme.pdb_seq_num 
_pdbx_nonpoly_scheme.auth_seq_num 
_pdbx_nonpoly_scheme.pdb_mon_id 
_pdbx_nonpoly_scheme.auth_mon_id 
_pdbx_nonpoly_scheme.pdb_strand_id 
_pdbx_nonpoly_scheme.pdb_ins_code 
B 2 HOH 1  601 83 HOH HOH A . 
B 2 HOH 2  602 2  HOH HOH A . 
B 2 HOH 3  603 40 HOH HOH A . 
B 2 HOH 4  604 88 HOH HOH A . 
B 2 HOH 5  605 65 HOH HOH A . 
B 2 HOH 6  606 73 HOH HOH A . 
B 2 HOH 7  607 55 HOH HOH A . 
B 2 HOH 8  608 84 HOH HOH A . 
B 2 HOH 9  609 18 HOH HOH A . 
B 2 HOH 10 610 21 HOH HOH A . 
B 2 HOH 11 611 51 HOH HOH A . 
B 2 HOH 12 612 56 HOH HOH A . 
B 2 HOH 13 613 33 HOH HOH A . 
B 2 HOH 14 614 60 HOH HOH A . 
B 2 HOH 15 615 49 HOH HOH A . 
B 2 HOH 16 616 22 HOH HOH A . 
B 2 HOH 17 617 12 HOH HOH A . 
B 2 HOH 18 618 76 HOH HOH A . 
B 2 HOH 19 619 42 HOH HOH A . 
B 2 HOH 20 620 29 HOH HOH A . 
B 2 HOH 21 621 39 HOH HOH A . 
B 2 HOH 22 622 70 HOH HOH A . 
B 2 HOH 23 623 38 HOH HOH A . 
B 2 HOH 24 624 1  HOH HOH A . 
B 2 HOH 25 625 37 HOH HOH A . 
B 2 HOH 26 626 74 HOH HOH A . 
B 2 HOH 27 627 78 HOH HOH A . 
B 2 HOH 28 628 47 HOH HOH A . 
B 2 HOH 29 629 16 HOH HOH A . 
B 2 HOH 30 630 41 HOH HOH A . 
B 2 HOH 31 631 80 HOH HOH A . 
B 2 HOH 32 632 11 HOH HOH A . 
B 2 HOH 33 633 35 HOH HOH A . 
B 2 HOH 34 634 36 HOH HOH A . 
B 2 HOH 35 635 31 HOH HOH A . 
B 2 HOH 36 636 27 HOH HOH A . 
B 2 HOH 37 637 92 HOH HOH A . 
B 2 HOH 38 638 4  HOH HOH A . 
B 2 HOH 39 639 26 HOH HOH A . 
B 2 HOH 40 640 58 HOH HOH A . 
B 2 HOH 41 641 72 HOH HOH A . 
B 2 HOH 42 642 91 HOH HOH A . 
B 2 HOH 43 643 69 HOH HOH A . 
B 2 HOH 44 644 6  HOH HOH A . 
B 2 HOH 45 645 66 HOH HOH A . 
B 2 HOH 46 646 53 HOH HOH A . 
B 2 HOH 47 647 8  HOH HOH A . 
B 2 HOH 48 648 15 HOH HOH A . 
B 2 HOH 49 649 54 HOH HOH A . 
B 2 HOH 50 650 25 HOH HOH A . 
B 2 HOH 51 651 30 HOH HOH A . 
B 2 HOH 52 652 45 HOH HOH A . 
B 2 HOH 53 653 52 HOH HOH A . 
B 2 HOH 54 654 9  HOH HOH A . 
B 2 HOH 55 655 50 HOH HOH A . 
B 2 HOH 56 656 64 HOH HOH A . 
B 2 HOH 57 657 14 HOH HOH A . 
B 2 HOH 58 658 28 HOH HOH A . 
B 2 HOH 59 659 13 HOH HOH A . 
B 2 HOH 60 660 24 HOH HOH A . 
B 2 HOH 61 661 79 HOH HOH A . 
B 2 HOH 62 662 5  HOH HOH A . 
B 2 HOH 63 663 10 HOH HOH A . 
B 2 HOH 64 664 59 HOH HOH A . 
B 2 HOH 65 665 61 HOH HOH A . 
B 2 HOH 66 666 19 HOH HOH A . 
B 2 HOH 67 667 82 HOH HOH A . 
B 2 HOH 68 668 44 HOH HOH A . 
B 2 HOH 69 669 63 HOH HOH A . 
B 2 HOH 70 670 17 HOH HOH A . 
B 2 HOH 71 671 32 HOH HOH A . 
B 2 HOH 72 672 43 HOH HOH A . 
B 2 HOH 73 673 57 HOH HOH A . 
B 2 HOH 74 674 86 HOH HOH A . 
B 2 HOH 75 675 77 HOH HOH A . 
B 2 HOH 76 676 93 HOH HOH A . 
B 2 HOH 77 677 34 HOH HOH A . 
B 2 HOH 78 678 23 HOH HOH A . 
B 2 HOH 79 679 75 HOH HOH A . 
B 2 HOH 80 680 87 HOH HOH A . 
B 2 HOH 81 681 20 HOH HOH A . 
B 2 HOH 82 682 68 HOH HOH A . 
B 2 HOH 83 683 85 HOH HOH A . 
B 2 HOH 84 684 71 HOH HOH A . 
B 2 HOH 85 685 89 HOH HOH A . 
B 2 HOH 86 686 46 HOH HOH A . 
B 2 HOH 87 687 67 HOH HOH A . 
B 2 HOH 88 688 90 HOH HOH A . 
B 2 HOH 89 689 7  HOH HOH A . 
B 2 HOH 90 690 62 HOH HOH A . 
B 2 HOH 91 691 81 HOH HOH A . 
# 
loop_
_software.citation_id 
_software.classification 
_software.compiler_name 
_software.compiler_version 
_software.contact_author 
_software.contact_author_email 
_software.date 
_software.description 
_software.dependencies 
_software.hardware 
_software.language 
_software.location 
_software.mods 
_software.name 
_software.os 
_software.os_version 
_software.type 
_software.version 
_software.pdbx_ordinal 
? refinement     ? ? ? ? ? ? ? ? ? ? ? PHENIX ? ? ? '(1.20.1_4487: ???)' 1 
? 'data scaling' ? ? ? ? ? ? ? ? ? ? ? XDS    ? ? ? .                    2 
? phasing        ? ? ? ? ? ? ? ? ? ? ? PHENIX ? ? ? .                    3 
# 
_cell.angle_alpha                  90.00 
_cell.angle_alpha_esd              ? 
_cell.angle_beta                   90.00 
_cell.angle_beta_esd               ? 
_cell.angle_gamma                  90.00 
_cell.angle_gamma_esd              ? 
_cell.entry_id                     8YEW 
_cell.details                      ? 
_cell.formula_units_Z              ? 
_cell.length_a                     29.387 
_cell.length_a_esd                 ? 
_cell.length_b                     67.487 
_cell.length_b_esd                 ? 
_cell.length_c                     73.012 
_cell.length_c_esd                 ? 
_cell.volume                       ? 
_cell.volume_esd                   ? 
_cell.Z_PDB                        4 
_cell.reciprocal_angle_alpha       ? 
_cell.reciprocal_angle_beta        ? 
_cell.reciprocal_angle_gamma       ? 
_cell.reciprocal_angle_alpha_esd   ? 
_cell.reciprocal_angle_beta_esd    ? 
_cell.reciprocal_angle_gamma_esd   ? 
_cell.reciprocal_length_a          ? 
_cell.reciprocal_length_b          ? 
_cell.reciprocal_length_c          ? 
_cell.reciprocal_length_a_esd      ? 
_cell.reciprocal_length_b_esd      ? 
_cell.reciprocal_length_c_esd      ? 
_cell.pdbx_unique_axis             ? 
_cell.pdbx_esd_method              ? 
# 
_symmetry.entry_id                         8YEW 
_symmetry.cell_setting                     ? 
_symmetry.Int_Tables_number                19 
_symmetry.space_group_name_Hall            ? 
_symmetry.space_group_name_H-M             'P 21 21 21' 
_symmetry.pdbx_full_space_group_name_H-M   ? 
# 
_exptl.absorpt_coefficient_mu     ? 
_exptl.absorpt_correction_T_max   ? 
_exptl.absorpt_correction_T_min   ? 
_exptl.absorpt_correction_type    ? 
_exptl.absorpt_process_details    ? 
_exptl.entry_id                   8YEW 
_exptl.crystals_number            1 
_exptl.details                    ? 
_exptl.method                     'X-RAY DIFFRACTION' 
_exptl.method_details             ? 
# 
_exptl_crystal.colour                       ? 
_exptl_crystal.density_diffrn               ? 
_exptl_crystal.density_Matthews             2.15 
_exptl_crystal.density_method               ? 
_exptl_crystal.density_percent_sol          42.83 
_exptl_crystal.description                  ? 
_exptl_crystal.F_000                        ? 
_exptl_crystal.id                           1 
_exptl_crystal.preparation                  ? 
_exptl_crystal.size_max                     ? 
_exptl_crystal.size_mid                     ? 
_exptl_crystal.size_min                     ? 
_exptl_crystal.size_rad                     ? 
_exptl_crystal.colour_lustre                ? 
_exptl_crystal.colour_modifier              ? 
_exptl_crystal.colour_primary               ? 
_exptl_crystal.density_meas                 ? 
_exptl_crystal.density_meas_esd             ? 
_exptl_crystal.density_meas_gt              ? 
_exptl_crystal.density_meas_lt              ? 
_exptl_crystal.density_meas_temp            ? 
_exptl_crystal.density_meas_temp_esd        ? 
_exptl_crystal.density_meas_temp_gt         ? 
_exptl_crystal.density_meas_temp_lt         ? 
_exptl_crystal.pdbx_crystal_image_url       ? 
_exptl_crystal.pdbx_crystal_image_format    ? 
_exptl_crystal.pdbx_mosaicity               ? 
_exptl_crystal.pdbx_mosaicity_esd           ? 
_exptl_crystal.pdbx_mosaic_method           ? 
_exptl_crystal.pdbx_mosaic_block_size       ? 
_exptl_crystal.pdbx_mosaic_block_size_esd   ? 
# 
_exptl_crystal_grow.apparatus       ? 
_exptl_crystal_grow.atmosphere      ? 
_exptl_crystal_grow.crystal_id      1 
_exptl_crystal_grow.details         ? 
_exptl_crystal_grow.method          'VAPOR DIFFUSION, HANGING DROP' 
_exptl_crystal_grow.method_ref      ? 
_exptl_crystal_grow.pH              ? 
_exptl_crystal_grow.pressure        ? 
_exptl_crystal_grow.pressure_esd    ? 
_exptl_crystal_grow.seeding         ? 
_exptl_crystal_grow.seeding_ref     ? 
_exptl_crystal_grow.temp_details    ? 
_exptl_crystal_grow.temp_esd        ? 
_exptl_crystal_grow.time            ? 
_exptl_crystal_grow.pdbx_details    '0.2 M Li2SO4, 0.1 M Tris HCl (pH 8.5), and 30% (w/v) polyethylene glycol (PEG) 4,000.' 
_exptl_crystal_grow.pdbx_pH_range   ? 
_exptl_crystal_grow.temp            289.15 
# 
_diffrn.ambient_environment              ? 
_diffrn.ambient_temp                     100 
_diffrn.ambient_temp_details             ? 
_diffrn.ambient_temp_esd                 ? 
_diffrn.crystal_id                       1 
_diffrn.crystal_support                  ? 
_diffrn.crystal_treatment                ? 
_diffrn.details                          ? 
_diffrn.id                               1 
_diffrn.ambient_pressure                 ? 
_diffrn.ambient_pressure_esd             ? 
_diffrn.ambient_pressure_gt              ? 
_diffrn.ambient_pressure_lt              ? 
_diffrn.ambient_temp_gt                  ? 
_diffrn.ambient_temp_lt                  ? 
_diffrn.pdbx_serial_crystal_experiment   N 
# 
_diffrn_detector.details                      ? 
_diffrn_detector.detector                     PIXEL 
_diffrn_detector.diffrn_id                    1 
_diffrn_detector.type                         'DECTRIS EIGER2 S 9M' 
_diffrn_detector.area_resol_mean              ? 
_diffrn_detector.dtime                        ? 
_diffrn_detector.pdbx_frames_total            ? 
_diffrn_detector.pdbx_collection_time_total   ? 
_diffrn_detector.pdbx_collection_date         2023-04-17 
_diffrn_detector.pdbx_frequency               ? 
_diffrn_detector.id                           ? 
_diffrn_detector.number_of_axes               ? 
# 
_diffrn_radiation.collimation                      ? 
_diffrn_radiation.diffrn_id                        1 
_diffrn_radiation.filter_edge                      ? 
_diffrn_radiation.inhomogeneity                    ? 
_diffrn_radiation.monochromator                    ? 
_diffrn_radiation.polarisn_norm                    ? 
_diffrn_radiation.polarisn_ratio                   ? 
_diffrn_radiation.probe                            ? 
_diffrn_radiation.type                             ? 
_diffrn_radiation.xray_symbol                      ? 
_diffrn_radiation.wavelength_id                    1 
_diffrn_radiation.pdbx_monochromatic_or_laue_m_l   M 
_diffrn_radiation.pdbx_wavelength_list             ? 
_diffrn_radiation.pdbx_wavelength                  ? 
_diffrn_radiation.pdbx_diffrn_protocol             'SINGLE WAVELENGTH' 
_diffrn_radiation.pdbx_analyzer                    ? 
_diffrn_radiation.pdbx_scattering_type             x-ray 
# 
_diffrn_radiation_wavelength.id           1 
_diffrn_radiation_wavelength.wavelength   0.9792 
_diffrn_radiation_wavelength.wt           1.0 
# 
_diffrn_source.current                     ? 
_diffrn_source.details                     ? 
_diffrn_source.diffrn_id                   1 
_diffrn_source.power                       ? 
_diffrn_source.size                        ? 
_diffrn_source.source                      SYNCHROTRON 
_diffrn_source.target                      ? 
_diffrn_source.type                        'SSRF BEAMLINE BL02U1' 
_diffrn_source.voltage                     ? 
_diffrn_source.take-off_angle              ? 
_diffrn_source.pdbx_wavelength_list        0.9792 
_diffrn_source.pdbx_wavelength             ? 
_diffrn_source.pdbx_synchrotron_beamline   BL02U1 
_diffrn_source.pdbx_synchrotron_site       SSRF 
# 
_reflns.B_iso_Wilson_estimate                          ? 
_reflns.entry_id                                       8YEW 
_reflns.data_reduction_details                         ? 
_reflns.data_reduction_method                          ? 
_reflns.d_resolution_high                              1.90 
_reflns.d_resolution_low                               49.56 
_reflns.details                                        ? 
_reflns.limit_h_max                                    ? 
_reflns.limit_h_min                                    ? 
_reflns.limit_k_max                                    ? 
_reflns.limit_k_min                                    ? 
_reflns.limit_l_max                                    ? 
_reflns.limit_l_min                                    ? 
_reflns.number_all                                     ? 
_reflns.number_obs                                     11259 
_reflns.observed_criterion                             ? 
_reflns.observed_criterion_F_max                       ? 
_reflns.observed_criterion_F_min                       ? 
_reflns.observed_criterion_I_max                       ? 
_reflns.observed_criterion_I_min                       ? 
_reflns.observed_criterion_sigma_F                     ? 
_reflns.observed_criterion_sigma_I                     ? 
_reflns.percent_possible_obs                           94.9 
_reflns.R_free_details                                 ? 
_reflns.Rmerge_F_all                                   ? 
_reflns.Rmerge_F_obs                                   ? 
_reflns.Friedel_coverage                               ? 
_reflns.number_gt                                      ? 
_reflns.threshold_expression                           ? 
_reflns.pdbx_redundancy                                2.9 
_reflns.pdbx_netI_over_av_sigmaI                       ? 
_reflns.pdbx_netI_over_sigmaI                          5.7 
_reflns.pdbx_res_netI_over_av_sigmaI_2                 ? 
_reflns.pdbx_res_netI_over_sigmaI_2                    ? 
_reflns.pdbx_chi_squared                               0.35 
_reflns.pdbx_scaling_rejects                           ? 
_reflns.pdbx_d_res_high_opt                            ? 
_reflns.pdbx_d_res_low_opt                             ? 
_reflns.pdbx_d_res_opt_method                          ? 
_reflns.phase_calculation_details                      ? 
_reflns.pdbx_Rrim_I_all                                0.147 
_reflns.pdbx_Rpim_I_all                                0.079 
_reflns.pdbx_d_opt                                     ? 
_reflns.pdbx_number_measured_all                       33045 
_reflns.pdbx_diffrn_id                                 1 
_reflns.pdbx_ordinal                                   1 
_reflns.pdbx_CC_half                                   0.992 
_reflns.pdbx_CC_star                                   ? 
_reflns.pdbx_R_split                                   ? 
_reflns.pdbx_Rmerge_I_obs                              0.123 
_reflns.pdbx_Rmerge_I_all                              ? 
_reflns.pdbx_Rsym_value                                ? 
_reflns.pdbx_CC_split_method                           ? 
_reflns.pdbx_aniso_diffraction_limit_axis_1_ortho[1]   ? 
_reflns.pdbx_aniso_diffraction_limit_axis_1_ortho[2]   ? 
_reflns.pdbx_aniso_diffraction_limit_axis_1_ortho[3]   ? 
_reflns.pdbx_aniso_diffraction_limit_axis_2_ortho[1]   ? 
_reflns.pdbx_aniso_diffraction_limit_axis_2_ortho[2]   ? 
_reflns.pdbx_aniso_diffraction_limit_axis_2_ortho[3]   ? 
_reflns.pdbx_aniso_diffraction_limit_axis_3_ortho[1]   ? 
_reflns.pdbx_aniso_diffraction_limit_axis_3_ortho[2]   ? 
_reflns.pdbx_aniso_diffraction_limit_axis_3_ortho[3]   ? 
_reflns.pdbx_aniso_diffraction_limit_1                 ? 
_reflns.pdbx_aniso_diffraction_limit_2                 ? 
_reflns.pdbx_aniso_diffraction_limit_3                 ? 
_reflns.pdbx_aniso_B_tensor_eigenvector_1_ortho[1]     ? 
_reflns.pdbx_aniso_B_tensor_eigenvector_1_ortho[2]     ? 
_reflns.pdbx_aniso_B_tensor_eigenvector_1_ortho[3]     ? 
_reflns.pdbx_aniso_B_tensor_eigenvector_2_ortho[1]     ? 
_reflns.pdbx_aniso_B_tensor_eigenvector_2_ortho[2]     ? 
_reflns.pdbx_aniso_B_tensor_eigenvector_2_ortho[3]     ? 
_reflns.pdbx_aniso_B_tensor_eigenvector_3_ortho[1]     ? 
_reflns.pdbx_aniso_B_tensor_eigenvector_3_ortho[2]     ? 
_reflns.pdbx_aniso_B_tensor_eigenvector_3_ortho[3]     ? 
_reflns.pdbx_aniso_B_tensor_eigenvalue_1               ? 
_reflns.pdbx_aniso_B_tensor_eigenvalue_2               ? 
_reflns.pdbx_aniso_B_tensor_eigenvalue_3               ? 
_reflns.pdbx_orthogonalization_convention              ? 
_reflns.pdbx_percent_possible_ellipsoidal              ? 
_reflns.pdbx_percent_possible_spherical                ? 
_reflns.pdbx_percent_possible_ellipsoidal_anomalous    ? 
_reflns.pdbx_percent_possible_spherical_anomalous      ? 
_reflns.pdbx_redundancy_anomalous                      ? 
_reflns.pdbx_CC_half_anomalous                         ? 
_reflns.pdbx_absDiff_over_sigma_anomalous              ? 
_reflns.pdbx_percent_possible_anomalous                ? 
_reflns.pdbx_observed_signal_threshold                 ? 
_reflns.pdbx_signal_type                               ? 
_reflns.pdbx_signal_details                            ? 
_reflns.pdbx_signal_software_id                        ? 
# 
_reflns_shell.d_res_high                                    1.90 
_reflns_shell.d_res_low                                     2.00 
_reflns_shell.meanI_over_sigI_all                           ? 
_reflns_shell.meanI_over_sigI_obs                           ? 
_reflns_shell.number_measured_all                           4942 
_reflns_shell.number_measured_obs                           ? 
_reflns_shell.number_possible                               ? 
_reflns_shell.number_unique_all                             ? 
_reflns_shell.number_unique_obs                             1656 
_reflns_shell.percent_possible_obs                          96.8 
_reflns_shell.Rmerge_F_all                                  ? 
_reflns_shell.Rmerge_F_obs                                  ? 
_reflns_shell.meanI_over_sigI_gt                            ? 
_reflns_shell.meanI_over_uI_all                             ? 
_reflns_shell.meanI_over_uI_gt                              ? 
_reflns_shell.number_measured_gt                            ? 
_reflns_shell.number_unique_gt                              ? 
_reflns_shell.percent_possible_gt                           ? 
_reflns_shell.Rmerge_F_gt                                   ? 
_reflns_shell.Rmerge_I_gt                                   ? 
_reflns_shell.pdbx_redundancy                               3.0 
_reflns_shell.pdbx_chi_squared                              0.29 
_reflns_shell.pdbx_netI_over_sigmaI_all                     ? 
_reflns_shell.pdbx_netI_over_sigmaI_obs                     2.6 
_reflns_shell.pdbx_Rrim_I_all                               0.649 
_reflns_shell.pdbx_Rpim_I_all                               0.344 
_reflns_shell.pdbx_rejects                                  ? 
_reflns_shell.pdbx_ordinal                                  1 
_reflns_shell.pdbx_diffrn_id                                1 
_reflns_shell.pdbx_CC_half                                  0.735 
_reflns_shell.pdbx_CC_star                                  ? 
_reflns_shell.pdbx_R_split                                  ? 
_reflns_shell.percent_possible_all                          ? 
_reflns_shell.Rmerge_I_all                                  ? 
_reflns_shell.Rmerge_I_obs                                  0.546 
_reflns_shell.pdbx_Rsym_value                               ? 
_reflns_shell.pdbx_percent_possible_ellipsoidal             ? 
_reflns_shell.pdbx_percent_possible_spherical               ? 
_reflns_shell.pdbx_percent_possible_ellipsoidal_anomalous   ? 
_reflns_shell.pdbx_percent_possible_spherical_anomalous     ? 
_reflns_shell.pdbx_redundancy_anomalous                     ? 
_reflns_shell.pdbx_CC_half_anomalous                        ? 
_reflns_shell.pdbx_absDiff_over_sigma_anomalous             ? 
_reflns_shell.pdbx_percent_possible_anomalous               ? 
# 
_refine.aniso_B[1][1]                            ? 
_refine.aniso_B[1][2]                            ? 
_refine.aniso_B[1][3]                            ? 
_refine.aniso_B[2][2]                            ? 
_refine.aniso_B[2][3]                            ? 
_refine.aniso_B[3][3]                            ? 
_refine.B_iso_max                                ? 
_refine.B_iso_mean                               ? 
_refine.B_iso_min                                ? 
_refine.correlation_coeff_Fo_to_Fc               ? 
_refine.correlation_coeff_Fo_to_Fc_free          ? 
_refine.details                                  ? 
_refine.diff_density_max                         ? 
_refine.diff_density_max_esd                     ? 
_refine.diff_density_min                         ? 
_refine.diff_density_min_esd                     ? 
_refine.diff_density_rms                         ? 
_refine.diff_density_rms_esd                     ? 
_refine.entry_id                                 8YEW 
_refine.pdbx_refine_id                           'X-RAY DIFFRACTION' 
_refine.ls_abs_structure_details                 ? 
_refine.ls_abs_structure_Flack                   ? 
_refine.ls_abs_structure_Flack_esd               ? 
_refine.ls_abs_structure_Rogers                  ? 
_refine.ls_abs_structure_Rogers_esd              ? 
_refine.ls_d_res_high                            1.90 
_refine.ls_d_res_low                             30.63 
_refine.ls_extinction_coef                       ? 
_refine.ls_extinction_coef_esd                   ? 
_refine.ls_extinction_expression                 ? 
_refine.ls_extinction_method                     ? 
_refine.ls_goodness_of_fit_all                   ? 
_refine.ls_goodness_of_fit_all_esd               ? 
_refine.ls_goodness_of_fit_obs                   ? 
_refine.ls_goodness_of_fit_obs_esd               ? 
_refine.ls_hydrogen_treatment                    ? 
_refine.ls_matrix_type                           ? 
_refine.ls_number_constraints                    ? 
_refine.ls_number_parameters                     ? 
_refine.ls_number_reflns_all                     ? 
_refine.ls_number_reflns_obs                     11230 
_refine.ls_number_reflns_R_free                  535 
_refine.ls_number_reflns_R_work                  ? 
_refine.ls_number_restraints                     ? 
_refine.ls_percent_reflns_obs                    93.51 
_refine.ls_percent_reflns_R_free                 4.76 
_refine.ls_R_factor_all                          ? 
_refine.ls_R_factor_obs                          0.2091 
_refine.ls_R_factor_R_free                       0.2539 
_refine.ls_R_factor_R_free_error                 ? 
_refine.ls_R_factor_R_free_error_details         ? 
_refine.ls_R_factor_R_work                       0.2069 
_refine.ls_R_Fsqd_factor_obs                     ? 
_refine.ls_R_I_factor_obs                        ? 
_refine.ls_redundancy_reflns_all                 ? 
_refine.ls_redundancy_reflns_obs                 ? 
_refine.ls_restrained_S_all                      ? 
_refine.ls_restrained_S_obs                      ? 
_refine.ls_shift_over_esd_max                    ? 
_refine.ls_shift_over_esd_mean                   ? 
_refine.ls_structure_factor_coef                 ? 
_refine.ls_weighting_details                     ? 
_refine.ls_weighting_scheme                      ? 
_refine.ls_wR_factor_all                         ? 
_refine.ls_wR_factor_obs                         ? 
_refine.ls_wR_factor_R_free                      ? 
_refine.ls_wR_factor_R_work                      ? 
_refine.occupancy_max                            ? 
_refine.occupancy_min                            ? 
_refine.solvent_model_details                    'FLAT BULK SOLVENT MODEL' 
_refine.solvent_model_param_bsol                 ? 
_refine.solvent_model_param_ksol                 ? 
_refine.pdbx_R_complete                          ? 
_refine.ls_R_factor_gt                           ? 
_refine.ls_goodness_of_fit_gt                    ? 
_refine.ls_goodness_of_fit_ref                   ? 
_refine.ls_shift_over_su_max                     ? 
_refine.ls_shift_over_su_max_lt                  ? 
_refine.ls_shift_over_su_mean                    ? 
_refine.ls_shift_over_su_mean_lt                 ? 
_refine.pdbx_ls_sigma_I                          ? 
_refine.pdbx_ls_sigma_F                          1.36 
_refine.pdbx_ls_sigma_Fsqd                       ? 
_refine.pdbx_data_cutoff_high_absF               ? 
_refine.pdbx_data_cutoff_high_rms_absF           ? 
_refine.pdbx_data_cutoff_low_absF                ? 
_refine.pdbx_isotropic_thermal_model             ? 
_refine.pdbx_ls_cross_valid_method               'FREE R-VALUE' 
_refine.pdbx_method_to_determine_struct          'MOLECULAR REPLACEMENT' 
_refine.pdbx_starting_model                      ? 
_refine.pdbx_stereochemistry_target_values       ML 
_refine.pdbx_R_Free_selection_details            ? 
_refine.pdbx_stereochem_target_val_spec_case     ? 
_refine.pdbx_overall_ESU_R                       ? 
_refine.pdbx_overall_ESU_R_Free                  ? 
_refine.pdbx_solvent_vdw_probe_radii             1.10 
_refine.pdbx_solvent_ion_probe_radii             ? 
_refine.pdbx_solvent_shrinkage_radii             0.90 
_refine.pdbx_real_space_R                        ? 
_refine.pdbx_density_correlation                 ? 
_refine.pdbx_pd_number_of_powder_patterns        ? 
_refine.pdbx_pd_number_of_points                 ? 
_refine.pdbx_pd_meas_number_of_points            ? 
_refine.pdbx_pd_proc_ls_prof_R_factor            ? 
_refine.pdbx_pd_proc_ls_prof_wR_factor           ? 
_refine.pdbx_pd_Marquardt_correlation_coeff      ? 
_refine.pdbx_pd_Fsqrd_R_factor                   ? 
_refine.pdbx_pd_ls_matrix_band_width             ? 
_refine.pdbx_overall_phase_error                 25.31 
_refine.pdbx_overall_SU_R_free_Cruickshank_DPI   ? 
_refine.pdbx_overall_SU_R_free_Blow_DPI          ? 
_refine.pdbx_overall_SU_R_Blow_DPI               ? 
_refine.pdbx_TLS_residual_ADP_flag               ? 
_refine.pdbx_diffrn_id                           1 
_refine.overall_SU_B                             ? 
_refine.overall_SU_ML                            0.26 
_refine.overall_SU_R_Cruickshank_DPI             ? 
_refine.overall_SU_R_free                        ? 
_refine.overall_FOM_free_R_set                   ? 
_refine.overall_FOM_work_R_set                   ? 
_refine.pdbx_average_fsc_overall                 ? 
_refine.pdbx_average_fsc_work                    ? 
_refine.pdbx_average_fsc_free                    ? 
# 
_refine_hist.pdbx_refine_id                   'X-RAY DIFFRACTION' 
_refine_hist.cycle_id                         LAST 
_refine_hist.details                          ? 
_refine_hist.d_res_high                       1.90 
_refine_hist.d_res_low                        30.63 
_refine_hist.number_atoms_solvent             91 
_refine_hist.number_atoms_total               1273 
_refine_hist.number_reflns_all                ? 
_refine_hist.number_reflns_obs                ? 
_refine_hist.number_reflns_R_free             ? 
_refine_hist.number_reflns_R_work             ? 
_refine_hist.R_factor_all                     ? 
_refine_hist.R_factor_obs                     ? 
_refine_hist.R_factor_R_free                  ? 
_refine_hist.R_factor_R_work                  ? 
_refine_hist.pdbx_number_residues_total       ? 
_refine_hist.pdbx_B_iso_mean_ligand           ? 
_refine_hist.pdbx_B_iso_mean_solvent          ? 
_refine_hist.pdbx_number_atoms_protein        1182 
_refine_hist.pdbx_number_atoms_nucleic_acid   0 
_refine_hist.pdbx_number_atoms_ligand         0 
_refine_hist.pdbx_number_atoms_lipid          ? 
_refine_hist.pdbx_number_atoms_carb           ? 
_refine_hist.pdbx_pseudo_atom_details         ? 
# 
loop_
_refine_ls_restr.pdbx_refine_id 
_refine_ls_restr.criterion 
_refine_ls_restr.dev_ideal 
_refine_ls_restr.dev_ideal_target 
_refine_ls_restr.number 
_refine_ls_restr.rejects 
_refine_ls_restr.type 
_refine_ls_restr.weight 
_refine_ls_restr.pdbx_restraint_function 
'X-RAY DIFFRACTION' ? 0.008  ? 1214 ? f_bond_d           ? ? 
'X-RAY DIFFRACTION' ? 0.901  ? 1639 ? f_angle_d          ? ? 
'X-RAY DIFFRACTION' ? 13.559 ? 465  ? f_dihedral_angle_d ? ? 
'X-RAY DIFFRACTION' ? 0.052  ? 171  ? f_chiral_restr     ? ? 
'X-RAY DIFFRACTION' ? 0.008  ? 209  ? f_plane_restr      ? ? 
# 
loop_
_refine_ls_shell.pdbx_refine_id 
_refine_ls_shell.d_res_high 
_refine_ls_shell.d_res_low 
_refine_ls_shell.number_reflns_all 
_refine_ls_shell.number_reflns_obs 
_refine_ls_shell.number_reflns_R_free 
_refine_ls_shell.number_reflns_R_work 
_refine_ls_shell.percent_reflns_obs 
_refine_ls_shell.percent_reflns_R_free 
_refine_ls_shell.R_factor_all 
_refine_ls_shell.R_factor_obs 
_refine_ls_shell.R_factor_R_free_error 
_refine_ls_shell.R_factor_R_work 
_refine_ls_shell.redundancy_reflns_all 
_refine_ls_shell.redundancy_reflns_obs 
_refine_ls_shell.wR_factor_all 
_refine_ls_shell.wR_factor_obs 
_refine_ls_shell.wR_factor_R_free 
_refine_ls_shell.wR_factor_R_work 
_refine_ls_shell.pdbx_R_complete 
_refine_ls_shell.pdbx_total_number_of_bins_used 
_refine_ls_shell.pdbx_phase_error 
_refine_ls_shell.pdbx_fsc_work 
_refine_ls_shell.pdbx_fsc_free 
_refine_ls_shell.R_factor_R_free 
'X-RAY DIFFRACTION' 1.90 2.09 . . 121 2715 96.00 . . . . 0.2325 . . . . . . . . . . . 0.3101 
'X-RAY DIFFRACTION' 2.09 2.39 . . 136 2665 96.00 . . . . 0.2156 . . . . . . . . . . . 0.2915 
'X-RAY DIFFRACTION' 2.39 3.02 . . 147 2668 94.00 . . . . 0.2190 . . . . . . . . . . . 0.2930 
'X-RAY DIFFRACTION' 3.02 30.6 . . 131 2647 89.00 . . . . 0.1905 . . . . . . . . . . . 0.2078 
# 
_struct.entry_id                     8YEW 
_struct.title                        'TRIP4 ASCH domain in unliganded form' 
_struct.pdbx_model_details           ? 
_struct.pdbx_formula_weight          ? 
_struct.pdbx_formula_weight_method   ? 
_struct.pdbx_model_type_details      ? 
_struct.pdbx_CASP_flag               N 
# 
_struct_keywords.entry_id        8YEW 
_struct_keywords.text            'ASCH Domain, Complex, DNA BINDING PROTEIN' 
_struct_keywords.pdbx_keywords   'DNA BINDING PROTEIN' 
# 
loop_
_struct_asym.id 
_struct_asym.pdbx_blank_PDB_chainid_flag 
_struct_asym.pdbx_modified 
_struct_asym.entity_id 
_struct_asym.details 
A N N 1 ? 
B N N 2 ? 
# 
_struct_ref.id                         1 
_struct_ref.db_name                    UNP 
_struct_ref.db_code                    TRIP4_HUMAN 
_struct_ref.pdbx_db_accession          Q15650 
_struct_ref.pdbx_db_isoform            ? 
_struct_ref.entity_id                  1 
_struct_ref.pdbx_seq_one_letter_code   
;WCLSVHQPWASLLVRGIKRVEGRSWYTPHRGRLWIAATAKKPSPQEVSELQATYRLLRGKDVEFPNDYPSGCLLGCVDLI
DCLSQKQFKEQFPDISQESDSPFVFICKNPQEMVVKFPIKGNPKIWKLDSKIHQGAKKGLMKQNKAV
;
_struct_ref.pdbx_align_begin           435 
# 
_struct_ref_seq.align_id                      1 
_struct_ref_seq.ref_id                        1 
_struct_ref_seq.pdbx_PDB_id_code              8YEW 
_struct_ref_seq.pdbx_strand_id                A 
_struct_ref_seq.seq_align_beg                 2 
_struct_ref_seq.pdbx_seq_align_beg_ins_code   ? 
_struct_ref_seq.seq_align_end                 148 
_struct_ref_seq.pdbx_seq_align_end_ins_code   ? 
_struct_ref_seq.pdbx_db_accession             Q15650 
_struct_ref_seq.db_align_beg                  435 
_struct_ref_seq.pdbx_db_align_beg_ins_code    ? 
_struct_ref_seq.db_align_end                  581 
_struct_ref_seq.pdbx_db_align_end_ins_code    ? 
_struct_ref_seq.pdbx_auth_seq_align_beg       435 
_struct_ref_seq.pdbx_auth_seq_align_end       581 
# 
_struct_ref_seq_dif.align_id                     1 
_struct_ref_seq_dif.pdbx_pdb_id_code             8YEW 
_struct_ref_seq_dif.mon_id                       SER 
_struct_ref_seq_dif.pdbx_pdb_strand_id           A 
_struct_ref_seq_dif.seq_num                      1 
_struct_ref_seq_dif.pdbx_pdb_ins_code            ? 
_struct_ref_seq_dif.pdbx_seq_db_name             UNP 
_struct_ref_seq_dif.pdbx_seq_db_accession_code   Q15650 
_struct_ref_seq_dif.db_mon_id                    ? 
_struct_ref_seq_dif.pdbx_seq_db_seq_num          ? 
_struct_ref_seq_dif.details                      'expression tag' 
_struct_ref_seq_dif.pdbx_auth_seq_num            434 
_struct_ref_seq_dif.pdbx_ordinal                 1 
# 
_pdbx_struct_assembly.id                   1 
_pdbx_struct_assembly.details              author_and_software_defined_assembly 
_pdbx_struct_assembly.method_details       ? 
_pdbx_struct_assembly.oligomeric_details   monomeric 
_pdbx_struct_assembly.oligomeric_count     1 
# 
_pdbx_struct_assembly_gen.assembly_id       1 
_pdbx_struct_assembly_gen.oper_expression   1 
_pdbx_struct_assembly_gen.asym_id_list      A,B 
# 
_pdbx_struct_assembly_auth_evidence.id                     1 
_pdbx_struct_assembly_auth_evidence.assembly_id            1 
_pdbx_struct_assembly_auth_evidence.experimental_support   'gel filtration' 
_pdbx_struct_assembly_auth_evidence.details                ? 
# 
_pdbx_struct_oper_list.id                   1 
_pdbx_struct_oper_list.type                 'identity operation' 
_pdbx_struct_oper_list.name                 1_555 
_pdbx_struct_oper_list.symmetry_operation   x,y,z 
_pdbx_struct_oper_list.matrix[1][1]         1.0 
_pdbx_struct_oper_list.matrix[1][2]         0.0 
_pdbx_struct_oper_list.matrix[1][3]         0.0 
_pdbx_struct_oper_list.vector[1]            0.0 
_pdbx_struct_oper_list.matrix[2][1]         0.0 
_pdbx_struct_oper_list.matrix[2][2]         1.0 
_pdbx_struct_oper_list.matrix[2][3]         0.0 
_pdbx_struct_oper_list.vector[2]            0.0 
_pdbx_struct_oper_list.matrix[3][1]         0.0 
_pdbx_struct_oper_list.matrix[3][2]         0.0 
_pdbx_struct_oper_list.matrix[3][3]         1.0 
_pdbx_struct_oper_list.vector[3]            0.0 
# 
loop_
_struct_conf.conf_type_id 
_struct_conf.id 
_struct_conf.pdbx_PDB_helix_id 
_struct_conf.beg_label_comp_id 
_struct_conf.beg_label_asym_id 
_struct_conf.beg_label_seq_id 
_struct_conf.pdbx_beg_PDB_ins_code 
_struct_conf.end_label_comp_id 
_struct_conf.end_label_asym_id 
_struct_conf.end_label_seq_id 
_struct_conf.pdbx_end_PDB_ins_code 
_struct_conf.beg_auth_comp_id 
_struct_conf.beg_auth_asym_id 
_struct_conf.beg_auth_seq_id 
_struct_conf.end_auth_comp_id 
_struct_conf.end_auth_asym_id 
_struct_conf.end_auth_seq_id 
_struct_conf.pdbx_PDB_helix_class 
_struct_conf.details 
_struct_conf.pdbx_PDB_helix_length 
HELX_P HELX_P1 AA1 PRO A 9   ? ARG A 16  ? PRO A 442 ARG A 449 1 ? 8  
HELX_P HELX_P2 AA2 SER A 44  ? GLY A 60  ? SER A 477 GLY A 493 1 ? 17 
HELX_P HELX_P3 AA3 GLN A 86  ? PHE A 93  ? GLN A 519 PHE A 526 1 ? 8  
HELX_P HELX_P4 AA4 ILE A 96  ? SER A 100 ? ILE A 529 SER A 533 5 ? 5  
HELX_P HELX_P5 AA5 ASP A 130 ? GLY A 140 ? ASP A 563 GLY A 573 1 ? 11 
HELX_P HELX_P6 AA6 LEU A 141 ? LYS A 146 ? LEU A 574 LYS A 579 5 ? 6  
# 
_struct_conf_type.id          HELX_P 
_struct_conf_type.criteria    ? 
_struct_conf_type.reference   ? 
# 
_struct_mon_prot_cis.pdbx_id                1 
_struct_mon_prot_cis.label_comp_id          GLN 
_struct_mon_prot_cis.label_seq_id           8 
_struct_mon_prot_cis.label_asym_id          A 
_struct_mon_prot_cis.label_alt_id           . 
_struct_mon_prot_cis.pdbx_PDB_ins_code      ? 
_struct_mon_prot_cis.auth_comp_id           GLN 
_struct_mon_prot_cis.auth_seq_id            441 
_struct_mon_prot_cis.auth_asym_id           A 
_struct_mon_prot_cis.pdbx_label_comp_id_2   PRO 
_struct_mon_prot_cis.pdbx_label_seq_id_2    9 
_struct_mon_prot_cis.pdbx_label_asym_id_2   A 
_struct_mon_prot_cis.pdbx_PDB_ins_code_2    ? 
_struct_mon_prot_cis.pdbx_auth_comp_id_2    PRO 
_struct_mon_prot_cis.pdbx_auth_seq_id_2     442 
_struct_mon_prot_cis.pdbx_auth_asym_id_2    A 
_struct_mon_prot_cis.pdbx_PDB_model_num     1 
_struct_mon_prot_cis.pdbx_omega_angle       5.04 
# 
_struct_sheet.id               AA1 
_struct_sheet.type             ? 
_struct_sheet.number_strands   6 
_struct_sheet.details          ? 
# 
loop_
_struct_sheet_order.sheet_id 
_struct_sheet_order.range_id_1 
_struct_sheet_order.range_id_2 
_struct_sheet_order.offset 
_struct_sheet_order.sense 
AA1 1 2 ? anti-parallel 
AA1 2 3 ? anti-parallel 
AA1 3 4 ? anti-parallel 
AA1 4 5 ? parallel      
AA1 5 6 ? anti-parallel 
# 
loop_
_struct_sheet_range.sheet_id 
_struct_sheet_range.id 
_struct_sheet_range.beg_label_comp_id 
_struct_sheet_range.beg_label_asym_id 
_struct_sheet_range.beg_label_seq_id 
_struct_sheet_range.pdbx_beg_PDB_ins_code 
_struct_sheet_range.end_label_comp_id 
_struct_sheet_range.end_label_asym_id 
_struct_sheet_range.end_label_seq_id 
_struct_sheet_range.pdbx_end_PDB_ins_code 
_struct_sheet_range.beg_auth_comp_id 
_struct_sheet_range.beg_auth_asym_id 
_struct_sheet_range.beg_auth_seq_id 
_struct_sheet_range.end_auth_comp_id 
_struct_sheet_range.end_auth_asym_id 
_struct_sheet_range.end_auth_seq_id 
AA1 1 VAL A 21  ? ARG A 24  ? VAL A 454 ARG A 457 
AA1 2 PHE A 104 ? PRO A 119 ? PHE A 537 PRO A 552 
AA1 3 CYS A 73  ? SER A 85  ? CYS A 506 SER A 518 
AA1 4 GLY A 32  ? ALA A 38  ? GLY A 465 ALA A 471 
AA1 5 TRP A 2   ? VAL A 6   ? TRP A 435 VAL A 439 
AA1 6 ILE A 126 ? LYS A 128 ? ILE A 559 LYS A 561 
# 
loop_
_pdbx_struct_sheet_hbond.sheet_id 
_pdbx_struct_sheet_hbond.range_id_1 
_pdbx_struct_sheet_hbond.range_id_2 
_pdbx_struct_sheet_hbond.range_1_label_atom_id 
_pdbx_struct_sheet_hbond.range_1_label_comp_id 
_pdbx_struct_sheet_hbond.range_1_label_asym_id 
_pdbx_struct_sheet_hbond.range_1_label_seq_id 
_pdbx_struct_sheet_hbond.range_1_PDB_ins_code 
_pdbx_struct_sheet_hbond.range_1_auth_atom_id 
_pdbx_struct_sheet_hbond.range_1_auth_comp_id 
_pdbx_struct_sheet_hbond.range_1_auth_asym_id 
_pdbx_struct_sheet_hbond.range_1_auth_seq_id 
_pdbx_struct_sheet_hbond.range_2_label_atom_id 
_pdbx_struct_sheet_hbond.range_2_label_comp_id 
_pdbx_struct_sheet_hbond.range_2_label_asym_id 
_pdbx_struct_sheet_hbond.range_2_label_seq_id 
_pdbx_struct_sheet_hbond.range_2_PDB_ins_code 
_pdbx_struct_sheet_hbond.range_2_auth_atom_id 
_pdbx_struct_sheet_hbond.range_2_auth_comp_id 
_pdbx_struct_sheet_hbond.range_2_auth_asym_id 
_pdbx_struct_sheet_hbond.range_2_auth_seq_id 
AA1 1 2 N GLU A 22  ? N GLU A 455 O PHE A 106 ? O PHE A 539 
AA1 2 3 O ILE A 107 ? O ILE A 540 N ASP A 82  ? N ASP A 515 
AA1 3 4 O GLY A 76  ? O GLY A 509 N ILE A 36  ? N ILE A 469 
AA1 4 5 O TRP A 35  ? O TRP A 468 N TRP A 2   ? N TRP A 435 
AA1 5 6 N CYS A 3   ? N CYS A 436 O TRP A 127 ? O TRP A 560 
# 
_pdbx_validate_symm_contact.id                1 
_pdbx_validate_symm_contact.PDB_model_num     1 
_pdbx_validate_symm_contact.auth_atom_id_1    O 
_pdbx_validate_symm_contact.auth_asym_id_1    A 
_pdbx_validate_symm_contact.auth_comp_id_1    HOH 
_pdbx_validate_symm_contact.auth_seq_id_1     668 
_pdbx_validate_symm_contact.PDB_ins_code_1    ? 
_pdbx_validate_symm_contact.label_alt_id_1    ? 
_pdbx_validate_symm_contact.site_symmetry_1   1_555 
_pdbx_validate_symm_contact.auth_atom_id_2    O 
_pdbx_validate_symm_contact.auth_asym_id_2    A 
_pdbx_validate_symm_contact.auth_comp_id_2    HOH 
_pdbx_validate_symm_contact.auth_seq_id_2     682 
_pdbx_validate_symm_contact.PDB_ins_code_2    ? 
_pdbx_validate_symm_contact.label_alt_id_2    ? 
_pdbx_validate_symm_contact.site_symmetry_2   1_655 
_pdbx_validate_symm_contact.dist              2.15 
# 
_pdbx_validate_torsion.id              1 
_pdbx_validate_torsion.PDB_model_num   1 
_pdbx_validate_torsion.auth_comp_id    LYS 
_pdbx_validate_torsion.auth_asym_id    A 
_pdbx_validate_torsion.auth_seq_id     558 
_pdbx_validate_torsion.PDB_ins_code    ? 
_pdbx_validate_torsion.label_alt_id    ? 
_pdbx_validate_torsion.phi             57.88 
_pdbx_validate_torsion.psi             -139.99 
# 
_pdbx_distant_solvent_atoms.id                                1 
_pdbx_distant_solvent_atoms.PDB_model_num                     1 
_pdbx_distant_solvent_atoms.auth_atom_id                      O 
_pdbx_distant_solvent_atoms.label_alt_id                      ? 
_pdbx_distant_solvent_atoms.auth_asym_id                      A 
_pdbx_distant_solvent_atoms.auth_comp_id                      HOH 
_pdbx_distant_solvent_atoms.auth_seq_id                       691 
_pdbx_distant_solvent_atoms.PDB_ins_code                      ? 
_pdbx_distant_solvent_atoms.neighbor_macromolecule_distance   6.80 
_pdbx_distant_solvent_atoms.neighbor_ligand_distance          . 
# 
_pdbx_unobs_or_zero_occ_residues.id               1 
_pdbx_unobs_or_zero_occ_residues.PDB_model_num    1 
_pdbx_unobs_or_zero_occ_residues.polymer_flag     Y 
_pdbx_unobs_or_zero_occ_residues.occupancy_flag   1 
_pdbx_unobs_or_zero_occ_residues.auth_asym_id     A 
_pdbx_unobs_or_zero_occ_residues.auth_comp_id     VAL 
_pdbx_unobs_or_zero_occ_residues.auth_seq_id      581 
_pdbx_unobs_or_zero_occ_residues.PDB_ins_code     ? 
_pdbx_unobs_or_zero_occ_residues.label_asym_id    A 
_pdbx_unobs_or_zero_occ_residues.label_comp_id    VAL 
_pdbx_unobs_or_zero_occ_residues.label_seq_id     148 
# 
loop_
_chem_comp_atom.comp_id 
_chem_comp_atom.atom_id 
_chem_comp_atom.type_symbol 
_chem_comp_atom.pdbx_aromatic_flag 
_chem_comp_atom.pdbx_stereo_config 
_chem_comp_atom.pdbx_ordinal 
ALA N    N N N 1   
ALA CA   C N S 2   
ALA C    C N N 3   
ALA O    O N N 4   
ALA CB   C N N 5   
ALA OXT  O N N 6   
ALA H    H N N 7   
ALA H2   H N N 8   
ALA HA   H N N 9   
ALA HB1  H N N 10  
ALA HB2  H N N 11  
ALA HB3  H N N 12  
ALA HXT  H N N 13  
ARG N    N N N 14  
ARG CA   C N S 15  
ARG C    C N N 16  
ARG O    O N N 17  
ARG CB   C N N 18  
ARG CG   C N N 19  
ARG CD   C N N 20  
ARG NE   N N N 21  
ARG CZ   C N N 22  
ARG NH1  N N N 23  
ARG NH2  N N N 24  
ARG OXT  O N N 25  
ARG H    H N N 26  
ARG H2   H N N 27  
ARG HA   H N N 28  
ARG HB2  H N N 29  
ARG HB3  H N N 30  
ARG HG2  H N N 31  
ARG HG3  H N N 32  
ARG HD2  H N N 33  
ARG HD3  H N N 34  
ARG HE   H N N 35  
ARG HH11 H N N 36  
ARG HH12 H N N 37  
ARG HH21 H N N 38  
ARG HH22 H N N 39  
ARG HXT  H N N 40  
ASN N    N N N 41  
ASN CA   C N S 42  
ASN C    C N N 43  
ASN O    O N N 44  
ASN CB   C N N 45  
ASN CG   C N N 46  
ASN OD1  O N N 47  
ASN ND2  N N N 48  
ASN OXT  O N N 49  
ASN H    H N N 50  
ASN H2   H N N 51  
ASN HA   H N N 52  
ASN HB2  H N N 53  
ASN HB3  H N N 54  
ASN HD21 H N N 55  
ASN HD22 H N N 56  
ASN HXT  H N N 57  
ASP N    N N N 58  
ASP CA   C N S 59  
ASP C    C N N 60  
ASP O    O N N 61  
ASP CB   C N N 62  
ASP CG   C N N 63  
ASP OD1  O N N 64  
ASP OD2  O N N 65  
ASP OXT  O N N 66  
ASP H    H N N 67  
ASP H2   H N N 68  
ASP HA   H N N 69  
ASP HB2  H N N 70  
ASP HB3  H N N 71  
ASP HD2  H N N 72  
ASP HXT  H N N 73  
CYS N    N N N 74  
CYS CA   C N R 75  
CYS C    C N N 76  
CYS O    O N N 77  
CYS CB   C N N 78  
CYS SG   S N N 79  
CYS OXT  O N N 80  
CYS H    H N N 81  
CYS H2   H N N 82  
CYS HA   H N N 83  
CYS HB2  H N N 84  
CYS HB3  H N N 85  
CYS HG   H N N 86  
CYS HXT  H N N 87  
GLN N    N N N 88  
GLN CA   C N S 89  
GLN C    C N N 90  
GLN O    O N N 91  
GLN CB   C N N 92  
GLN CG   C N N 93  
GLN CD   C N N 94  
GLN OE1  O N N 95  
GLN NE2  N N N 96  
GLN OXT  O N N 97  
GLN H    H N N 98  
GLN H2   H N N 99  
GLN HA   H N N 100 
GLN HB2  H N N 101 
GLN HB3  H N N 102 
GLN HG2  H N N 103 
GLN HG3  H N N 104 
GLN HE21 H N N 105 
GLN HE22 H N N 106 
GLN HXT  H N N 107 
GLU N    N N N 108 
GLU CA   C N S 109 
GLU C    C N N 110 
GLU O    O N N 111 
GLU CB   C N N 112 
GLU CG   C N N 113 
GLU CD   C N N 114 
GLU OE1  O N N 115 
GLU OE2  O N N 116 
GLU OXT  O N N 117 
GLU H    H N N 118 
GLU H2   H N N 119 
GLU HA   H N N 120 
GLU HB2  H N N 121 
GLU HB3  H N N 122 
GLU HG2  H N N 123 
GLU HG3  H N N 124 
GLU HE2  H N N 125 
GLU HXT  H N N 126 
GLY N    N N N 127 
GLY CA   C N N 128 
GLY C    C N N 129 
GLY O    O N N 130 
GLY OXT  O N N 131 
GLY H    H N N 132 
GLY H2   H N N 133 
GLY HA2  H N N 134 
GLY HA3  H N N 135 
GLY HXT  H N N 136 
HIS N    N N N 137 
HIS CA   C N S 138 
HIS C    C N N 139 
HIS O    O N N 140 
HIS CB   C N N 141 
HIS CG   C Y N 142 
HIS ND1  N Y N 143 
HIS CD2  C Y N 144 
HIS CE1  C Y N 145 
HIS NE2  N Y N 146 
HIS OXT  O N N 147 
HIS H    H N N 148 
HIS H2   H N N 149 
HIS HA   H N N 150 
HIS HB2  H N N 151 
HIS HB3  H N N 152 
HIS HD1  H N N 153 
HIS HD2  H N N 154 
HIS HE1  H N N 155 
HIS HE2  H N N 156 
HIS HXT  H N N 157 
HOH O    O N N 158 
HOH H1   H N N 159 
HOH H2   H N N 160 
ILE N    N N N 161 
ILE CA   C N S 162 
ILE C    C N N 163 
ILE O    O N N 164 
ILE CB   C N S 165 
ILE CG1  C N N 166 
ILE CG2  C N N 167 
ILE CD1  C N N 168 
ILE OXT  O N N 169 
ILE H    H N N 170 
ILE H2   H N N 171 
ILE HA   H N N 172 
ILE HB   H N N 173 
ILE HG12 H N N 174 
ILE HG13 H N N 175 
ILE HG21 H N N 176 
ILE HG22 H N N 177 
ILE HG23 H N N 178 
ILE HD11 H N N 179 
ILE HD12 H N N 180 
ILE HD13 H N N 181 
ILE HXT  H N N 182 
LEU N    N N N 183 
LEU CA   C N S 184 
LEU C    C N N 185 
LEU O    O N N 186 
LEU CB   C N N 187 
LEU CG   C N N 188 
LEU CD1  C N N 189 
LEU CD2  C N N 190 
LEU OXT  O N N 191 
LEU H    H N N 192 
LEU H2   H N N 193 
LEU HA   H N N 194 
LEU HB2  H N N 195 
LEU HB3  H N N 196 
LEU HG   H N N 197 
LEU HD11 H N N 198 
LEU HD12 H N N 199 
LEU HD13 H N N 200 
LEU HD21 H N N 201 
LEU HD22 H N N 202 
LEU HD23 H N N 203 
LEU HXT  H N N 204 
LYS N    N N N 205 
LYS CA   C N S 206 
LYS C    C N N 207 
LYS O    O N N 208 
LYS CB   C N N 209 
LYS CG   C N N 210 
LYS CD   C N N 211 
LYS CE   C N N 212 
LYS NZ   N N N 213 
LYS OXT  O N N 214 
LYS H    H N N 215 
LYS H2   H N N 216 
LYS HA   H N N 217 
LYS HB2  H N N 218 
LYS HB3  H N N 219 
LYS HG2  H N N 220 
LYS HG3  H N N 221 
LYS HD2  H N N 222 
LYS HD3  H N N 223 
LYS HE2  H N N 224 
LYS HE3  H N N 225 
LYS HZ1  H N N 226 
LYS HZ2  H N N 227 
LYS HZ3  H N N 228 
LYS HXT  H N N 229 
MET N    N N N 230 
MET CA   C N S 231 
MET C    C N N 232 
MET O    O N N 233 
MET CB   C N N 234 
MET CG   C N N 235 
MET SD   S N N 236 
MET CE   C N N 237 
MET OXT  O N N 238 
MET H    H N N 239 
MET H2   H N N 240 
MET HA   H N N 241 
MET HB2  H N N 242 
MET HB3  H N N 243 
MET HG2  H N N 244 
MET HG3  H N N 245 
MET HE1  H N N 246 
MET HE2  H N N 247 
MET HE3  H N N 248 
MET HXT  H N N 249 
PHE N    N N N 250 
PHE CA   C N S 251 
PHE C    C N N 252 
PHE O    O N N 253 
PHE CB   C N N 254 
PHE CG   C Y N 255 
PHE CD1  C Y N 256 
PHE CD2  C Y N 257 
PHE CE1  C Y N 258 
PHE CE2  C Y N 259 
PHE CZ   C Y N 260 
PHE OXT  O N N 261 
PHE H    H N N 262 
PHE H2   H N N 263 
PHE HA   H N N 264 
PHE HB2  H N N 265 
PHE HB3  H N N 266 
PHE HD1  H N N 267 
PHE HD2  H N N 268 
PHE HE1  H N N 269 
PHE HE2  H N N 270 
PHE HZ   H N N 271 
PHE HXT  H N N 272 
PRO N    N N N 273 
PRO CA   C N S 274 
PRO C    C N N 275 
PRO O    O N N 276 
PRO CB   C N N 277 
PRO CG   C N N 278 
PRO CD   C N N 279 
PRO OXT  O N N 280 
PRO H    H N N 281 
PRO HA   H N N 282 
PRO HB2  H N N 283 
PRO HB3  H N N 284 
PRO HG2  H N N 285 
PRO HG3  H N N 286 
PRO HD2  H N N 287 
PRO HD3  H N N 288 
PRO HXT  H N N 289 
SER N    N N N 290 
SER CA   C N S 291 
SER C    C N N 292 
SER O    O N N 293 
SER CB   C N N 294 
SER OG   O N N 295 
SER OXT  O N N 296 
SER H    H N N 297 
SER H2   H N N 298 
SER HA   H N N 299 
SER HB2  H N N 300 
SER HB3  H N N 301 
SER HG   H N N 302 
SER HXT  H N N 303 
THR N    N N N 304 
THR CA   C N S 305 
THR C    C N N 306 
THR O    O N N 307 
THR CB   C N R 308 
THR OG1  O N N 309 
THR CG2  C N N 310 
THR OXT  O N N 311 
THR H    H N N 312 
THR H2   H N N 313 
THR HA   H N N 314 
THR HB   H N N 315 
THR HG1  H N N 316 
THR HG21 H N N 317 
THR HG22 H N N 318 
THR HG23 H N N 319 
THR HXT  H N N 320 
TRP N    N N N 321 
TRP CA   C N S 322 
TRP C    C N N 323 
TRP O    O N N 324 
TRP CB   C N N 325 
TRP CG   C Y N 326 
TRP CD1  C Y N 327 
TRP CD2  C Y N 328 
TRP NE1  N Y N 329 
TRP CE2  C Y N 330 
TRP CE3  C Y N 331 
TRP CZ2  C Y N 332 
TRP CZ3  C Y N 333 
TRP CH2  C Y N 334 
TRP OXT  O N N 335 
TRP H    H N N 336 
TRP H2   H N N 337 
TRP HA   H N N 338 
TRP HB2  H N N 339 
TRP HB3  H N N 340 
TRP HD1  H N N 341 
TRP HE1  H N N 342 
TRP HE3  H N N 343 
TRP HZ2  H N N 344 
TRP HZ3  H N N 345 
TRP HH2  H N N 346 
TRP HXT  H N N 347 
TYR N    N N N 348 
TYR CA   C N S 349 
TYR C    C N N 350 
TYR O    O N N 351 
TYR CB   C N N 352 
TYR CG   C Y N 353 
TYR CD1  C Y N 354 
TYR CD2  C Y N 355 
TYR CE1  C Y N 356 
TYR CE2  C Y N 357 
TYR CZ   C Y N 358 
TYR OH   O N N 359 
TYR OXT  O N N 360 
TYR H    H N N 361 
TYR H2   H N N 362 
TYR HA   H N N 363 
TYR HB2  H N N 364 
TYR HB3  H N N 365 
TYR HD1  H N N 366 
TYR HD2  H N N 367 
TYR HE1  H N N 368 
TYR HE2  H N N 369 
TYR HH   H N N 370 
TYR HXT  H N N 371 
VAL N    N N N 372 
VAL CA   C N S 373 
VAL C    C N N 374 
VAL O    O N N 375 
VAL CB   C N N 376 
VAL CG1  C N N 377 
VAL CG2  C N N 378 
VAL OXT  O N N 379 
VAL H    H N N 380 
VAL H2   H N N 381 
VAL HA   H N N 382 
VAL HB   H N N 383 
VAL HG11 H N N 384 
VAL HG12 H N N 385 
VAL HG13 H N N 386 
VAL HG21 H N N 387 
VAL HG22 H N N 388 
VAL HG23 H N N 389 
VAL HXT  H N N 390 
# 
loop_
_chem_comp_bond.comp_id 
_chem_comp_bond.atom_id_1 
_chem_comp_bond.atom_id_2 
_chem_comp_bond.value_order 
_chem_comp_bond.pdbx_aromatic_flag 
_chem_comp_bond.pdbx_stereo_config 
_chem_comp_bond.pdbx_ordinal 
ALA N   CA   sing N N 1   
ALA N   H    sing N N 2   
ALA N   H2   sing N N 3   
ALA CA  C    sing N N 4   
ALA CA  CB   sing N N 5   
ALA CA  HA   sing N N 6   
ALA C   O    doub N N 7   
ALA C   OXT  sing N N 8   
ALA CB  HB1  sing N N 9   
ALA CB  HB2  sing N N 10  
ALA CB  HB3  sing N N 11  
ALA OXT HXT  sing N N 12  
ARG N   CA   sing N N 13  
ARG N   H    sing N N 14  
ARG N   H2   sing N N 15  
ARG CA  C    sing N N 16  
ARG CA  CB   sing N N 17  
ARG CA  HA   sing N N 18  
ARG C   O    doub N N 19  
ARG C   OXT  sing N N 20  
ARG CB  CG   sing N N 21  
ARG CB  HB2  sing N N 22  
ARG CB  HB3  sing N N 23  
ARG CG  CD   sing N N 24  
ARG CG  HG2  sing N N 25  
ARG CG  HG3  sing N N 26  
ARG CD  NE   sing N N 27  
ARG CD  HD2  sing N N 28  
ARG CD  HD3  sing N N 29  
ARG NE  CZ   sing N N 30  
ARG NE  HE   sing N N 31  
ARG CZ  NH1  sing N N 32  
ARG CZ  NH2  doub N N 33  
ARG NH1 HH11 sing N N 34  
ARG NH1 HH12 sing N N 35  
ARG NH2 HH21 sing N N 36  
ARG NH2 HH22 sing N N 37  
ARG OXT HXT  sing N N 38  
ASN N   CA   sing N N 39  
ASN N   H    sing N N 40  
ASN N   H2   sing N N 41  
ASN CA  C    sing N N 42  
ASN CA  CB   sing N N 43  
ASN CA  HA   sing N N 44  
ASN C   O    doub N N 45  
ASN C   OXT  sing N N 46  
ASN CB  CG   sing N N 47  
ASN CB  HB2  sing N N 48  
ASN CB  HB3  sing N N 49  
ASN CG  OD1  doub N N 50  
ASN CG  ND2  sing N N 51  
ASN ND2 HD21 sing N N 52  
ASN ND2 HD22 sing N N 53  
ASN OXT HXT  sing N N 54  
ASP N   CA   sing N N 55  
ASP N   H    sing N N 56  
ASP N   H2   sing N N 57  
ASP CA  C    sing N N 58  
ASP CA  CB   sing N N 59  
ASP CA  HA   sing N N 60  
ASP C   O    doub N N 61  
ASP C   OXT  sing N N 62  
ASP CB  CG   sing N N 63  
ASP CB  HB2  sing N N 64  
ASP CB  HB3  sing N N 65  
ASP CG  OD1  doub N N 66  
ASP CG  OD2  sing N N 67  
ASP OD2 HD2  sing N N 68  
ASP OXT HXT  sing N N 69  
CYS N   CA   sing N N 70  
CYS N   H    sing N N 71  
CYS N   H2   sing N N 72  
CYS CA  C    sing N N 73  
CYS CA  CB   sing N N 74  
CYS CA  HA   sing N N 75  
CYS C   O    doub N N 76  
CYS C   OXT  sing N N 77  
CYS CB  SG   sing N N 78  
CYS CB  HB2  sing N N 79  
CYS CB  HB3  sing N N 80  
CYS SG  HG   sing N N 81  
CYS OXT HXT  sing N N 82  
GLN N   CA   sing N N 83  
GLN N   H    sing N N 84  
GLN N   H2   sing N N 85  
GLN CA  C    sing N N 86  
GLN CA  CB   sing N N 87  
GLN CA  HA   sing N N 88  
GLN C   O    doub N N 89  
GLN C   OXT  sing N N 90  
GLN CB  CG   sing N N 91  
GLN CB  HB2  sing N N 92  
GLN CB  HB3  sing N N 93  
GLN CG  CD   sing N N 94  
GLN CG  HG2  sing N N 95  
GLN CG  HG3  sing N N 96  
GLN CD  OE1  doub N N 97  
GLN CD  NE2  sing N N 98  
GLN NE2 HE21 sing N N 99  
GLN NE2 HE22 sing N N 100 
GLN OXT HXT  sing N N 101 
GLU N   CA   sing N N 102 
GLU N   H    sing N N 103 
GLU N   H2   sing N N 104 
GLU CA  C    sing N N 105 
GLU CA  CB   sing N N 106 
GLU CA  HA   sing N N 107 
GLU C   O    doub N N 108 
GLU C   OXT  sing N N 109 
GLU CB  CG   sing N N 110 
GLU CB  HB2  sing N N 111 
GLU CB  HB3  sing N N 112 
GLU CG  CD   sing N N 113 
GLU CG  HG2  sing N N 114 
GLU CG  HG3  sing N N 115 
GLU CD  OE1  doub N N 116 
GLU CD  OE2  sing N N 117 
GLU OE2 HE2  sing N N 118 
GLU OXT HXT  sing N N 119 
GLY N   CA   sing N N 120 
GLY N   H    sing N N 121 
GLY N   H2   sing N N 122 
GLY CA  C    sing N N 123 
GLY CA  HA2  sing N N 124 
GLY CA  HA3  sing N N 125 
GLY C   O    doub N N 126 
GLY C   OXT  sing N N 127 
GLY OXT HXT  sing N N 128 
HIS N   CA   sing N N 129 
HIS N   H    sing N N 130 
HIS N   H2   sing N N 131 
HIS CA  C    sing N N 132 
HIS CA  CB   sing N N 133 
HIS CA  HA   sing N N 134 
HIS C   O    doub N N 135 
HIS C   OXT  sing N N 136 
HIS CB  CG   sing N N 137 
HIS CB  HB2  sing N N 138 
HIS CB  HB3  sing N N 139 
HIS CG  ND1  sing Y N 140 
HIS CG  CD2  doub Y N 141 
HIS ND1 CE1  doub Y N 142 
HIS ND1 HD1  sing N N 143 
HIS CD2 NE2  sing Y N 144 
HIS CD2 HD2  sing N N 145 
HIS CE1 NE2  sing Y N 146 
HIS CE1 HE1  sing N N 147 
HIS NE2 HE2  sing N N 148 
HIS OXT HXT  sing N N 149 
HOH O   H1   sing N N 150 
HOH O   H2   sing N N 151 
ILE N   CA   sing N N 152 
ILE N   H    sing N N 153 
ILE N   H2   sing N N 154 
ILE CA  C    sing N N 155 
ILE CA  CB   sing N N 156 
ILE CA  HA   sing N N 157 
ILE C   O    doub N N 158 
ILE C   OXT  sing N N 159 
ILE CB  CG1  sing N N 160 
ILE CB  CG2  sing N N 161 
ILE CB  HB   sing N N 162 
ILE CG1 CD1  sing N N 163 
ILE CG1 HG12 sing N N 164 
ILE CG1 HG13 sing N N 165 
ILE CG2 HG21 sing N N 166 
ILE CG2 HG22 sing N N 167 
ILE CG2 HG23 sing N N 168 
ILE CD1 HD11 sing N N 169 
ILE CD1 HD12 sing N N 170 
ILE CD1 HD13 sing N N 171 
ILE OXT HXT  sing N N 172 
LEU N   CA   sing N N 173 
LEU N   H    sing N N 174 
LEU N   H2   sing N N 175 
LEU CA  C    sing N N 176 
LEU CA  CB   sing N N 177 
LEU CA  HA   sing N N 178 
LEU C   O    doub N N 179 
LEU C   OXT  sing N N 180 
LEU CB  CG   sing N N 181 
LEU CB  HB2  sing N N 182 
LEU CB  HB3  sing N N 183 
LEU CG  CD1  sing N N 184 
LEU CG  CD2  sing N N 185 
LEU CG  HG   sing N N 186 
LEU CD1 HD11 sing N N 187 
LEU CD1 HD12 sing N N 188 
LEU CD1 HD13 sing N N 189 
LEU CD2 HD21 sing N N 190 
LEU CD2 HD22 sing N N 191 
LEU CD2 HD23 sing N N 192 
LEU OXT HXT  sing N N 193 
LYS N   CA   sing N N 194 
LYS N   H    sing N N 195 
LYS N   H2   sing N N 196 
LYS CA  C    sing N N 197 
LYS CA  CB   sing N N 198 
LYS CA  HA   sing N N 199 
LYS C   O    doub N N 200 
LYS C   OXT  sing N N 201 
LYS CB  CG   sing N N 202 
LYS CB  HB2  sing N N 203 
LYS CB  HB3  sing N N 204 
LYS CG  CD   sing N N 205 
LYS CG  HG2  sing N N 206 
LYS CG  HG3  sing N N 207 
LYS CD  CE   sing N N 208 
LYS CD  HD2  sing N N 209 
LYS CD  HD3  sing N N 210 
LYS CE  NZ   sing N N 211 
LYS CE  HE2  sing N N 212 
LYS CE  HE3  sing N N 213 
LYS NZ  HZ1  sing N N 214 
LYS NZ  HZ2  sing N N 215 
LYS NZ  HZ3  sing N N 216 
LYS OXT HXT  sing N N 217 
MET N   CA   sing N N 218 
MET N   H    sing N N 219 
MET N   H2   sing N N 220 
MET CA  C    sing N N 221 
MET CA  CB   sing N N 222 
MET CA  HA   sing N N 223 
MET C   O    doub N N 224 
MET C   OXT  sing N N 225 
MET CB  CG   sing N N 226 
MET CB  HB2  sing N N 227 
MET CB  HB3  sing N N 228 
MET CG  SD   sing N N 229 
MET CG  HG2  sing N N 230 
MET CG  HG3  sing N N 231 
MET SD  CE   sing N N 232 
MET CE  HE1  sing N N 233 
MET CE  HE2  sing N N 234 
MET CE  HE3  sing N N 235 
MET OXT HXT  sing N N 236 
PHE N   CA   sing N N 237 
PHE N   H    sing N N 238 
PHE N   H2   sing N N 239 
PHE CA  C    sing N N 240 
PHE CA  CB   sing N N 241 
PHE CA  HA   sing N N 242 
PHE C   O    doub N N 243 
PHE C   OXT  sing N N 244 
PHE CB  CG   sing N N 245 
PHE CB  HB2  sing N N 246 
PHE CB  HB3  sing N N 247 
PHE CG  CD1  doub Y N 248 
PHE CG  CD2  sing Y N 249 
PHE CD1 CE1  sing Y N 250 
PHE CD1 HD1  sing N N 251 
PHE CD2 CE2  doub Y N 252 
PHE CD2 HD2  sing N N 253 
PHE CE1 CZ   doub Y N 254 
PHE CE1 HE1  sing N N 255 
PHE CE2 CZ   sing Y N 256 
PHE CE2 HE2  sing N N 257 
PHE CZ  HZ   sing N N 258 
PHE OXT HXT  sing N N 259 
PRO N   CA   sing N N 260 
PRO N   CD   sing N N 261 
PRO N   H    sing N N 262 
PRO CA  C    sing N N 263 
PRO CA  CB   sing N N 264 
PRO CA  HA   sing N N 265 
PRO C   O    doub N N 266 
PRO C   OXT  sing N N 267 
PRO CB  CG   sing N N 268 
PRO CB  HB2  sing N N 269 
PRO CB  HB3  sing N N 270 
PRO CG  CD   sing N N 271 
PRO CG  HG2  sing N N 272 
PRO CG  HG3  sing N N 273 
PRO CD  HD2  sing N N 274 
PRO CD  HD3  sing N N 275 
PRO OXT HXT  sing N N 276 
SER N   CA   sing N N 277 
SER N   H    sing N N 278 
SER N   H2   sing N N 279 
SER CA  C    sing N N 280 
SER CA  CB   sing N N 281 
SER CA  HA   sing N N 282 
SER C   O    doub N N 283 
SER C   OXT  sing N N 284 
SER CB  OG   sing N N 285 
SER CB  HB2  sing N N 286 
SER CB  HB3  sing N N 287 
SER OG  HG   sing N N 288 
SER OXT HXT  sing N N 289 
THR N   CA   sing N N 290 
THR N   H    sing N N 291 
THR N   H2   sing N N 292 
THR CA  C    sing N N 293 
THR CA  CB   sing N N 294 
THR CA  HA   sing N N 295 
THR C   O    doub N N 296 
THR C   OXT  sing N N 297 
THR CB  OG1  sing N N 298 
THR CB  CG2  sing N N 299 
THR CB  HB   sing N N 300 
THR OG1 HG1  sing N N 301 
THR CG2 HG21 sing N N 302 
THR CG2 HG22 sing N N 303 
THR CG2 HG23 sing N N 304 
THR OXT HXT  sing N N 305 
TRP N   CA   sing N N 306 
TRP N   H    sing N N 307 
TRP N   H2   sing N N 308 
TRP CA  C    sing N N 309 
TRP CA  CB   sing N N 310 
TRP CA  HA   sing N N 311 
TRP C   O    doub N N 312 
TRP C   OXT  sing N N 313 
TRP CB  CG   sing N N 314 
TRP CB  HB2  sing N N 315 
TRP CB  HB3  sing N N 316 
TRP CG  CD1  doub Y N 317 
TRP CG  CD2  sing Y N 318 
TRP CD1 NE1  sing Y N 319 
TRP CD1 HD1  sing N N 320 
TRP CD2 CE2  doub Y N 321 
TRP CD2 CE3  sing Y N 322 
TRP NE1 CE2  sing Y N 323 
TRP NE1 HE1  sing N N 324 
TRP CE2 CZ2  sing Y N 325 
TRP CE3 CZ3  doub Y N 326 
TRP CE3 HE3  sing N N 327 
TRP CZ2 CH2  doub Y N 328 
TRP CZ2 HZ2  sing N N 329 
TRP CZ3 CH2  sing Y N 330 
TRP CZ3 HZ3  sing N N 331 
TRP CH2 HH2  sing N N 332 
TRP OXT HXT  sing N N 333 
TYR N   CA   sing N N 334 
TYR N   H    sing N N 335 
TYR N   H2   sing N N 336 
TYR CA  C    sing N N 337 
TYR CA  CB   sing N N 338 
TYR CA  HA   sing N N 339 
TYR C   O    doub N N 340 
TYR C   OXT  sing N N 341 
TYR CB  CG   sing N N 342 
TYR CB  HB2  sing N N 343 
TYR CB  HB3  sing N N 344 
TYR CG  CD1  doub Y N 345 
TYR CG  CD2  sing Y N 346 
TYR CD1 CE1  sing Y N 347 
TYR CD1 HD1  sing N N 348 
TYR CD2 CE2  doub Y N 349 
TYR CD2 HD2  sing N N 350 
TYR CE1 CZ   doub Y N 351 
TYR CE1 HE1  sing N N 352 
TYR CE2 CZ   sing Y N 353 
TYR CE2 HE2  sing N N 354 
TYR CZ  OH   sing N N 355 
TYR OH  HH   sing N N 356 
TYR OXT HXT  sing N N 357 
VAL N   CA   sing N N 358 
VAL N   H    sing N N 359 
VAL N   H2   sing N N 360 
VAL CA  C    sing N N 361 
VAL CA  CB   sing N N 362 
VAL CA  HA   sing N N 363 
VAL C   O    doub N N 364 
VAL C   OXT  sing N N 365 
VAL CB  CG1  sing N N 366 
VAL CB  CG2  sing N N 367 
VAL CB  HB   sing N N 368 
VAL CG1 HG11 sing N N 369 
VAL CG1 HG12 sing N N 370 
VAL CG1 HG13 sing N N 371 
VAL CG2 HG21 sing N N 372 
VAL CG2 HG22 sing N N 373 
VAL CG2 HG23 sing N N 374 
VAL OXT HXT  sing N N 375 
# 
_pdbx_audit_support.funding_organization   'Chinese Academy of Sciences' 
_pdbx_audit_support.country                China 
_pdbx_audit_support.grant_number           XDB37030305 
_pdbx_audit_support.ordinal                1 
# 
_atom_sites.entry_id                    8YEW 
_atom_sites.Cartn_transf_matrix[1][1]   ? 
_atom_sites.Cartn_transf_matrix[1][2]   ? 
_atom_sites.Cartn_transf_matrix[1][3]   ? 
_atom_sites.Cartn_transf_matrix[2][1]   ? 
_atom_sites.Cartn_transf_matrix[2][2]   ? 
_atom_sites.Cartn_transf_matrix[2][3]   ? 
_atom_sites.Cartn_transf_matrix[3][1]   ? 
_atom_sites.Cartn_transf_matrix[3][2]   ? 
_atom_sites.Cartn_transf_matrix[3][3]   ? 
_atom_sites.Cartn_transf_vector[1]      ? 
_atom_sites.Cartn_transf_vector[2]      ? 
_atom_sites.Cartn_transf_vector[3]      ? 
_atom_sites.Cartn_transform_axes        ? 
_atom_sites.fract_transf_matrix[1][1]   -0.00921870 
_atom_sites.fract_transf_matrix[1][2]   0.02828723 
_atom_sites.fract_transf_matrix[1][3]   0.01651729 
_atom_sites.fract_transf_matrix[2][1]   0.01110595 
_atom_sites.fract_transf_matrix[2][2]   0.00738783 
_atom_sites.fract_transf_matrix[2][3]   -0.00645377 
_atom_sites.fract_transf_matrix[3][1]   -0.00827304 
_atom_sites.fract_transf_matrix[3][2]   0.00336654 
_atom_sites.fract_transf_matrix[3][3]   -0.01038286 
_atom_sites.fract_transf_vector[1]      0.130836 
_atom_sites.fract_transf_vector[2]      0.105423 
_atom_sites.fract_transf_vector[3]      0.173100 
_atom_sites.solution_primary            ? 
_atom_sites.solution_secondary          ? 
_atom_sites.solution_hydrogens          ? 
_atom_sites.special_details             ? 
# 
loop_
_atom_type.symbol 
C 
N 
O 
S 
# 
loop_
_atom_site.group_PDB 
_atom_site.id 
_atom_site.type_symbol 
_atom_site.label_atom_id 
_atom_site.label_alt_id 
_atom_site.label_comp_id 
_atom_site.label_asym_id 
_atom_site.label_entity_id 
_atom_site.label_seq_id 
_atom_site.pdbx_PDB_ins_code 
_atom_site.Cartn_x 
_atom_site.Cartn_y 
_atom_site.Cartn_z 
_atom_site.occupancy 
_atom_site.B_iso_or_equiv 
_atom_site.pdbx_formal_charge 
_atom_site.auth_seq_id 
_atom_site.auth_comp_id 
_atom_site.auth_asym_id 
_atom_site.auth_atom_id 
_atom_site.pdbx_PDB_model_num 
ATOM   1    N N   . SER A 1 1   ? 0.123   -5.565  13.730  1.00 32.40 ? 434 SER A N   1 
ATOM   2    C CA  . SER A 1 1   ? -0.989  -4.972  14.459  1.00 23.00 ? 434 SER A CA  1 
ATOM   3    C C   . SER A 1 1   ? -1.220  -3.508  14.085  1.00 23.54 ? 434 SER A C   1 
ATOM   4    O O   . SER A 1 1   ? -2.176  -2.888  14.563  1.00 22.06 ? 434 SER A O   1 
ATOM   5    C CB  . SER A 1 1   ? -0.748  -5.077  15.959  1.00 29.77 ? 434 SER A CB  1 
ATOM   6    O OG  . SER A 1 1   ? -0.856  -6.420  16.392  1.00 42.46 ? 434 SER A OG  1 
ATOM   7    N N   . TRP A 1 2   ? -0.349  -2.956  13.240  1.00 20.11 ? 435 TRP A N   1 
ATOM   8    C CA  . TRP A 1 2   ? -0.393  -1.545  12.871  1.00 14.22 ? 435 TRP A CA  1 
ATOM   9    C C   . TRP A 1 2   ? -0.795  -1.387  11.411  1.00 17.29 ? 435 TRP A C   1 
ATOM   10   O O   . TRP A 1 2   ? -0.462  -2.225  10.570  1.00 15.07 ? 435 TRP A O   1 
ATOM   11   C CB  . TRP A 1 2   ? 0.961   -0.888  13.096  1.00 18.34 ? 435 TRP A CB  1 
ATOM   12   C CG  . TRP A 1 2   ? 1.369   -0.932  14.516  1.00 22.67 ? 435 TRP A CG  1 
ATOM   13   C CD1 . TRP A 1 2   ? 2.158   -1.868  15.116  1.00 24.40 ? 435 TRP A CD1 1 
ATOM   14   C CD2 . TRP A 1 2   ? 0.993   -0.007  15.536  1.00 21.92 ? 435 TRP A CD2 1 
ATOM   15   N NE1 . TRP A 1 2   ? 2.309   -1.568  16.453  1.00 24.21 ? 435 TRP A NE1 1 
ATOM   16   C CE2 . TRP A 1 2   ? 1.595   -0.434  16.732  1.00 23.50 ? 435 TRP A CE2 1 
ATOM   17   C CE3 . TRP A 1 2   ? 0.214   1.152   15.548  1.00 22.27 ? 435 TRP A CE3 1 
ATOM   18   C CZ2 . TRP A 1 2   ? 1.438   0.254   17.927  1.00 25.23 ? 435 TRP A CZ2 1 
ATOM   19   C CZ3 . TRP A 1 2   ? 0.056   1.829   16.738  1.00 25.71 ? 435 TRP A CZ3 1 
ATOM   20   C CH2 . TRP A 1 2   ? 0.664   1.379   17.909  1.00 23.92 ? 435 TRP A CH2 1 
ATOM   21   N N   . CYS A 1 3   ? -1.503  -0.294  11.114  1.00 13.64 ? 436 CYS A N   1 
ATOM   22   C CA  . CYS A 1 3   ? -2.149  -0.130  9.821   1.00 11.03 ? 436 CYS A CA  1 
ATOM   23   C C   . CYS A 1 3   ? -1.947  1.289   9.308   1.00 13.73 ? 436 CYS A C   1 
ATOM   24   O O   . CYS A 1 3   ? -1.871  2.238   10.095  1.00 13.62 ? 436 CYS A O   1 
ATOM   25   C CB  . CYS A 1 3   ? -3.663  -0.445  9.931   1.00 13.46 ? 436 CYS A CB  1 
ATOM   26   S SG  . CYS A 1 3   ? -4.551  -0.418  8.360   1.00 18.30 ? 436 CYS A SG  1 
ATOM   27   N N   . LEU A 1 4   ? -1.909  1.431   7.980   1.00 13.91 ? 437 LEU A N   1 
ATOM   28   C CA  . LEU A 1 4   ? -1.845  2.733   7.311   1.00 11.74 ? 437 LEU A CA  1 
ATOM   29   C C   . LEU A 1 4   ? -3.016  2.848   6.346   1.00 12.64 ? 437 LEU A C   1 
ATOM   30   O O   . LEU A 1 4   ? -3.222  1.951   5.533   1.00 13.35 ? 437 LEU A O   1 
ATOM   31   C CB  . LEU A 1 4   ? -0.528  2.896   6.530   1.00 12.10 ? 437 LEU A CB  1 
ATOM   32   C CG  . LEU A 1 4   ? -0.339  4.191   5.719   1.00 10.49 ? 437 LEU A CG  1 
ATOM   33   C CD1 . LEU A 1 4   ? -0.222  5.398   6.674   1.00 12.81 ? 437 LEU A CD1 1 
ATOM   34   C CD2 . LEU A 1 4   ? 0.878   4.132   4.817   1.00 13.51 ? 437 LEU A CD2 1 
ATOM   35   N N   . SER A 1 5   ? -3.764  3.946   6.403   1.00 12.14 ? 438 SER A N   1 
ATOM   36   C CA  . SER A 1 5   ? -4.865  4.154   5.459   1.00 13.11 ? 438 SER A CA  1 
ATOM   37   C C   . SER A 1 5   ? -4.350  4.847   4.198   1.00 14.74 ? 438 SER A C   1 
ATOM   38   O O   . SER A 1 5   ? -3.656  5.872   4.273   1.00 14.46 ? 438 SER A O   1 
ATOM   39   C CB  . SER A 1 5   ? -5.995  4.971   6.094   1.00 13.82 ? 438 SER A CB  1 
ATOM   40   O OG  . SER A 1 5   ? -6.525  4.282   7.211   1.00 15.99 ? 438 SER A OG  1 
ATOM   41   N N   . VAL A 1 6   ? -4.690  4.279   3.040   1.00 10.19 ? 439 VAL A N   1 
ATOM   42   C CA  . VAL A 1 6   ? -4.183  4.747   1.749   1.00 12.34 ? 439 VAL A CA  1 
ATOM   43   C C   . VAL A 1 6   ? -5.340  4.833   0.762   1.00 13.19 ? 439 VAL A C   1 
ATOM   44   O O   . VAL A 1 6   ? -6.183  3.934   0.699   1.00 10.60 ? 439 VAL A O   1 
ATOM   45   C CB  . VAL A 1 6   ? -3.085  3.804   1.203   1.00 9.24  ? 439 VAL A CB  1 
ATOM   46   C CG1 . VAL A 1 6   ? -2.553  4.301   -0.160  1.00 10.37 ? 439 VAL A CG1 1 
ATOM   47   C CG2 . VAL A 1 6   ? -1.961  3.621   2.234   1.00 13.62 ? 439 VAL A CG2 1 
ATOM   48   N N   . HIS A 1 7   ? -5.380  5.911   -0.018  1.00 12.61 ? 440 HIS A N   1 
ATOM   49   C CA  . HIS A 1 7   ? -6.432  6.044   -1.019  1.00 16.75 ? 440 HIS A CA  1 
ATOM   50   C C   . HIS A 1 7   ? -6.261  5.006   -2.116  1.00 13.54 ? 440 HIS A C   1 
ATOM   51   O O   . HIS A 1 7   ? -5.141  4.637   -2.475  1.00 12.07 ? 440 HIS A O   1 
ATOM   52   C CB  . HIS A 1 7   ? -6.406  7.432   -1.658  1.00 16.77 ? 440 HIS A CB  1 
ATOM   53   C CG  . HIS A 1 7   ? -6.854  8.527   -0.746  1.00 18.94 ? 440 HIS A CG  1 
ATOM   54   N ND1 . HIS A 1 7   ? -7.850  8.355   0.190   1.00 18.09 ? 440 HIS A ND1 1 
ATOM   55   C CD2 . HIS A 1 7   ? -6.428  9.807   -0.613  1.00 27.10 ? 440 HIS A CD2 1 
ATOM   56   C CE1 . HIS A 1 7   ? -8.032  9.489   0.848   1.00 24.78 ? 440 HIS A CE1 1 
ATOM   57   N NE2 . HIS A 1 7   ? -7.181  10.386  0.382   1.00 21.79 ? 440 HIS A NE2 1 
ATOM   58   N N   . GLN A 1 8   ? -7.384  4.557   -2.665  1.00 13.59 ? 441 GLN A N   1 
ATOM   59   C CA  . GLN A 1 8   ? -7.364  3.799   -3.907  1.00 12.64 ? 441 GLN A CA  1 
ATOM   60   C C   . GLN A 1 8   ? -7.135  4.739   -5.093  1.00 15.99 ? 441 GLN A C   1 
ATOM   61   O O   . GLN A 1 8   ? -7.562  5.891   -5.065  1.00 16.76 ? 441 GLN A O   1 
ATOM   62   C CB  . GLN A 1 8   ? -8.688  3.042   -4.090  1.00 14.67 ? 441 GLN A CB  1 
ATOM   63   C CG  . GLN A 1 8   ? -8.835  1.828   -3.171  1.00 14.18 ? 441 GLN A CG  1 
ATOM   64   C CD  . GLN A 1 8   ? -7.903  0.685   -3.542  1.00 14.81 ? 441 GLN A CD  1 
ATOM   65   O OE1 . GLN A 1 8   ? -6.846  0.894   -4.132  1.00 13.71 ? 441 GLN A OE1 1 
ATOM   66   N NE2 . GLN A 1 8   ? -8.302  -0.535  -3.206  1.00 17.36 ? 441 GLN A NE2 1 
ATOM   67   N N   . PRO A 1 9   ? -6.487  4.267   -6.174  1.00 15.78 ? 442 PRO A N   1 
ATOM   68   C CA  . PRO A 1 9   ? -6.018  2.899   -6.460  1.00 15.73 ? 442 PRO A CA  1 
ATOM   69   C C   . PRO A 1 9   ? -4.637  2.595   -5.878  1.00 15.25 ? 442 PRO A C   1 
ATOM   70   O O   . PRO A 1 9   ? -4.179  1.456   -5.944  1.00 12.80 ? 442 PRO A O   1 
ATOM   71   C CB  . PRO A 1 9   ? -5.980  2.875   -7.995  1.00 15.95 ? 442 PRO A CB  1 
ATOM   72   C CG  . PRO A 1 9   ? -5.594  4.270   -8.347  1.00 22.93 ? 442 PRO A CG  1 
ATOM   73   C CD  . PRO A 1 9   ? -6.282  5.157   -7.333  1.00 17.32 ? 442 PRO A CD  1 
ATOM   74   N N   . TRP A 1 10  ? -3.969  3.603   -5.301  1.00 13.12 ? 443 TRP A N   1 
ATOM   75   C CA  . TRP A 1 10  ? -2.636  3.388   -4.741  1.00 14.55 ? 443 TRP A CA  1 
ATOM   76   C C   . TRP A 1 10  ? -2.641  2.252   -3.723  1.00 13.52 ? 443 TRP A C   1 
ATOM   77   O O   . TRP A 1 10  ? -1.688  1.464   -3.647  1.00 11.00 ? 443 TRP A O   1 
ATOM   78   C CB  . TRP A 1 10  ? -2.128  4.682   -4.096  1.00 14.89 ? 443 TRP A CB  1 
ATOM   79   C CG  . TRP A 1 10  ? -1.965  5.860   -5.016  1.00 13.87 ? 443 TRP A CG  1 
ATOM   80   C CD1 . TRP A 1 10  ? -0.844  6.195   -5.751  1.00 21.27 ? 443 TRP A CD1 1 
ATOM   81   C CD2 . TRP A 1 10  ? -2.920  6.897   -5.256  1.00 17.97 ? 443 TRP A CD2 1 
ATOM   82   N NE1 . TRP A 1 10  ? -1.063  7.367   -6.439  1.00 18.95 ? 443 TRP A NE1 1 
ATOM   83   C CE2 . TRP A 1 10  ? -2.331  7.812   -6.159  1.00 19.36 ? 443 TRP A CE2 1 
ATOM   84   C CE3 . TRP A 1 10  ? -4.227  7.134   -4.813  1.00 17.69 ? 443 TRP A CE3 1 
ATOM   85   C CZ2 . TRP A 1 10  ? -3.005  8.946   -6.616  1.00 19.26 ? 443 TRP A CZ2 1 
ATOM   86   C CZ3 . TRP A 1 10  ? -4.889  8.261   -5.267  1.00 18.53 ? 443 TRP A CZ3 1 
ATOM   87   C CH2 . TRP A 1 10  ? -4.275  9.149   -6.164  1.00 19.47 ? 443 TRP A CH2 1 
ATOM   88   N N   . ALA A 1 11  ? -3.717  2.138   -2.940  1.00 12.63 ? 444 ALA A N   1 
ATOM   89   C CA  . ALA A 1 11  ? -3.751  1.136   -1.876  1.00 11.94 ? 444 ALA A CA  1 
ATOM   90   C C   . ALA A 1 11  ? -3.590  -0.276  -2.436  1.00 10.40 ? 444 ALA A C   1 
ATOM   91   O O   . ALA A 1 11  ? -2.715  -1.031  -1.994  1.00 9.77  ? 444 ALA A O   1 
ATOM   92   C CB  . ALA A 1 11  ? -5.044  1.279   -1.064  1.00 12.59 ? 444 ALA A CB  1 
ATOM   93   N N   . SER A 1 12  ? -4.393  -0.649  -3.435  1.00 11.26 ? 445 SER A N   1 
ATOM   94   C CA  . SER A 1 12  ? -4.198  -1.984  -4.026  1.00 12.69 ? 445 SER A CA  1 
ATOM   95   C C   . SER A 1 12  ? -2.875  -2.097  -4.789  1.00 14.72 ? 445 SER A C   1 
ATOM   96   O O   . SER A 1 12  ? -2.280  -3.184  -4.827  1.00 14.99 ? 445 SER A O   1 
ATOM   97   C CB  . SER A 1 12  ? -5.359  -2.344  -4.954  1.00 14.29 ? 445 SER A CB  1 
ATOM   98   O OG  . SER A 1 12  ? -6.559  -2.554  -4.240  1.00 14.23 ? 445 SER A OG  1 
ATOM   99   N N   . LEU A 1 13  ? -2.410  -1.008  -5.418  1.00 14.62 ? 446 LEU A N   1 
ATOM   100  C CA  . LEU A 1 13  ? -1.104  -1.031  -6.090  1.00 11.46 ? 446 LEU A CA  1 
ATOM   101  C C   . LEU A 1 13  ? 0.013   -1.361  -5.111  1.00 13.74 ? 446 LEU A C   1 
ATOM   102  O O   . LEU A 1 13  ? 0.973   -2.052  -5.468  1.00 14.46 ? 446 LEU A O   1 
ATOM   103  C CB  . LEU A 1 13  ? -0.822  0.315   -6.775  1.00 13.25 ? 446 LEU A CB  1 
ATOM   104  C CG  . LEU A 1 13  ? -1.709  0.722   -7.962  1.00 14.91 ? 446 LEU A CG  1 
ATOM   105  C CD1 . LEU A 1 13  ? -1.214  2.004   -8.619  1.00 20.11 ? 446 LEU A CD1 1 
ATOM   106  C CD2 . LEU A 1 13  ? -1.833  -0.398  -8.990  1.00 16.09 ? 446 LEU A CD2 1 
ATOM   107  N N   . LEU A 1 14  ? -0.095  -0.887  -3.868  1.00 12.23 ? 447 LEU A N   1 
ATOM   108  C CA  . LEU A 1 14  ? 0.924   -1.181  -2.869  1.00 12.83 ? 447 LEU A CA  1 
ATOM   109  C C   . LEU A 1 14  ? 0.907   -2.648  -2.468  1.00 15.66 ? 447 LEU A C   1 
ATOM   110  O O   . LEU A 1 14  ? 1.963   -3.285  -2.383  1.00 14.30 ? 447 LEU A O   1 
ATOM   111  C CB  . LEU A 1 14  ? 0.713   -0.318  -1.625  1.00 13.07 ? 447 LEU A CB  1 
ATOM   112  C CG  . LEU A 1 14  ? 1.281   1.096   -1.629  1.00 18.51 ? 447 LEU A CG  1 
ATOM   113  C CD1 . LEU A 1 14  ? 0.768   1.846   -0.411  1.00 13.30 ? 447 LEU A CD1 1 
ATOM   114  C CD2 . LEU A 1 14  ? 2.812   1.081   -1.647  1.00 14.50 ? 447 LEU A CD2 1 
ATOM   115  N N   . VAL A 1 15  ? -0.272  -3.195  -2.157  1.00 13.05 ? 448 VAL A N   1 
ATOM   116  C CA  . VAL A 1 15  ? -0.285  -4.579  -1.683  1.00 16.14 ? 448 VAL A CA  1 
ATOM   117  C C   . VAL A 1 15  ? -0.051  -5.567  -2.816  1.00 15.03 ? 448 VAL A C   1 
ATOM   118  O O   . VAL A 1 15  ? 0.258   -6.735  -2.552  1.00 19.96 ? 448 VAL A O   1 
ATOM   119  C CB  . VAL A 1 15  ? -1.587  -4.956  -0.959  1.00 17.03 ? 448 VAL A CB  1 
ATOM   120  C CG1 . VAL A 1 15  ? -1.717  -4.180  0.329   1.00 17.88 ? 448 VAL A CG1 1 
ATOM   121  C CG2 . VAL A 1 15  ? -2.791  -4.717  -1.866  1.00 16.24 ? 448 VAL A CG2 1 
ATOM   122  N N   . ARG A 1 16  ? -0.223  -5.151  -4.059  1.00 16.55 ? 449 ARG A N   1 
ATOM   123  C CA  . ARG A 1 16  ? 0.140   -5.993  -5.190  1.00 19.88 ? 449 ARG A CA  1 
ATOM   124  C C   . ARG A 1 16  ? 1.603   -5.854  -5.594  1.00 20.31 ? 449 ARG A C   1 
ATOM   125  O O   . ARG A 1 16  ? 2.067   -6.615  -6.449  1.00 21.05 ? 449 ARG A O   1 
ATOM   126  C CB  . ARG A 1 16  ? -0.744  -5.667  -6.398  1.00 20.43 ? 449 ARG A CB  1 
ATOM   127  C CG  . ARG A 1 16  ? -2.188  -6.071  -6.243  1.00 28.70 ? 449 ARG A CG  1 
ATOM   128  C CD  . ARG A 1 16  ? -2.583  -6.975  -7.385  1.00 26.96 ? 449 ARG A CD  1 
ATOM   129  N NE  . ARG A 1 16  ? -3.975  -7.392  -7.311  1.00 40.59 ? 449 ARG A NE  1 
ATOM   130  C CZ  . ARG A 1 16  ? -4.596  -8.079  -8.260  1.00 33.92 ? 449 ARG A CZ  1 
ATOM   131  N NH1 . ARG A 1 16  ? -3.985  -8.399  -9.390  1.00 30.53 ? 449 ARG A NH1 1 
ATOM   132  N NH2 . ARG A 1 16  ? -5.857  -8.458  -8.068  1.00 44.36 ? 449 ARG A NH2 1 
ATOM   133  N N   . GLY A 1 17  ? 2.339   -4.903  -5.025  1.00 15.66 ? 450 GLY A N   1 
ATOM   134  C CA  . GLY A 1 17  ? 3.724   -4.712  -5.404  1.00 18.84 ? 450 GLY A CA  1 
ATOM   135  C C   . GLY A 1 17  ? 3.972   -3.852  -6.629  1.00 20.42 ? 450 GLY A C   1 
ATOM   136  O O   . GLY A 1 17  ? 5.138   -3.677  -7.008  1.00 22.92 ? 450 GLY A O   1 
ATOM   137  N N   . ILE A 1 18  ? 2.930   -3.297  -7.253  1.00 15.01 ? 451 ILE A N   1 
ATOM   138  C CA  . ILE A 1 18  ? 3.142   -2.460  -8.436  1.00 14.29 ? 451 ILE A CA  1 
ATOM   139  C C   . ILE A 1 18  ? 3.737   -1.117  -8.040  1.00 19.00 ? 451 ILE A C   1 
ATOM   140  O O   . ILE A 1 18  ? 4.654   -0.607  -8.693  1.00 17.70 ? 451 ILE A O   1 
ATOM   141  C CB  . ILE A 1 18  ? 1.828   -2.290  -9.213  1.00 16.59 ? 451 ILE A CB  1 
ATOM   142  C CG1 . ILE A 1 18  ? 1.357   -3.651  -9.717  1.00 18.30 ? 451 ILE A CG1 1 
ATOM   143  C CG2 . ILE A 1 18  ? 2.017   -1.325  -10.367 1.00 15.90 ? 451 ILE A CG2 1 
ATOM   144  C CD1 . ILE A 1 18  ? -0.102  -3.687  -10.049 1.00 20.29 ? 451 ILE A CD1 1 
ATOM   145  N N   . LYS A 1 19  ? 3.239   -0.535  -6.961  1.00 15.93 ? 452 LYS A N   1 
ATOM   146  C CA  . LYS A 1 19  ? 3.802   0.669   -6.368  1.00 14.90 ? 452 LYS A CA  1 
ATOM   147  C C   . LYS A 1 19  ? 4.709   0.209   -5.235  1.00 16.22 ? 452 LYS A C   1 
ATOM   148  O O   . LYS A 1 19  ? 4.296   -0.603  -4.400  1.00 15.92 ? 452 LYS A O   1 
ATOM   149  C CB  . LYS A 1 19  ? 2.680   1.580   -5.864  1.00 16.27 ? 452 LYS A CB  1 
ATOM   150  C CG  . LYS A 1 19  ? 3.099   2.908   -5.196  1.00 12.45 ? 452 LYS A CG  1 
ATOM   151  C CD  . LYS A 1 19  ? 1.871   3.696   -4.790  1.00 17.29 ? 452 LYS A CD  1 
ATOM   152  C CE  . LYS A 1 19  ? 2.194   4.902   -3.920  1.00 19.44 ? 452 LYS A CE  1 
ATOM   153  N NZ  . LYS A 1 19  ? 3.077   5.851   -4.629  1.00 20.97 ? 452 LYS A NZ  1 
ATOM   154  N N   . ARG A 1 20  ? 5.960   0.669   -5.247  1.00 14.92 ? 453 ARG A N   1 
ATOM   155  C CA  . ARG A 1 20  ? 6.974   0.135   -4.354  1.00 17.65 ? 453 ARG A CA  1 
ATOM   156  C C   . ARG A 1 20  ? 7.389   1.099   -3.257  1.00 19.52 ? 453 ARG A C   1 
ATOM   157  O O   . ARG A 1 20  ? 8.031   0.667   -2.288  1.00 13.65 ? 453 ARG A O   1 
ATOM   158  C CB  . ARG A 1 20  ? 8.222   -0.275  -5.150  1.00 22.11 ? 453 ARG A CB  1 
ATOM   159  C CG  . ARG A 1 20  ? 8.114   -1.651  -5.819  1.00 25.60 ? 453 ARG A CG  1 
ATOM   160  C CD  . ARG A 1 20  ? 8.012   -1.573  -7.336  1.00 31.39 ? 453 ARG A CD  1 
ATOM   161  N NE  . ARG A 1 20  ? 8.484   -2.797  -7.990  1.00 35.39 ? 453 ARG A NE  1 
ATOM   162  C CZ  . ARG A 1 20  ? 7.751   -3.585  -8.772  1.00 34.51 ? 453 ARG A CZ  1 
ATOM   163  N NH1 . ARG A 1 20  ? 6.488   -3.310  -9.048  1.00 36.21 ? 453 ARG A NH1 1 
ATOM   164  N NH2 . ARG A 1 20  ? 8.303   -4.676  -9.298  1.00 44.27 ? 453 ARG A NH2 1 
ATOM   165  N N   . VAL A 1 21  ? 7.066   2.387   -3.395  1.00 13.40 ? 454 VAL A N   1 
ATOM   166  C CA  . VAL A 1 21  ? 7.267   3.341   -2.313  1.00 14.97 ? 454 VAL A CA  1 
ATOM   167  C C   . VAL A 1 21  ? 5.965   4.086   -2.055  1.00 18.51 ? 454 VAL A C   1 
ATOM   168  O O   . VAL A 1 21  ? 5.059   4.120   -2.891  1.00 17.16 ? 454 VAL A O   1 
ATOM   169  C CB  . VAL A 1 21  ? 8.417   4.325   -2.613  1.00 18.43 ? 454 VAL A CB  1 
ATOM   170  C CG1 . VAL A 1 21  ? 9.698   3.545   -2.846  1.00 14.97 ? 454 VAL A CG1 1 
ATOM   171  C CG2 . VAL A 1 21  ? 8.095   5.153   -3.834  1.00 17.35 ? 454 VAL A CG2 1 
ATOM   172  N N   . GLU A 1 22  ? 5.879   4.677   -0.867  1.00 16.77 ? 455 GLU A N   1 
ATOM   173  C CA  . GLU A 1 22  ? 4.736   5.482   -0.459  1.00 16.07 ? 455 GLU A CA  1 
ATOM   174  C C   . GLU A 1 22  ? 5.260   6.778   0.148   1.00 16.84 ? 455 GLU A C   1 
ATOM   175  O O   . GLU A 1 22  ? 6.084   6.746   1.066   1.00 17.22 ? 455 GLU A O   1 
ATOM   176  C CB  . GLU A 1 22  ? 3.874   4.715   0.546   1.00 12.99 ? 455 GLU A CB  1 
ATOM   177  C CG  . GLU A 1 22  ? 2.822   5.547   1.311   1.00 17.86 ? 455 GLU A CG  1 
ATOM   178  C CD  . GLU A 1 22  ? 1.626   6.034   0.449   1.00 23.26 ? 455 GLU A CD  1 
ATOM   179  O OE1 . GLU A 1 22  ? 1.646   5.891   -0.798  1.00 19.46 ? 455 GLU A OE1 1 
ATOM   180  O OE2 . GLU A 1 22  ? 0.662   6.586   1.042   1.00 21.64 ? 455 GLU A OE2 1 
ATOM   181  N N   . GLY A 1 23  ? 4.802   7.912   -0.362  1.00 17.81 ? 456 GLY A N   1 
ATOM   182  C CA  . GLY A 1 23  ? 5.289   9.203   0.092   1.00 13.80 ? 456 GLY A CA  1 
ATOM   183  C C   . GLY A 1 23  ? 4.340   9.829   1.099   1.00 16.57 ? 456 GLY A C   1 
ATOM   184  O O   . GLY A 1 23  ? 3.124   9.752   0.949   1.00 16.01 ? 456 GLY A O   1 
ATOM   185  N N   . ARG A 1 24  ? 4.908   10.450  2.135   1.00 13.83 ? 457 ARG A N   1 
ATOM   186  C CA  . ARG A 1 24  ? 4.102   11.126  3.139   1.00 14.78 ? 457 ARG A CA  1 
ATOM   187  C C   . ARG A 1 24  ? 4.852   12.379  3.545   1.00 13.88 ? 457 ARG A C   1 
ATOM   188  O O   . ARG A 1 24  ? 6.049   12.500  3.295   1.00 14.72 ? 457 ARG A O   1 
ATOM   189  C CB  . ARG A 1 24  ? 3.842   10.248  4.371   1.00 13.13 ? 457 ARG A CB  1 
ATOM   190  C CG  . ARG A 1 24  ? 2.899   9.057   4.140   1.00 15.07 ? 457 ARG A CG  1 
ATOM   191  C CD  . ARG A 1 24  ? 1.499   9.567   3.728   1.00 15.47 ? 457 ARG A CD  1 
ATOM   192  N NE  . ARG A 1 24  ? 0.637   8.493   3.238   1.00 14.10 ? 457 ARG A NE  1 
ATOM   193  C CZ  . ARG A 1 24  ? -0.509  8.122   3.803   1.00 17.43 ? 457 ARG A CZ  1 
ATOM   194  N NH1 . ARG A 1 24  ? -1.023  8.777   4.841   1.00 12.64 ? 457 ARG A NH1 1 
ATOM   195  N NH2 . ARG A 1 24  ? -1.156  7.067   3.316   1.00 14.43 ? 457 ARG A NH2 1 
ATOM   196  N N   . SER A 1 25  ? 4.150   13.304  4.183   1.00 13.35 ? 458 SER A N   1 
ATOM   197  C CA  . SER A 1 25  ? 4.815   14.511  4.659   1.00 15.89 ? 458 SER A CA  1 
ATOM   198  C C   . SER A 1 25  ? 5.480   14.332  6.021   1.00 16.55 ? 458 SER A C   1 
ATOM   199  O O   . SER A 1 25  ? 6.143   15.271  6.496   1.00 19.73 ? 458 SER A O   1 
ATOM   200  C CB  . SER A 1 25  ? 3.813   15.666  4.723   1.00 20.35 ? 458 SER A CB  1 
ATOM   201  O OG  . SER A 1 25  ? 2.755   15.370  5.636   1.00 19.81 ? 458 SER A OG  1 
ATOM   202  N N   . TRP A 1 26  ? 5.346   13.163  6.647   1.00 15.62 ? 459 TRP A N   1 
ATOM   203  C CA  . TRP A 1 26  ? 5.790   12.946  8.021   1.00 15.21 ? 459 TRP A CA  1 
ATOM   204  C C   . TRP A 1 26  ? 6.687   11.720  8.101   1.00 12.47 ? 459 TRP A C   1 
ATOM   205  O O   . TRP A 1 26  ? 6.577   10.796  7.296   1.00 13.13 ? 459 TRP A O   1 
ATOM   206  C CB  . TRP A 1 26  ? 4.606   12.756  8.997   1.00 17.08 ? 459 TRP A CB  1 
ATOM   207  C CG  . TRP A 1 26  ? 3.467   11.980  8.414   1.00 16.58 ? 459 TRP A CG  1 
ATOM   208  C CD1 . TRP A 1 26  ? 2.463   12.475  7.628   1.00 18.37 ? 459 TRP A CD1 1 
ATOM   209  C CD2 . TRP A 1 26  ? 3.220   10.570  8.536   1.00 17.81 ? 459 TRP A CD2 1 
ATOM   210  N NE1 . TRP A 1 26  ? 1.603   11.466  7.275   1.00 14.43 ? 459 TRP A NE1 1 
ATOM   211  C CE2 . TRP A 1 26  ? 2.045   10.290  7.814   1.00 16.84 ? 459 TRP A CE2 1 
ATOM   212  C CE3 . TRP A 1 26  ? 3.866   9.524   9.197   1.00 18.63 ? 459 TRP A CE3 1 
ATOM   213  C CZ2 . TRP A 1 26  ? 1.506   9.002   7.728   1.00 17.96 ? 459 TRP A CZ2 1 
ATOM   214  C CZ3 . TRP A 1 26  ? 3.320   8.246   9.116   1.00 15.43 ? 459 TRP A CZ3 1 
ATOM   215  C CH2 . TRP A 1 26  ? 2.163   7.998   8.376   1.00 16.19 ? 459 TRP A CH2 1 
ATOM   216  N N   . TYR A 1 27  ? 7.586   11.739  9.078   1.00 15.06 ? 460 TYR A N   1 
ATOM   217  C CA  . TYR A 1 27  ? 8.506   10.635  9.315   1.00 17.05 ? 460 TYR A CA  1 
ATOM   218  C C   . TYR A 1 27  ? 7.881   9.623   10.268  1.00 17.89 ? 460 TYR A C   1 
ATOM   219  O O   . TYR A 1 27  ? 7.159   9.995   11.202  1.00 16.53 ? 460 TYR A O   1 
ATOM   220  C CB  . TYR A 1 27  ? 9.827   11.155  9.894   1.00 17.07 ? 460 TYR A CB  1 
ATOM   221  C CG  . TYR A 1 27  ? 10.775  10.052  10.279  1.00 14.03 ? 460 TYR A CG  1 
ATOM   222  C CD1 . TYR A 1 27  ? 11.569  9.437   9.321   1.00 18.76 ? 460 TYR A CD1 1 
ATOM   223  C CD2 . TYR A 1 27  ? 10.845  9.591   11.590  1.00 14.51 ? 460 TYR A CD2 1 
ATOM   224  C CE1 . TYR A 1 27  ? 12.436  8.407   9.654   1.00 17.88 ? 460 TYR A CE1 1 
ATOM   225  C CE2 . TYR A 1 27  ? 11.700  8.563   11.932  1.00 18.27 ? 460 TYR A CE2 1 
ATOM   226  C CZ  . TYR A 1 27  ? 12.496  7.978   10.959  1.00 21.57 ? 460 TYR A CZ  1 
ATOM   227  O OH  . TYR A 1 27  ? 13.351  6.955   11.287  1.00 21.67 ? 460 TYR A OH  1 
ATOM   228  N N   . THR A 1 28  ? 8.160   8.335   10.031  1.00 16.02 ? 461 THR A N   1 
ATOM   229  C CA  . THR A 1 28  ? 7.772   7.331   11.015  1.00 16.02 ? 461 THR A CA  1 
ATOM   230  C C   . THR A 1 28  ? 8.950   6.434   11.368  1.00 13.87 ? 461 THR A C   1 
ATOM   231  O O   . THR A 1 28  ? 9.724   6.024   10.486  1.00 13.11 ? 461 THR A O   1 
ATOM   232  C CB  . THR A 1 28  ? 6.586   6.458   10.542  1.00 15.57 ? 461 THR A CB  1 
ATOM   233  O OG1 . THR A 1 28  ? 6.225   5.541   11.583  1.00 15.36 ? 461 THR A OG1 1 
ATOM   234  C CG2 . THR A 1 28  ? 6.911   5.677   9.265   1.00 19.03 ? 461 THR A CG2 1 
ATOM   235  N N   . PRO A 1 29  ? 9.128   6.132   12.654  1.00 13.34 ? 462 PRO A N   1 
ATOM   236  C CA  . PRO A 1 29  ? 10.081  5.092   13.063  1.00 14.85 ? 462 PRO A CA  1 
ATOM   237  C C   . PRO A 1 29  ? 9.552   3.678   12.905  1.00 15.80 ? 462 PRO A C   1 
ATOM   238  O O   . PRO A 1 29  ? 10.291  2.727   13.184  1.00 12.25 ? 462 PRO A O   1 
ATOM   239  C CB  . PRO A 1 29  ? 10.313  5.403   14.538  1.00 17.56 ? 462 PRO A CB  1 
ATOM   240  C CG  . PRO A 1 29  ? 9.015   6.027   14.986  1.00 15.22 ? 462 PRO A CG  1 
ATOM   241  C CD  . PRO A 1 29  ? 8.512   6.813   13.811  1.00 17.89 ? 462 PRO A CD  1 
ATOM   242  N N   . HIS A 1 30  ? 8.291   3.519   12.506  1.00 12.08 ? 463 HIS A N   1 
ATOM   243  C CA  . HIS A 1 30  ? 7.731   2.182   12.336  1.00 15.11 ? 463 HIS A CA  1 
ATOM   244  C C   . HIS A 1 30  ? 8.539   1.387   11.317  1.00 16.67 ? 463 HIS A C   1 
ATOM   245  O O   . HIS A 1 30  ? 8.898   1.898   10.256  1.00 14.78 ? 463 HIS A O   1 
ATOM   246  C CB  . HIS A 1 30  ? 6.275   2.255   11.875  1.00 17.49 ? 463 HIS A CB  1 
ATOM   247  C CG  . HIS A 1 30  ? 5.642   0.911   11.721  1.00 16.41 ? 463 HIS A CG  1 
ATOM   248  N ND1 . HIS A 1 30  ? 5.271   0.143   12.803  1.00 18.74 ? 463 HIS A ND1 1 
ATOM   249  C CD2 . HIS A 1 30  ? 5.359   0.172   10.619  1.00 14.25 ? 463 HIS A CD2 1 
ATOM   250  C CE1 . HIS A 1 30  ? 4.765   -1.003  12.375  1.00 19.26 ? 463 HIS A CE1 1 
ATOM   251  N NE2 . HIS A 1 30  ? 4.811   -1.012  11.055  1.00 13.85 ? 463 HIS A NE2 1 
ATOM   252  N N   . ARG A 1 31  ? 8.810   0.127   11.631  1.00 14.89 ? 464 ARG A N   1 
ATOM   253  C CA  . ARG A 1 31  ? 9.483   -0.763  10.699  1.00 18.17 ? 464 ARG A CA  1 
ATOM   254  C C   . ARG A 1 31  ? 8.848   -2.140  10.825  1.00 15.33 ? 464 ARG A C   1 
ATOM   255  O O   . ARG A 1 31  ? 8.288   -2.477  11.864  1.00 16.40 ? 464 ARG A O   1 
ATOM   256  C CB  . ARG A 1 31  ? 10.991  -0.861  10.970  1.00 17.00 ? 464 ARG A CB  1 
ATOM   257  C CG  . ARG A 1 31  ? 11.749  0.463   10.919  1.00 17.98 ? 464 ARG A CG  1 
ATOM   258  C CD  . ARG A 1 31  ? 11.894  0.998   9.498   1.00 15.44 ? 464 ARG A CD  1 
ATOM   259  N NE  . ARG A 1 31  ? 12.735  2.187   9.486   1.00 16.18 ? 464 ARG A NE  1 
ATOM   260  C CZ  . ARG A 1 31  ? 12.305  3.416   9.738   1.00 16.66 ? 464 ARG A CZ  1 
ATOM   261  N NH1 . ARG A 1 31  ? 11.015  3.677   9.924   1.00 12.24 ? 464 ARG A NH1 1 
ATOM   262  N NH2 . ARG A 1 31  ? 13.188  4.413   9.779   1.00 17.14 ? 464 ARG A NH2 1 
ATOM   263  N N   . GLY A 1 32  ? 8.954   -2.930  9.772   1.00 15.66 ? 465 GLY A N   1 
ATOM   264  C CA  . GLY A 1 32  ? 8.334   -4.237  9.752   1.00 18.15 ? 465 GLY A CA  1 
ATOM   265  C C   . GLY A 1 32  ? 6.915   -4.171  9.216   1.00 15.09 ? 465 GLY A C   1 
ATOM   266  O O   . GLY A 1 32  ? 6.537   -3.236  8.505   1.00 14.85 ? 465 GLY A O   1 
ATOM   267  N N   . ARG A 1 33  ? 6.116   -5.182  9.581   1.00 14.97 ? 466 ARG A N   1 
ATOM   268  C CA  . ARG A 1 33  ? 4.808   -5.370  8.950   1.00 15.14 ? 466 ARG A CA  1 
ATOM   269  C C   . ARG A 1 33  ? 3.909   -4.165  9.173   1.00 12.64 ? 466 ARG A C   1 
ATOM   270  O O   . ARG A 1 33  ? 3.796   -3.646  10.287  1.00 11.76 ? 466 ARG A O   1 
ATOM   271  C CB  . ARG A 1 33  ? 4.124   -6.639  9.472   1.00 17.71 ? 466 ARG A CB  1 
ATOM   272  C CG  . ARG A 1 33  ? 2.726   -6.848  8.882   1.00 16.95 ? 466 ARG A CG  1 
ATOM   273  C CD  . ARG A 1 33  ? 2.173   -8.206  9.251   1.00 17.77 ? 466 ARG A CD  1 
ATOM   274  N NE  . ARG A 1 33  ? 2.733   -9.271  8.428   1.00 25.09 ? 466 ARG A NE  1 
ATOM   275  C CZ  . ARG A 1 33  ? 2.392   -10.547 8.555   1.00 25.68 ? 466 ARG A CZ  1 
ATOM   276  N NH1 . ARG A 1 33  ? 1.536   -10.938 9.478   1.00 22.45 ? 466 ARG A NH1 1 
ATOM   277  N NH2 . ARG A 1 33  ? 2.934   -11.451 7.743   1.00 31.26 ? 466 ARG A NH2 1 
ATOM   278  N N   . LEU A 1 34  ? 3.285   -3.712  8.089   1.00 10.62 ? 467 LEU A N   1 
ATOM   279  C CA  . LEU A 1 34  ? 2.356   -2.588  8.108   1.00 13.33 ? 467 LEU A CA  1 
ATOM   280  C C   . LEU A 1 34  ? 1.123   -2.995  7.313   1.00 13.08 ? 467 LEU A C   1 
ATOM   281  O O   . LEU A 1 34  ? 1.216   -3.249  6.112   1.00 11.72 ? 467 LEU A O   1 
ATOM   282  C CB  . LEU A 1 34  ? 3.002   -1.332  7.513   1.00 10.06 ? 467 LEU A CB  1 
ATOM   283  C CG  . LEU A 1 34  ? 2.194   -0.046  7.473   1.00 13.55 ? 467 LEU A CG  1 
ATOM   284  C CD1 . LEU A 1 34  ? 1.799   0.326   8.896   1.00 14.41 ? 467 LEU A CD1 1 
ATOM   285  C CD2 . LEU A 1 34  ? 2.995   1.079   6.796   1.00 16.69 ? 467 LEU A CD2 1 
ATOM   286  N N   . TRP A 1 35  ? -0.019  -3.070  7.977   1.00 11.95 ? 468 TRP A N   1 
ATOM   287  C CA  . TRP A 1 35  ? -1.238  -3.388  7.250   1.00 12.98 ? 468 TRP A CA  1 
ATOM   288  C C   . TRP A 1 35  ? -1.661  -2.187  6.410   1.00 11.23 ? 468 TRP A C   1 
ATOM   289  O O   . TRP A 1 35  ? -1.440  -1.029  6.786   1.00 13.65 ? 468 TRP A O   1 
ATOM   290  C CB  . TRP A 1 35  ? -2.337  -3.829  8.237   1.00 10.69 ? 468 TRP A CB  1 
ATOM   291  C CG  . TRP A 1 35  ? -1.948  -5.102  8.899   1.00 14.26 ? 468 TRP A CG  1 
ATOM   292  C CD1 . TRP A 1 35  ? -1.260  -5.244  10.072  1.00 17.88 ? 468 TRP A CD1 1 
ATOM   293  C CD2 . TRP A 1 35  ? -2.150  -6.430  8.387   1.00 11.75 ? 468 TRP A CD2 1 
ATOM   294  N NE1 . TRP A 1 35  ? -1.038  -6.583  10.331  1.00 17.03 ? 468 TRP A NE1 1 
ATOM   295  C CE2 . TRP A 1 35  ? -1.565  -7.327  9.306   1.00 18.03 ? 468 TRP A CE2 1 
ATOM   296  C CE3 . TRP A 1 35  ? -2.759  -6.942  7.236   1.00 14.29 ? 468 TRP A CE3 1 
ATOM   297  C CZ2 . TRP A 1 35  ? -1.595  -8.710  9.122   1.00 18.32 ? 468 TRP A CZ2 1 
ATOM   298  C CZ3 . TRP A 1 35  ? -2.776  -8.317  7.050   1.00 17.39 ? 468 TRP A CZ3 1 
ATOM   299  C CH2 . TRP A 1 35  ? -2.208  -9.183  7.991   1.00 16.55 ? 468 TRP A CH2 1 
ATOM   300  N N   . ILE A 1 36  ? -2.281  -2.465  5.267   1.00 10.37 ? 469 ILE A N   1 
ATOM   301  C CA  . ILE A 1 36  ? -2.731  -1.429  4.341   1.00 10.91 ? 469 ILE A CA  1 
ATOM   302  C C   . ILE A 1 36  ? -4.251  -1.471  4.270   1.00 12.31 ? 469 ILE A C   1 
ATOM   303  O O   . ILE A 1 36  ? -4.830  -2.505  3.925   1.00 14.40 ? 469 ILE A O   1 
ATOM   304  C CB  . ILE A 1 36  ? -2.119  -1.604  2.940   1.00 12.45 ? 469 ILE A CB  1 
ATOM   305  C CG1 . ILE A 1 36  ? -0.585  -1.477  2.998   1.00 13.88 ? 469 ILE A CG1 1 
ATOM   306  C CG2 . ILE A 1 36  ? -2.701  -0.564  1.956   1.00 11.35 ? 469 ILE A CG2 1 
ATOM   307  C CD1 . ILE A 1 36  ? -0.104  -0.224  3.770   1.00 11.66 ? 469 ILE A CD1 1 
ATOM   308  N N   . ALA A 1 37  ? -4.895  -0.360  4.600   1.00 12.23 ? 470 ALA A N   1 
ATOM   309  C CA  . ALA A 1 37  ? -6.344  -0.242  4.471   1.00 14.48 ? 470 ALA A CA  1 
ATOM   310  C C   . ALA A 1 37  ? -6.668  0.812   3.421   1.00 14.36 ? 470 ALA A C   1 
ATOM   311  O O   . ALA A 1 37  ? -6.041  1.873   3.401   1.00 16.45 ? 470 ALA A O   1 
ATOM   312  C CB  . ALA A 1 37  ? -6.993  0.130   5.816   1.00 9.52  ? 470 ALA A CB  1 
ATOM   313  N N   . ALA A 1 38  ? -7.635  0.526   2.540   1.00 12.72 ? 471 ALA A N   1 
ATOM   314  C CA  . ALA A 1 38  ? -8.110  1.534   1.590   1.00 13.12 ? 471 ALA A CA  1 
ATOM   315  C C   . ALA A 1 38  ? -9.107  2.461   2.264   1.00 16.26 ? 471 ALA A C   1 
ATOM   316  O O   . ALA A 1 38  ? -9.978  2.008   3.006   1.00 18.50 ? 471 ALA A O   1 
ATOM   317  C CB  . ALA A 1 38  ? -8.776  0.877   0.384   1.00 15.43 ? 471 ALA A CB  1 
ATOM   318  N N   . THR A 1 39  ? -8.995  3.759   1.993   1.00 15.13 ? 472 THR A N   1 
ATOM   319  C CA  . THR A 1 39  ? -9.968  4.697   2.538   1.00 16.18 ? 472 THR A CA  1 
ATOM   320  C C   . THR A 1 39  ? -11.314 4.522   1.826   1.00 22.40 ? 472 THR A C   1 
ATOM   321  O O   . THR A 1 39  ? -11.423 3.820   0.820   1.00 18.60 ? 472 THR A O   1 
ATOM   322  C CB  . THR A 1 39  ? -9.494  6.142   2.371   1.00 18.45 ? 472 THR A CB  1 
ATOM   323  O OG1 . THR A 1 39  ? -9.344  6.412   0.976   1.00 25.01 ? 472 THR A OG1 1 
ATOM   324  C CG2 . THR A 1 39  ? -8.132  6.386   3.081   1.00 17.43 ? 472 THR A CG2 1 
ATOM   325  N N   . ALA A 1 40  ? -12.345 5.201   2.349   1.00 21.03 ? 473 ALA A N   1 
ATOM   326  C CA  . ALA A 1 40  ? -13.662 5.201   1.715   1.00 25.07 ? 473 ALA A CA  1 
ATOM   327  C C   . ALA A 1 40  ? -13.720 6.052   0.455   1.00 26.49 ? 473 ALA A C   1 
ATOM   328  O O   . ALA A 1 40  ? -14.693 5.948   -0.295  1.00 31.16 ? 473 ALA A O   1 
ATOM   329  C CB  . ALA A 1 40  ? -14.728 5.698   2.693   1.00 21.76 ? 473 ALA A CB  1 
ATOM   330  N N   . LYS A 1 41  ? -12.714 6.876   0.197   1.00 26.24 ? 474 LYS A N   1 
ATOM   331  C CA  . LYS A 1 41  ? -12.771 7.818   -0.915  1.00 28.38 ? 474 LYS A CA  1 
ATOM   332  C C   . LYS A 1 41  ? -12.665 7.063   -2.235  1.00 30.49 ? 474 LYS A C   1 
ATOM   333  O O   . LYS A 1 41  ? -11.622 6.479   -2.544  1.00 29.62 ? 474 LYS A O   1 
ATOM   334  C CB  . LYS A 1 41  ? -11.655 8.847   -0.778  1.00 26.31 ? 474 LYS A CB  1 
ATOM   335  C CG  . LYS A 1 41  ? -11.712 9.963   -1.800  1.00 27.36 ? 474 LYS A CG  1 
ATOM   336  C CD  . LYS A 1 41  ? -10.392 10.711  -1.823  1.00 31.70 ? 474 LYS A CD  1 
ATOM   337  C CE  . LYS A 1 41  ? -10.444 11.904  -2.756  1.00 34.25 ? 474 LYS A CE  1 
ATOM   338  N NZ  . LYS A 1 41  ? -10.514 11.507  -4.183  1.00 44.15 ? 474 LYS A NZ  1 
ATOM   339  N N   . LYS A 1 42  ? -13.724 7.091   -3.021  1.00 27.34 ? 475 LYS A N   1 
ATOM   340  C CA  . LYS A 1 42  ? -13.751 6.334   -4.270  1.00 29.87 ? 475 LYS A CA  1 
ATOM   341  C C   . LYS A 1 42  ? -12.952 7.065   -5.348  1.00 34.98 ? 475 LYS A C   1 
ATOM   342  O O   . LYS A 1 42  ? -13.175 8.262   -5.568  1.00 36.35 ? 475 LYS A O   1 
ATOM   343  C CB  . LYS A 1 42  ? -15.195 6.132   -4.716  1.00 36.02 ? 475 LYS A CB  1 
ATOM   344  C CG  . LYS A 1 42  ? -15.370 5.265   -5.949  1.00 44.31 ? 475 LYS A CG  1 
ATOM   345  C CD  . LYS A 1 42  ? -16.853 5.015   -6.242  1.00 49.58 ? 475 LYS A CD  1 
ATOM   346  C CE  . LYS A 1 42  ? -17.583 6.286   -6.688  1.00 48.77 ? 475 LYS A CE  1 
ATOM   347  N NZ  . LYS A 1 42  ? -17.087 6.798   -7.998  1.00 53.04 ? 475 LYS A NZ  1 
ATOM   348  N N   . PRO A 1 43  ? -12.013 6.400   -6.027  1.00 31.87 ? 476 PRO A N   1 
ATOM   349  C CA  . PRO A 1 43  ? -11.213 7.093   -7.042  1.00 31.27 ? 476 PRO A CA  1 
ATOM   350  C C   . PRO A 1 43  ? -12.005 7.323   -8.318  1.00 32.46 ? 476 PRO A C   1 
ATOM   351  O O   . PRO A 1 43  ? -12.900 6.555   -8.669  1.00 33.86 ? 476 PRO A O   1 
ATOM   352  C CB  . PRO A 1 43  ? -10.050 6.124   -7.292  1.00 28.00 ? 476 PRO A CB  1 
ATOM   353  C CG  . PRO A 1 43  ? -10.645 4.802   -7.114  1.00 20.97 ? 476 PRO A CG  1 
ATOM   354  C CD  . PRO A 1 43  ? -11.682 4.963   -5.982  1.00 31.66 ? 476 PRO A CD  1 
ATOM   355  N N   . SER A 1 44  ? -11.654 8.395   -9.023  1.00 36.58 ? 477 SER A N   1 
ATOM   356  C CA  . SER A 1 44  ? -12.342 8.659   -10.279 1.00 39.89 ? 477 SER A CA  1 
ATOM   357  C C   . SER A 1 44  ? -11.727 7.825   -11.406 1.00 40.81 ? 477 SER A C   1 
ATOM   358  O O   . SER A 1 44  ? -10.556 7.437   -11.332 1.00 37.77 ? 477 SER A O   1 
ATOM   359  C CB  . SER A 1 44  ? -12.269 10.143  -10.628 1.00 39.60 ? 477 SER A CB  1 
ATOM   360  O OG  . SER A 1 44  ? -10.999 10.491  -11.144 1.00 39.81 ? 477 SER A OG  1 
ATOM   361  N N   . PRO A 1 45  ? -12.497 7.532   -12.463 1.00 41.20 ? 478 PRO A N   1 
ATOM   362  C CA  . PRO A 1 45  ? -11.945 6.700   -13.545 1.00 39.47 ? 478 PRO A CA  1 
ATOM   363  C C   . PRO A 1 45  ? -10.721 7.322   -14.186 1.00 38.07 ? 478 PRO A C   1 
ATOM   364  O O   . PRO A 1 45  ? -9.796  6.602   -14.585 1.00 36.70 ? 478 PRO A O   1 
ATOM   365  C CB  . PRO A 1 45  ? -13.112 6.588   -14.539 1.00 42.70 ? 478 PRO A CB  1 
ATOM   366  C CG  . PRO A 1 45  ? -14.331 6.983   -13.766 1.00 38.75 ? 478 PRO A CG  1 
ATOM   367  C CD  . PRO A 1 45  ? -13.862 7.992   -12.775 1.00 41.69 ? 478 PRO A CD  1 
ATOM   368  N N   . GLN A 1 46  ? -10.686 8.651   -14.282 1.00 38.73 ? 479 GLN A N   1 
ATOM   369  C CA  . GLN A 1 46  ? -9.514  9.326   -14.822 1.00 44.04 ? 479 GLN A CA  1 
ATOM   370  C C   . GLN A 1 46  ? -8.271  9.014   -13.996 1.00 40.77 ? 479 GLN A C   1 
ATOM   371  O O   . GLN A 1 46  ? -7.220  8.666   -14.546 1.00 35.13 ? 479 GLN A O   1 
ATOM   372  C CB  . GLN A 1 46  ? -9.772  10.834  -14.889 1.00 42.34 ? 479 GLN A CB  1 
ATOM   373  C CG  . GLN A 1 46  ? -8.748  11.605  -15.708 1.00 51.31 ? 479 GLN A CG  1 
ATOM   374  C CD  . GLN A 1 46  ? -8.515  10.998  -17.088 1.00 54.38 ? 479 GLN A CD  1 
ATOM   375  O OE1 . GLN A 1 46  ? -7.380  10.937  -17.568 1.00 53.37 ? 479 GLN A OE1 1 
ATOM   376  N NE2 . GLN A 1 46  ? -9.590  10.554  -17.733 1.00 52.37 ? 479 GLN A NE2 1 
ATOM   377  N N   . GLU A 1 47  ? -8.374  9.131   -12.667 1.00 41.77 ? 480 GLU A N   1 
ATOM   378  C CA  . GLU A 1 47  ? -7.250  8.783   -11.801 1.00 40.01 ? 480 GLU A CA  1 
ATOM   379  C C   . GLU A 1 47  ? -6.768  7.369   -12.085 1.00 34.56 ? 480 GLU A C   1 
ATOM   380  O O   . GLU A 1 47  ? -5.568  7.132   -12.265 1.00 35.49 ? 480 GLU A O   1 
ATOM   381  C CB  . GLU A 1 47  ? -7.641  8.915   -10.327 1.00 39.43 ? 480 GLU A CB  1 
ATOM   382  C CG  . GLU A 1 47  ? -8.015  10.315  -9.875  1.00 47.58 ? 480 GLU A CG  1 
ATOM   383  C CD  . GLU A 1 47  ? -8.453  10.358  -8.416  1.00 47.20 ? 480 GLU A CD  1 
ATOM   384  O OE1 . GLU A 1 47  ? -9.269  9.505   -8.004  1.00 42.73 ? 480 GLU A OE1 1 
ATOM   385  O OE2 . GLU A 1 47  ? -7.966  11.241  -7.679  1.00 54.01 ? 480 GLU A OE2 1 
ATOM   386  N N   . VAL A 1 48  ? -7.701  6.419   -12.144 1.00 32.09 ? 481 VAL A N   1 
ATOM   387  C CA  . VAL A 1 48  ? -7.340  5.025   -12.372 1.00 28.55 ? 481 VAL A CA  1 
ATOM   388  C C   . VAL A 1 48  ? -6.663  4.855   -13.725 1.00 32.25 ? 481 VAL A C   1 
ATOM   389  O O   . VAL A 1 48  ? -5.680  4.119   -13.852 1.00 24.96 ? 481 VAL A O   1 
ATOM   390  C CB  . VAL A 1 48  ? -8.578  4.124   -12.250 1.00 26.10 ? 481 VAL A CB  1 
ATOM   391  C CG1 . VAL A 1 48  ? -8.192  2.700   -12.498 1.00 27.07 ? 481 VAL A CG1 1 
ATOM   392  C CG2 . VAL A 1 48  ? -9.193  4.263   -10.858 1.00 28.22 ? 481 VAL A CG2 1 
ATOM   393  N N   . SER A 1 49  ? -7.181  5.515   -14.758 1.00 31.56 ? 482 SER A N   1 
ATOM   394  C CA  . SER A 1 49  ? -6.586  5.345   -16.081 1.00 34.01 ? 482 SER A CA  1 
ATOM   395  C C   . SER A 1 49  ? -5.202  5.976   -16.146 1.00 28.60 ? 482 SER A C   1 
ATOM   396  O O   . SER A 1 49  ? -4.271  5.383   -16.699 1.00 33.33 ? 482 SER A O   1 
ATOM   397  C CB  . SER A 1 49  ? -7.504  5.941   -17.144 1.00 37.90 ? 482 SER A CB  1 
ATOM   398  O OG  . SER A 1 49  ? -7.814  7.284   -16.829 1.00 40.81 ? 482 SER A OG  1 
ATOM   399  N N   . GLU A 1 50  ? -5.041  7.166   -15.567 1.00 30.91 ? 483 GLU A N   1 
ATOM   400  C CA  . GLU A 1 50  ? -3.750  7.845   -15.621 1.00 30.96 ? 483 GLU A CA  1 
ATOM   401  C C   . GLU A 1 50  ? -2.685  7.077   -14.846 1.00 32.37 ? 483 GLU A C   1 
ATOM   402  O O   . GLU A 1 50  ? -1.563  6.899   -15.333 1.00 30.61 ? 483 GLU A O   1 
ATOM   403  C CB  . GLU A 1 50  ? -3.887  9.268   -15.084 1.00 32.71 ? 483 GLU A CB  1 
ATOM   404  C CG  . GLU A 1 50  ? -2.579  10.030  -15.003 1.00 42.96 ? 483 GLU A CG  1 
ATOM   405  C CD  . GLU A 1 50  ? -1.891  10.217  -16.356 1.00 50.84 ? 483 GLU A CD  1 
ATOM   406  O OE1 . GLU A 1 50  ? -2.358  11.067  -17.152 1.00 54.24 ? 483 GLU A OE1 1 
ATOM   407  O OE2 . GLU A 1 50  ? -0.880  9.514   -16.623 1.00 45.88 ? 483 GLU A OE2 1 
ATOM   408  N N   . LEU A 1 51  ? -3.017  6.597   -13.645 1.00 28.73 ? 484 LEU A N   1 
ATOM   409  C CA  . LEU A 1 51  ? -2.046  5.823   -12.877 1.00 25.26 ? 484 LEU A CA  1 
ATOM   410  C C   . LEU A 1 51  ? -1.746  4.481   -13.541 1.00 23.69 ? 484 LEU A C   1 
ATOM   411  O O   . LEU A 1 51  ? -0.585  4.062   -13.603 1.00 23.46 ? 484 LEU A O   1 
ATOM   412  C CB  . LEU A 1 51  ? -2.552  5.625   -11.449 1.00 24.73 ? 484 LEU A CB  1 
ATOM   413  C CG  . LEU A 1 51  ? -2.591  6.928   -10.655 1.00 27.73 ? 484 LEU A CG  1 
ATOM   414  C CD1 . LEU A 1 51  ? -3.464  6.776   -9.404  1.00 23.68 ? 484 LEU A CD1 1 
ATOM   415  C CD2 . LEU A 1 51  ? -1.181  7.344   -10.291 1.00 27.95 ? 484 LEU A CD2 1 
ATOM   416  N N   . GLN A 1 52  ? -2.773  3.782   -14.040 1.00 22.60 ? 485 GLN A N   1 
ATOM   417  C CA  . GLN A 1 52  ? -2.498  2.489   -14.656 1.00 22.90 ? 485 GLN A CA  1 
ATOM   418  C C   . GLN A 1 52  ? -1.670  2.654   -15.916 1.00 23.86 ? 485 GLN A C   1 
ATOM   419  O O   . GLN A 1 52  ? -0.869  1.776   -16.243 1.00 26.98 ? 485 GLN A O   1 
ATOM   420  C CB  . GLN A 1 52  ? -3.792  1.728   -14.950 1.00 24.54 ? 485 GLN A CB  1 
ATOM   421  C CG  . GLN A 1 52  ? -4.492  1.263   -13.685 1.00 22.90 ? 485 GLN A CG  1 
ATOM   422  C CD  . GLN A 1 52  ? -5.651  0.315   -13.927 1.00 27.64 ? 485 GLN A CD  1 
ATOM   423  O OE1 . GLN A 1 52  ? -6.115  -0.344  -12.996 1.00 25.67 ? 485 GLN A OE1 1 
ATOM   424  N NE2 . GLN A 1 52  ? -6.141  0.253   -15.169 1.00 27.75 ? 485 GLN A NE2 1 
ATOM   425  N N   . ALA A 1 53  ? -1.824  3.778   -16.611 1.00 24.36 ? 486 ALA A N   1 
ATOM   426  C CA  . ALA A 1 53  ? -0.985  4.036   -17.777 1.00 29.13 ? 486 ALA A CA  1 
ATOM   427  C C   . ALA A 1 53  ? 0.469   4.213   -17.370 1.00 23.51 ? 486 ALA A C   1 
ATOM   428  O O   . ALA A 1 53  ? 1.365   3.578   -17.936 1.00 23.18 ? 486 ALA A O   1 
ATOM   429  C CB  . ALA A 1 53  ? -1.492  5.268   -18.525 1.00 30.45 ? 486 ALA A CB  1 
ATOM   430  N N   . THR A 1 54  ? 0.725   5.051   -16.364 1.00 26.90 ? 487 THR A N   1 
ATOM   431  C CA  . THR A 1 54  ? 2.098   5.264   -15.918 1.00 24.18 ? 487 THR A CA  1 
ATOM   432  C C   . THR A 1 54  ? 2.747   3.954   -15.468 1.00 21.22 ? 487 THR A C   1 
ATOM   433  O O   . THR A 1 54  ? 3.850   3.611   -15.911 1.00 18.41 ? 487 THR A O   1 
ATOM   434  C CB  . THR A 1 54  ? 2.129   6.301   -14.796 1.00 29.42 ? 487 THR A CB  1 
ATOM   435  O OG1 . THR A 1 54  ? 1.540   7.521   -15.259 1.00 31.32 ? 487 THR A OG1 1 
ATOM   436  C CG2 . THR A 1 54  ? 3.564   6.569   -14.365 1.00 28.17 ? 487 THR A CG2 1 
ATOM   437  N N   . TYR A 1 55  ? 2.071   3.191   -14.604 1.00 20.13 ? 488 TYR A N   1 
ATOM   438  C CA  . TYR A 1 55  ? 2.714   1.993   -14.066 1.00 18.70 ? 488 TYR A CA  1 
ATOM   439  C C   . TYR A 1 55  ? 2.884   0.909   -15.119 1.00 16.99 ? 488 TYR A C   1 
ATOM   440  O O   . TYR A 1 55  ? 3.831   0.114   -15.041 1.00 18.30 ? 488 TYR A O   1 
ATOM   441  C CB  . TYR A 1 55  ? 1.939   1.480   -12.857 1.00 18.81 ? 488 TYR A CB  1 
ATOM   442  C CG  . TYR A 1 55  ? 2.292   2.286   -11.625 1.00 20.41 ? 488 TYR A CG  1 
ATOM   443  C CD1 . TYR A 1 55  ? 3.555   2.168   -11.037 1.00 23.42 ? 488 TYR A CD1 1 
ATOM   444  C CD2 . TYR A 1 55  ? 1.398   3.197   -11.078 1.00 22.42 ? 488 TYR A CD2 1 
ATOM   445  C CE1 . TYR A 1 55  ? 3.909   2.920   -9.923  1.00 18.59 ? 488 TYR A CE1 1 
ATOM   446  C CE2 . TYR A 1 55  ? 1.746   3.956   -9.954  1.00 24.05 ? 488 TYR A CE2 1 
ATOM   447  C CZ  . TYR A 1 55  ? 3.004   3.804   -9.387  1.00 25.32 ? 488 TYR A CZ  1 
ATOM   448  O OH  . TYR A 1 55  ? 3.377   4.540   -8.282  1.00 24.99 ? 488 TYR A OH  1 
ATOM   449  N N   . ARG A 1 56  ? 1.997   0.858   -16.111 1.00 17.50 ? 489 ARG A N   1 
ATOM   450  C CA  . ARG A 1 56  ? 2.200   -0.067  -17.226 1.00 18.77 ? 489 ARG A CA  1 
ATOM   451  C C   . ARG A 1 56  ? 3.491   0.255   -17.982 1.00 21.00 ? 489 ARG A C   1 
ATOM   452  O O   . ARG A 1 56  ? 4.202   -0.651  -18.431 1.00 21.53 ? 489 ARG A O   1 
ATOM   453  C CB  . ARG A 1 56  ? 0.993   -0.017  -18.159 1.00 23.59 ? 489 ARG A CB  1 
ATOM   454  C CG  . ARG A 1 56  ? 1.211   -0.659  -19.522 1.00 29.25 ? 489 ARG A CG  1 
ATOM   455  C CD  . ARG A 1 56  ? 1.559   -2.139  -19.394 1.00 32.54 ? 489 ARG A CD  1 
ATOM   456  N NE  . ARG A 1 56  ? 1.759   -2.756  -20.701 1.00 37.23 ? 489 ARG A NE  1 
ATOM   457  C CZ  . ARG A 1 56  ? 2.854   -2.623  -21.438 1.00 37.77 ? 489 ARG A CZ  1 
ATOM   458  N NH1 . ARG A 1 56  ? 3.880   -1.889  -21.032 1.00 32.43 ? 489 ARG A NH1 1 
ATOM   459  N NH2 . ARG A 1 56  ? 2.925   -3.248  -22.612 1.00 43.24 ? 489 ARG A NH2 1 
ATOM   460  N N   . LEU A 1 57  ? 3.822   1.538   -18.123 1.00 18.37 ? 490 LEU A N   1 
ATOM   461  C CA  . LEU A 1 57  ? 5.080   1.862   -18.790 1.00 22.14 ? 490 LEU A CA  1 
ATOM   462  C C   . LEU A 1 57  ? 6.277   1.674   -17.860 1.00 22.71 ? 490 LEU A C   1 
ATOM   463  O O   . LEU A 1 57  ? 7.358   1.308   -18.326 1.00 24.21 ? 490 LEU A O   1 
ATOM   464  C CB  . LEU A 1 57  ? 5.030   3.286   -19.355 1.00 16.86 ? 490 LEU A CB  1 
ATOM   465  C CG  . LEU A 1 57  ? 3.947   3.518   -20.430 1.00 21.54 ? 490 LEU A CG  1 
ATOM   466  C CD1 . LEU A 1 57  ? 3.882   4.958   -20.907 1.00 18.15 ? 490 LEU A CD1 1 
ATOM   467  C CD2 . LEU A 1 57  ? 4.160   2.588   -21.613 1.00 24.63 ? 490 LEU A CD2 1 
ATOM   468  N N   . LEU A 1 58  ? 6.106   1.897   -16.551 1.00 17.67 ? 491 LEU A N   1 
ATOM   469  C CA  . LEU A 1 58  ? 7.200   1.667   -15.613 1.00 18.38 ? 491 LEU A CA  1 
ATOM   470  C C   . LEU A 1 58  ? 7.514   0.189   -15.467 1.00 22.34 ? 491 LEU A C   1 
ATOM   471  O O   . LEU A 1 58  ? 8.688   -0.198  -15.415 1.00 26.66 ? 491 LEU A O   1 
ATOM   472  C CB  . LEU A 1 58  ? 6.859   2.248   -14.239 1.00 18.94 ? 491 LEU A CB  1 
ATOM   473  C CG  . LEU A 1 58  ? 7.096   3.724   -13.975 1.00 22.19 ? 491 LEU A CG  1 
ATOM   474  C CD1 . LEU A 1 58  ? 6.528   4.102   -12.615 1.00 25.25 ? 491 LEU A CD1 1 
ATOM   475  C CD2 . LEU A 1 58  ? 8.589   4.027   -14.037 1.00 28.12 ? 491 LEU A CD2 1 
ATOM   476  N N   . ARG A 1 59  ? 6.480   -0.649  -15.379 1.00 17.93 ? 492 ARG A N   1 
ATOM   477  C CA  . ARG A 1 59  ? 6.651   -2.051  -15.027 1.00 23.22 ? 492 ARG A CA  1 
ATOM   478  C C   . ARG A 1 59  ? 6.527   -3.003  -16.210 1.00 27.60 ? 492 ARG A C   1 
ATOM   479  O O   . ARG A 1 59  ? 6.929   -4.165  -16.085 1.00 27.39 ? 492 ARG A O   1 
ATOM   480  C CB  . ARG A 1 59  ? 5.623   -2.461  -13.967 1.00 20.27 ? 492 ARG A CB  1 
ATOM   481  C CG  . ARG A 1 59  ? 5.578   -1.548  -12.761 1.00 19.53 ? 492 ARG A CG  1 
ATOM   482  C CD  . ARG A 1 59  ? 6.812   -1.688  -11.879 1.00 22.81 ? 492 ARG A CD  1 
ATOM   483  N NE  . ARG A 1 59  ? 6.667   -0.894  -10.663 1.00 22.30 ? 492 ARG A NE  1 
ATOM   484  C CZ  . ARG A 1 59  ? 7.433   0.138   -10.338 1.00 21.82 ? 492 ARG A CZ  1 
ATOM   485  N NH1 . ARG A 1 59  ? 8.468   0.496   -11.089 1.00 23.35 ? 492 ARG A NH1 1 
ATOM   486  N NH2 . ARG A 1 59  ? 7.155   0.831   -9.233  1.00 20.30 ? 492 ARG A NH2 1 
ATOM   487  N N   . GLY A 1 60  ? 5.944   -2.566  -17.323 1.00 24.89 ? 493 GLY A N   1 
ATOM   488  C CA  . GLY A 1 60  ? 5.913   -3.363  -18.534 1.00 27.36 ? 493 GLY A CA  1 
ATOM   489  C C   . GLY A 1 60  ? 4.628   -4.153  -18.686 1.00 32.91 ? 493 GLY A C   1 
ATOM   490  O O   . GLY A 1 60  ? 3.680   -4.046  -17.901 1.00 28.93 ? 493 GLY A O   1 
ATOM   491  N N   . LYS A 1 61  ? 4.630   -4.973  -19.741 1.00 35.46 ? 494 LYS A N   1 
ATOM   492  C CA  . LYS A 1 61  ? 3.449   -5.740  -20.132 1.00 42.01 ? 494 LYS A CA  1 
ATOM   493  C C   . LYS A 1 61  ? 3.014   -6.736  -19.059 1.00 36.90 ? 494 LYS A C   1 
ATOM   494  O O   . LYS A 1 61  ? 1.818   -7.033  -18.943 1.00 37.93 ? 494 LYS A O   1 
ATOM   495  C CB  . LYS A 1 61  ? 3.734   -6.469  -21.454 1.00 45.43 ? 494 LYS A CB  1 
ATOM   496  C CG  . LYS A 1 61  ? 5.140   -7.083  -21.544 1.00 45.07 ? 494 LYS A CG  1 
ATOM   497  C CD  . LYS A 1 61  ? 5.328   -7.920  -22.816 1.00 50.22 ? 494 LYS A CD  1 
ATOM   498  C CE  . LYS A 1 61  ? 4.530   -9.217  -22.764 1.00 52.38 ? 494 LYS A CE  1 
ATOM   499  N NZ  . LYS A 1 61  ? 5.001   -10.133 -21.686 1.00 47.84 ? 494 LYS A NZ  1 
ATOM   500  N N   . ASP A 1 62  ? 3.960   -7.257  -18.268 1.00 39.01 ? 495 ASP A N   1 
ATOM   501  C CA  . ASP A 1 62  ? 3.687   -8.274  -17.256 1.00 37.99 ? 495 ASP A CA  1 
ATOM   502  C C   . ASP A 1 62  ? 2.834   -7.763  -16.099 1.00 40.51 ? 495 ASP A C   1 
ATOM   503  O O   . ASP A 1 62  ? 2.500   -8.554  -15.205 1.00 34.25 ? 495 ASP A O   1 
ATOM   504  C CB  . ASP A 1 62  ? 5.006   -8.833  -16.703 1.00 43.72 ? 495 ASP A CB  1 
ATOM   505  C CG  . ASP A 1 62  ? 5.713   -9.768  -17.685 1.00 49.82 ? 495 ASP A CG  1 
ATOM   506  O OD1 . ASP A 1 62  ? 5.181   -9.983  -18.797 1.00 48.60 ? 495 ASP A OD1 1 
ATOM   507  O OD2 . ASP A 1 62  ? 6.799   -10.294 -17.347 1.00 46.35 ? 495 ASP A OD2 1 
ATOM   508  N N   . VAL A 1 63  ? 2.466   -6.481  -16.089 1.00 35.94 ? 496 VAL A N   1 
ATOM   509  C CA  . VAL A 1 63  ? 1.808   -5.906  -14.924 1.00 31.33 ? 496 VAL A CA  1 
ATOM   510  C C   . VAL A 1 63  ? 0.358   -6.375  -14.867 1.00 30.85 ? 496 VAL A C   1 
ATOM   511  O O   . VAL A 1 63  ? -0.329  -6.476  -15.893 1.00 31.76 ? 496 VAL A O   1 
ATOM   512  C CB  . VAL A 1 63  ? 1.922   -4.372  -14.960 1.00 29.35 ? 496 VAL A CB  1 
ATOM   513  C CG1 . VAL A 1 63  ? 1.016   -3.786  -16.032 1.00 31.13 ? 496 VAL A CG1 1 
ATOM   514  C CG2 . VAL A 1 63  ? 1.645   -3.771  -13.585 1.00 26.10 ? 496 VAL A CG2 1 
ATOM   515  N N   . GLU A 1 64  ? -0.111  -6.687  -13.661 1.00 29.15 ? 497 GLU A N   1 
ATOM   516  C CA  . GLU A 1 64  ? -1.444  -7.258  -13.460 1.00 28.95 ? 497 GLU A CA  1 
ATOM   517  C C   . GLU A 1 64  ? -2.216  -6.381  -12.480 1.00 24.15 ? 497 GLU A C   1 
ATOM   518  O O   . GLU A 1 64  ? -2.123  -6.552  -11.263 1.00 26.57 ? 497 GLU A O   1 
ATOM   519  C CB  . GLU A 1 64  ? -1.338  -8.696  -12.969 1.00 34.95 ? 497 GLU A CB  1 
ATOM   520  C CG  . GLU A 1 64  ? -2.653  -9.470  -12.982 1.00 39.67 ? 497 GLU A CG  1 
ATOM   521  C CD  . GLU A 1 64  ? -2.436  -10.976 -12.863 1.00 43.73 ? 497 GLU A CD  1 
ATOM   522  O OE1 . GLU A 1 64  ? -1.260  -11.418 -12.886 1.00 45.03 ? 497 GLU A OE1 1 
ATOM   523  O OE2 . GLU A 1 64  ? -3.439  -11.711 -12.746 1.00 48.94 ? 497 GLU A OE2 1 
ATOM   524  N N   . PHE A 1 65  ? -2.979  -5.435  -13.009 1.00 23.56 ? 498 PHE A N   1 
ATOM   525  C CA  . PHE A 1 65  ? -3.788  -4.598  -12.147 1.00 26.27 ? 498 PHE A CA  1 
ATOM   526  C C   . PHE A 1 65  ? -4.972  -5.397  -11.597 1.00 29.94 ? 498 PHE A C   1 
ATOM   527  O O   . PHE A 1 65  ? -5.421  -6.365  -12.217 1.00 29.02 ? 498 PHE A O   1 
ATOM   528  C CB  . PHE A 1 65  ? -4.282  -3.382  -12.911 1.00 23.47 ? 498 PHE A CB  1 
ATOM   529  C CG  . PHE A 1 65  ? -3.183  -2.488  -13.377 1.00 25.60 ? 498 PHE A CG  1 
ATOM   530  C CD1 . PHE A 1 65  ? -2.434  -1.761  -12.465 1.00 21.17 ? 498 PHE A CD1 1 
ATOM   531  C CD2 . PHE A 1 65  ? -2.888  -2.378  -14.728 1.00 22.58 ? 498 PHE A CD2 1 
ATOM   532  C CE1 . PHE A 1 65  ? -1.396  -0.933  -12.893 1.00 23.00 ? 498 PHE A CE1 1 
ATOM   533  C CE2 . PHE A 1 65  ? -1.864  -1.550  -15.164 1.00 25.97 ? 498 PHE A CE2 1 
ATOM   534  C CZ  . PHE A 1 65  ? -1.111  -0.825  -14.236 1.00 24.14 ? 498 PHE A CZ  1 
ATOM   535  N N   . PRO A 1 66  ? -5.488  -5.026  -10.430 1.00 28.02 ? 499 PRO A N   1 
ATOM   536  C CA  . PRO A 1 66  ? -6.689  -5.702  -9.936  1.00 29.84 ? 499 PRO A CA  1 
ATOM   537  C C   . PRO A 1 66  ? -7.893  -5.324  -10.777 1.00 28.07 ? 499 PRO A C   1 
ATOM   538  O O   . PRO A 1 66  ? -7.955  -4.241  -11.367 1.00 29.64 ? 499 PRO A O   1 
ATOM   539  C CB  . PRO A 1 66  ? -6.828  -5.209  -8.489  1.00 33.54 ? 499 PRO A CB  1 
ATOM   540  C CG  . PRO A 1 66  ? -5.907  -4.066  -8.332  1.00 28.78 ? 499 PRO A CG  1 
ATOM   541  C CD  . PRO A 1 66  ? -5.100  -3.879  -9.590  1.00 30.24 ? 499 PRO A CD  1 
ATOM   542  N N   . ASN A 1 67  ? -8.852  -6.250  -10.844 1.00 34.35 ? 500 ASN A N   1 
ATOM   543  C CA  . ASN A 1 67  ? -10.066 -6.005  -11.617 1.00 34.29 ? 500 ASN A CA  1 
ATOM   544  C C   . ASN A 1 67  ? -10.836 -4.815  -11.055 1.00 30.24 ? 500 ASN A C   1 
ATOM   545  O O   . ASN A 1 67  ? -11.381 -4.000  -11.807 1.00 30.27 ? 500 ASN A O   1 
ATOM   546  C CB  . ASN A 1 67  ? -10.933 -7.261  -11.623 1.00 38.36 ? 500 ASN A CB  1 
ATOM   547  C CG  . ASN A 1 67  ? -11.989 -7.236  -12.707 1.00 46.06 ? 500 ASN A CG  1 
ATOM   548  O OD1 . ASN A 1 67  ? -11.760 -6.706  -13.797 1.00 52.57 ? 500 ASN A OD1 1 
ATOM   549  N ND2 . ASN A 1 67  ? -13.155 -7.811  -12.417 1.00 38.58 ? 500 ASN A ND2 1 
ATOM   550  N N   . ASP A 1 68  ? -10.831 -4.672  -9.734  1.00 29.37 ? 501 ASP A N   1 
ATOM   551  C CA  . ASP A 1 68  ? -11.586 -3.663  -9.016  1.00 29.68 ? 501 ASP A CA  1 
ATOM   552  C C   . ASP A 1 68  ? -10.754 -3.177  -7.838  1.00 26.24 ? 501 ASP A C   1 
ATOM   553  O O   . ASP A 1 68  ? -9.902  -3.904  -7.316  1.00 24.38 ? 501 ASP A O   1 
ATOM   554  C CB  . ASP A 1 68  ? -12.921 -4.240  -8.534  1.00 33.26 ? 501 ASP A CB  1 
ATOM   555  C CG  . ASP A 1 68  ? -12.740 -5.537  -7.753  1.00 38.31 ? 501 ASP A CG  1 
ATOM   556  O OD1 . ASP A 1 68  ? -12.333 -5.463  -6.572  1.00 39.90 ? 501 ASP A OD1 1 
ATOM   557  O OD2 . ASP A 1 68  ? -12.991 -6.634  -8.315  1.00 41.79 ? 501 ASP A OD2 1 
ATOM   558  N N   . TYR A 1 69  ? -10.999 -1.939  -7.436  1.00 22.28 ? 502 TYR A N   1 
ATOM   559  C CA  . TYR A 1 69  ? -10.234 -1.295  -6.376  1.00 19.98 ? 502 TYR A CA  1 
ATOM   560  C C   . TYR A 1 69  ? -11.152 -1.025  -5.193  1.00 21.54 ? 502 TYR A C   1 
ATOM   561  O O   . TYR A 1 69  ? -11.650 0.094   -5.048  1.00 22.19 ? 502 TYR A O   1 
ATOM   562  C CB  . TYR A 1 69  ? -9.609  0.012   -6.868  1.00 20.09 ? 502 TYR A CB  1 
ATOM   563  C CG  . TYR A 1 69  ? -8.506  -0.175  -7.891  1.00 18.91 ? 502 TYR A CG  1 
ATOM   564  C CD1 . TYR A 1 69  ? -7.205  -0.463  -7.491  1.00 17.36 ? 502 TYR A CD1 1 
ATOM   565  C CD2 . TYR A 1 69  ? -8.766  -0.059  -9.254  1.00 21.45 ? 502 TYR A CD2 1 
ATOM   566  C CE1 . TYR A 1 69  ? -6.182  -0.625  -8.426  1.00 19.61 ? 502 TYR A CE1 1 
ATOM   567  C CE2 . TYR A 1 69  ? -7.747  -0.227  -10.201 1.00 20.76 ? 502 TYR A CE2 1 
ATOM   568  C CZ  . TYR A 1 69  ? -6.462  -0.509  -9.779  1.00 23.54 ? 502 TYR A CZ  1 
ATOM   569  O OH  . TYR A 1 69  ? -5.442  -0.676  -10.702 1.00 23.61 ? 502 TYR A OH  1 
ATOM   570  N N   . PRO A 1 70  ? -11.379 -2.013  -4.329  1.00 21.48 ? 503 PRO A N   1 
ATOM   571  C CA  . PRO A 1 70  ? -12.394 -1.863  -3.282  1.00 24.11 ? 503 PRO A CA  1 
ATOM   572  C C   . PRO A 1 70  ? -12.007 -0.772  -2.308  1.00 24.23 ? 503 PRO A C   1 
ATOM   573  O O   . PRO A 1 70  ? -10.840 -0.645  -1.930  1.00 19.09 ? 503 PRO A O   1 
ATOM   574  C CB  . PRO A 1 70  ? -12.404 -3.232  -2.603  1.00 23.71 ? 503 PRO A CB  1 
ATOM   575  C CG  . PRO A 1 70  ? -11.029 -3.758  -2.816  1.00 23.27 ? 503 PRO A CG  1 
ATOM   576  C CD  . PRO A 1 70  ? -10.627 -3.268  -4.192  1.00 27.45 ? 503 PRO A CD  1 
ATOM   577  N N   . SER A 1 71  ? -13.000 0.002   -1.882  1.00 24.48 ? 504 SER A N   1 
ATOM   578  C CA  . SER A 1 71  ? -12.786 1.049   -0.900  1.00 21.73 ? 504 SER A CA  1 
ATOM   579  C C   . SER A 1 71  ? -13.279 0.616   0.480   1.00 23.10 ? 504 SER A C   1 
ATOM   580  O O   . SER A 1 71  ? -14.090 -0.304  0.630   1.00 25.37 ? 504 SER A O   1 
ATOM   581  C CB  . SER A 1 71  ? -13.479 2.348   -1.326  1.00 30.69 ? 504 SER A CB  1 
ATOM   582  O OG  . SER A 1 71  ? -12.720 3.019   -2.326  1.00 33.42 ? 504 SER A OG  1 
ATOM   583  N N   . GLY A 1 72  ? -12.752 1.296   1.493   1.00 20.21 ? 505 GLY A N   1 
ATOM   584  C CA  . GLY A 1 72  ? -13.185 1.124   2.865   1.00 19.69 ? 505 GLY A CA  1 
ATOM   585  C C   . GLY A 1 72  ? -12.944 -0.258  3.427   1.00 22.19 ? 505 GLY A C   1 
ATOM   586  O O   . GLY A 1 72  ? -13.778 -0.767  4.190   1.00 19.90 ? 505 GLY A O   1 
ATOM   587  N N   . CYS A 1 73  ? -11.819 -0.877  3.083   1.00 15.21 ? 506 CYS A N   1 
ATOM   588  C CA  . CYS A 1 73  ? -11.550 -2.213  3.587   1.00 17.09 ? 506 CYS A CA  1 
ATOM   589  C C   . CYS A 1 73  ? -10.055 -2.437  3.775   1.00 17.42 ? 506 CYS A C   1 
ATOM   590  O O   . CYS A 1 73  ? -9.206  -1.757  3.182   1.00 14.40 ? 506 CYS A O   1 
ATOM   591  C CB  . CYS A 1 73  ? -12.126 -3.288  2.657   1.00 20.47 ? 506 CYS A CB  1 
ATOM   592  S SG  . CYS A 1 73  ? -11.594 -3.105  0.951   1.00 28.37 ? 506 CYS A SG  1 
ATOM   593  N N   . LEU A 1 74  ? -9.757  -3.412  4.622   1.00 14.25 ? 507 LEU A N   1 
ATOM   594  C CA  . LEU A 1 74  ? -8.398  -3.867  4.845   1.00 14.31 ? 507 LEU A CA  1 
ATOM   595  C C   . LEU A 1 74  ? -7.994  -4.752  3.678   1.00 13.58 ? 507 LEU A C   1 
ATOM   596  O O   . LEU A 1 74  ? -8.734  -5.673  3.318   1.00 15.85 ? 507 LEU A O   1 
ATOM   597  C CB  . LEU A 1 74  ? -8.334  -4.635  6.161   1.00 14.12 ? 507 LEU A CB  1 
ATOM   598  C CG  . LEU A 1 74  ? -7.052  -5.111  6.829   1.00 20.94 ? 507 LEU A CG  1 
ATOM   599  C CD1 . LEU A 1 74  ? -6.216  -3.922  7.188   1.00 18.51 ? 507 LEU A CD1 1 
ATOM   600  C CD2 . LEU A 1 74  ? -7.435  -5.875  8.108   1.00 15.50 ? 507 LEU A CD2 1 
ATOM   601  N N   . LEU A 1 75  ? -6.807  -4.495  3.108   1.00 10.90 ? 508 LEU A N   1 
ATOM   602  C CA  . LEU A 1 75  ? -6.384  -5.095  1.842   1.00 15.26 ? 508 LEU A CA  1 
ATOM   603  C C   . LEU A 1 75  ? -5.275  -6.129  1.965   1.00 13.39 ? 508 LEU A C   1 
ATOM   604  O O   . LEU A 1 75  ? -5.233  -7.066  1.165   1.00 14.45 ? 508 LEU A O   1 
ATOM   605  C CB  . LEU A 1 75  ? -5.882  -4.015  0.868   1.00 14.48 ? 508 LEU A CB  1 
ATOM   606  C CG  . LEU A 1 75  ? -6.782  -2.869  0.430   1.00 16.41 ? 508 LEU A CG  1 
ATOM   607  C CD1 . LEU A 1 75  ? -6.025  -2.031  -0.632  1.00 14.54 ? 508 LEU A CD1 1 
ATOM   608  C CD2 . LEU A 1 75  ? -8.082  -3.384  -0.113  1.00 20.27 ? 508 LEU A CD2 1 
ATOM   609  N N   . GLY A 1 76  ? -4.364  -5.958  2.909   1.00 14.95 ? 509 GLY A N   1 
ATOM   610  C CA  . GLY A 1 76  ? -3.180  -6.797  3.011   1.00 16.57 ? 509 GLY A CA  1 
ATOM   611  C C   . GLY A 1 76  ? -2.088  -6.042  3.746   1.00 13.78 ? 509 GLY A C   1 
ATOM   612  O O   . GLY A 1 76  ? -2.369  -5.175  4.574   1.00 11.03 ? 509 GLY A O   1 
ATOM   613  N N   . CYS A 1 77  ? -0.840  -6.382  3.437   1.00 10.39 ? 510 CYS A N   1 
ATOM   614  C CA  . CYS A 1 77  ? 0.241   -5.764  4.198   1.00 11.76 ? 510 CYS A CA  1 
ATOM   615  C C   . CYS A 1 77  ? 1.516   -5.683  3.362   1.00 15.57 ? 510 CYS A C   1 
ATOM   616  O O   . CYS A 1 77  ? 1.630   -6.284  2.289   1.00 12.05 ? 510 CYS A O   1 
ATOM   617  C CB  . CYS A 1 77  ? 0.494   -6.521  5.507   1.00 15.32 ? 510 CYS A CB  1 
ATOM   618  S SG  . CYS A 1 77  ? 0.970   -8.266  5.246   1.00 19.79 ? 510 CYS A SG  1 
ATOM   619  N N   . VAL A 1 78  ? 2.470   -4.889  3.872   1.00 14.61 ? 511 VAL A N   1 
ATOM   620  C CA  . VAL A 1 78  ? 3.830   -4.801  3.347   1.00 13.76 ? 511 VAL A CA  1 
ATOM   621  C C   . VAL A 1 78  ? 4.784   -4.765  4.537   1.00 15.64 ? 511 VAL A C   1 
ATOM   622  O O   . VAL A 1 78  ? 4.366   -4.645  5.693   1.00 15.91 ? 511 VAL A O   1 
ATOM   623  C CB  . VAL A 1 78  ? 4.040   -3.559  2.457   1.00 17.18 ? 511 VAL A CB  1 
ATOM   624  C CG1 . VAL A 1 78  ? 3.081   -3.561  1.301   1.00 16.28 ? 511 VAL A CG1 1 
ATOM   625  C CG2 . VAL A 1 78  ? 3.885   -2.274  3.282   1.00 14.37 ? 511 VAL A CG2 1 
ATOM   626  N N   . ASP A 1 79  ? 6.075   -4.902  4.250   1.00 15.43 ? 512 ASP A N   1 
ATOM   627  C CA  . ASP A 1 79  ? 7.127   -4.662  5.235   1.00 16.75 ? 512 ASP A CA  1 
ATOM   628  C C   . ASP A 1 79  ? 7.711   -3.272  4.995   1.00 17.13 ? 512 ASP A C   1 
ATOM   629  O O   . ASP A 1 79  ? 8.257   -3.006  3.920   1.00 16.45 ? 512 ASP A O   1 
ATOM   630  C CB  . ASP A 1 79  ? 8.241   -5.705  5.140   1.00 21.46 ? 512 ASP A CB  1 
ATOM   631  C CG  . ASP A 1 79  ? 7.930   -6.998  5.888   1.00 24.63 ? 512 ASP A CG  1 
ATOM   632  O OD1 . ASP A 1 79  ? 6.992   -7.050  6.722   1.00 23.53 ? 512 ASP A OD1 1 
ATOM   633  O OD2 . ASP A 1 79  ? 8.668   -7.981  5.647   1.00 28.24 ? 512 ASP A OD2 1 
ATOM   634  N N   . LEU A 1 80  ? 7.608   -2.398  5.997   1.00 15.69 ? 513 LEU A N   1 
ATOM   635  C CA  . LEU A 1 80  ? 8.155   -1.045  5.924   1.00 15.98 ? 513 LEU A CA  1 
ATOM   636  C C   . LEU A 1 80  ? 9.640   -1.113  6.291   1.00 15.98 ? 513 LEU A C   1 
ATOM   637  O O   . LEU A 1 80  ? 10.004  -1.169  7.464   1.00 15.06 ? 513 LEU A O   1 
ATOM   638  C CB  . LEU A 1 80  ? 7.376   -0.119  6.853   1.00 16.65 ? 513 LEU A CB  1 
ATOM   639  C CG  . LEU A 1 80  ? 7.811   1.346   6.925   1.00 21.41 ? 513 LEU A CG  1 
ATOM   640  C CD1 . LEU A 1 80  ? 8.030   1.861   5.549   1.00 22.80 ? 513 LEU A CD1 1 
ATOM   641  C CD2 . LEU A 1 80  ? 6.779   2.228   7.675   1.00 16.57 ? 513 LEU A CD2 1 
ATOM   642  N N   . ILE A 1 81  ? 10.502  -1.136  5.279   1.00 13.95 ? 514 ILE A N   1 
ATOM   643  C CA  . ILE A 1 81  ? 11.912  -1.472  5.496   1.00 14.66 ? 514 ILE A CA  1 
ATOM   644  C C   . ILE A 1 81  ? 12.714  -0.267  5.943   1.00 16.55 ? 514 ILE A C   1 
ATOM   645  O O   . ILE A 1 81  ? 13.687  -0.410  6.698   1.00 17.93 ? 514 ILE A O   1 
ATOM   646  C CB  . ILE A 1 81  ? 12.486  -2.089  4.212   1.00 18.21 ? 514 ILE A CB  1 
ATOM   647  C CG1 . ILE A 1 81  ? 11.788  -3.429  3.946   1.00 23.00 ? 514 ILE A CG1 1 
ATOM   648  C CG2 . ILE A 1 81  ? 13.993  -2.263  4.308   1.00 23.95 ? 514 ILE A CG2 1 
ATOM   649  C CD1 . ILE A 1 81  ? 12.378  -4.593  4.711   1.00 25.31 ? 514 ILE A CD1 1 
ATOM   650  N N   . ASP A 1 82  ? 12.339  0.925   5.486   1.00 17.34 ? 515 ASP A N   1 
ATOM   651  C CA  . ASP A 1 82  ? 13.046  2.155   5.828   1.00 14.92 ? 515 ASP A CA  1 
ATOM   652  C C   . ASP A 1 82  ? 12.140  3.327   5.487   1.00 17.62 ? 515 ASP A C   1 
ATOM   653  O O   . ASP A 1 82  ? 11.270  3.216   4.621   1.00 15.30 ? 515 ASP A O   1 
ATOM   654  C CB  . ASP A 1 82  ? 14.373  2.291   5.067   1.00 20.84 ? 515 ASP A CB  1 
ATOM   655  C CG  . ASP A 1 82  ? 15.388  3.161   5.797   1.00 24.87 ? 515 ASP A CG  1 
ATOM   656  O OD1 . ASP A 1 82  ? 15.082  3.674   6.910   1.00 23.04 ? 515 ASP A OD1 1 
ATOM   657  O OD2 . ASP A 1 82  ? 16.499  3.324   5.250   1.00 29.82 ? 515 ASP A OD2 1 
ATOM   658  N N   . CYS A 1 83  ? 12.341  4.440   6.192   1.00 16.24 ? 516 CYS A N   1 
ATOM   659  C CA  . CYS A 1 83  ? 11.654  5.703   5.925   1.00 14.67 ? 516 CYS A CA  1 
ATOM   660  C C   . CYS A 1 83  ? 12.749  6.750   5.758   1.00 16.72 ? 516 CYS A C   1 
ATOM   661  O O   . CYS A 1 83  ? 13.446  7.063   6.723   1.00 14.61 ? 516 CYS A O   1 
ATOM   662  C CB  . CYS A 1 83  ? 10.699  6.066   7.065   1.00 13.22 ? 516 CYS A CB  1 
ATOM   663  S SG  . CYS A 1 83  ? 9.816   7.648   6.860   1.00 18.57 ? 516 CYS A SG  1 
ATOM   664  N N   . LEU A 1 84  ? 12.933  7.243   4.535   1.00 14.33 ? 517 LEU A N   1 
ATOM   665  C CA  . LEU A 1 84  ? 14.022  8.149   4.192   1.00 15.48 ? 517 LEU A CA  1 
ATOM   666  C C   . LEU A 1 84  ? 13.509  9.531   3.826   1.00 15.09 ? 517 LEU A C   1 
ATOM   667  O O   . LEU A 1 84  ? 12.441  9.671   3.227   1.00 13.73 ? 517 LEU A O   1 
ATOM   668  C CB  . LEU A 1 84  ? 14.813  7.631   2.999   1.00 19.54 ? 517 LEU A CB  1 
ATOM   669  C CG  . LEU A 1 84  ? 15.222  6.170   3.060   1.00 22.99 ? 517 LEU A CG  1 
ATOM   670  C CD1 . LEU A 1 84  ? 15.343  5.705   1.649   1.00 26.01 ? 517 LEU A CD1 1 
ATOM   671  C CD2 . LEU A 1 84  ? 16.534  6.057   3.787   1.00 28.09 ? 517 LEU A CD2 1 
ATOM   672  N N   . SER A 1 85  ? 14.310  10.549  4.145   1.00 11.91 ? 518 SER A N   1 
ATOM   673  C CA  . SER A 1 85  ? 14.065  11.880  3.609   1.00 11.69 ? 518 SER A CA  1 
ATOM   674  C C   . SER A 1 85  ? 14.129  11.851  2.083   1.00 12.79 ? 518 SER A C   1 
ATOM   675  O O   . SER A 1 85  ? 14.806  11.016  1.480   1.00 10.19 ? 518 SER A O   1 
ATOM   676  C CB  . SER A 1 85  ? 15.115  12.859  4.131   1.00 18.16 ? 518 SER A CB  1 
ATOM   677  O OG  . SER A 1 85  ? 16.402  12.529  3.594   1.00 14.08 ? 518 SER A OG  1 
ATOM   678  N N   . GLN A 1 86  ? 13.448  12.806  1.457   1.00 15.07 ? 519 GLN A N   1 
ATOM   679  C CA  . GLN A 1 86  ? 13.474  12.889  -0.002  1.00 14.86 ? 519 GLN A CA  1 
ATOM   680  C C   . GLN A 1 86  ? 14.906  13.051  -0.521  1.00 16.59 ? 519 GLN A C   1 
ATOM   681  O O   . GLN A 1 86  ? 15.272  12.456  -1.543  1.00 13.99 ? 519 GLN A O   1 
ATOM   682  C CB  . GLN A 1 86  ? 12.563  14.033  -0.461  1.00 18.84 ? 519 GLN A CB  1 
ATOM   683  C CG  . GLN A 1 86  ? 12.645  14.398  -1.944  1.00 14.63 ? 519 GLN A CG  1 
ATOM   684  C CD  . GLN A 1 86  ? 12.107  13.340  -2.875  1.00 17.07 ? 519 GLN A CD  1 
ATOM   685  O OE1 . GLN A 1 86  ? 12.580  13.213  -4.002  1.00 22.64 ? 519 GLN A OE1 1 
ATOM   686  N NE2 . GLN A 1 86  ? 11.108  12.591  -2.434  1.00 15.93 ? 519 GLN A NE2 1 
ATOM   687  N N   . LYS A 1 87  ? 15.747  13.806  0.201   1.00 15.21 ? 520 LYS A N   1 
ATOM   688  C CA  . LYS A 1 87  ? 17.132  14.008  -0.228  1.00 17.35 ? 520 LYS A CA  1 
ATOM   689  C C   . LYS A 1 87  ? 17.898  12.689  -0.260  1.00 17.53 ? 520 LYS A C   1 
ATOM   690  O O   . LYS A 1 87  ? 18.613  12.390  -1.226  1.00 17.11 ? 520 LYS A O   1 
ATOM   691  C CB  . LYS A 1 87  ? 17.834  14.996  0.706   1.00 18.44 ? 520 LYS A CB  1 
ATOM   692  C CG  . LYS A 1 87  ? 19.319  15.177  0.406   1.00 22.79 ? 520 LYS A CG  1 
ATOM   693  C CD  . LYS A 1 87  ? 20.063  15.773  1.600   1.00 26.73 ? 520 LYS A CD  1 
ATOM   694  C CE  . LYS A 1 87  ? 20.107  14.787  2.765   1.00 30.38 ? 520 LYS A CE  1 
ATOM   695  N NZ  . LYS A 1 87  ? 20.539  15.408  4.042   1.00 29.56 ? 520 LYS A NZ  1 
ATOM   696  N N   . GLN A 1 88  ? 17.784  11.898  0.806   1.00 15.71 ? 521 GLN A N   1 
ATOM   697  C CA  . GLN A 1 88  ? 18.504  10.629  0.851   1.00 14.56 ? 521 GLN A CA  1 
ATOM   698  C C   . GLN A 1 88  ? 17.933  9.657   -0.166  1.00 15.90 ? 521 GLN A C   1 
ATOM   699  O O   . GLN A 1 88  ? 18.680  8.901   -0.800  1.00 16.21 ? 521 GLN A O   1 
ATOM   700  C CB  . GLN A 1 88  ? 18.457  10.030  2.267   1.00 19.11 ? 521 GLN A CB  1 
ATOM   701  C CG  . GLN A 1 88  ? 18.994  8.581   2.342   1.00 22.94 ? 521 GLN A CG  1 
ATOM   702  C CD  . GLN A 1 88  ? 19.208  8.034   3.774   1.00 37.74 ? 521 GLN A CD  1 
ATOM   703  O OE1 . GLN A 1 88  ? 18.862  8.673   4.772   1.00 31.94 ? 521 GLN A OE1 1 
ATOM   704  N NE2 . GLN A 1 88  ? 19.786  6.828   3.862   1.00 31.62 ? 521 GLN A NE2 1 
ATOM   705  N N   . PHE A 1 89  ? 16.607  9.662   -0.328  1.00 15.34 ? 522 PHE A N   1 
ATOM   706  C CA  . PHE A 1 89  ? 15.969  8.846   -1.358  1.00 14.37 ? 522 PHE A CA  1 
ATOM   707  C C   . PHE A 1 89  ? 16.539  9.147   -2.742  1.00 16.27 ? 522 PHE A C   1 
ATOM   708  O O   . PHE A 1 89  ? 16.952  8.233   -3.466  1.00 18.72 ? 522 PHE A O   1 
ATOM   709  C CB  . PHE A 1 89  ? 14.457  9.080   -1.340  1.00 14.26 ? 522 PHE A CB  1 
ATOM   710  C CG  . PHE A 1 89  ? 13.703  8.184   -2.266  1.00 15.44 ? 522 PHE A CG  1 
ATOM   711  C CD1 . PHE A 1 89  ? 13.873  6.813   -2.209  1.00 14.78 ? 522 PHE A CD1 1 
ATOM   712  C CD2 . PHE A 1 89  ? 12.802  8.706   -3.174  1.00 16.13 ? 522 PHE A CD2 1 
ATOM   713  C CE1 . PHE A 1 89  ? 13.157  5.978   -3.058  1.00 16.29 ? 522 PHE A CE1 1 
ATOM   714  C CE2 . PHE A 1 89  ? 12.079  7.872   -4.008  1.00 15.57 ? 522 PHE A CE2 1 
ATOM   715  C CZ  . PHE A 1 89  ? 12.285  6.517   -3.968  1.00 15.24 ? 522 PHE A CZ  1 
ATOM   716  N N   . LYS A 1 90  ? 16.574  10.425  -3.132  1.00 15.91 ? 523 LYS A N   1 
ATOM   717  C CA  . LYS A 1 90  ? 17.145  10.769  -4.440  1.00 18.50 ? 523 LYS A CA  1 
ATOM   718  C C   . LYS A 1 90  ? 18.579  10.284  -4.551  1.00 19.92 ? 523 LYS A C   1 
ATOM   719  O O   . LYS A 1 90  ? 18.988  9.754   -5.589  1.00 23.94 ? 523 LYS A O   1 
ATOM   720  C CB  . LYS A 1 90  ? 17.121  12.276  -4.675  1.00 20.85 ? 523 LYS A CB  1 
ATOM   721  C CG  . LYS A 1 90  ? 15.778  12.935  -4.761  1.00 24.13 ? 523 LYS A CG  1 
ATOM   722  C CD  . LYS A 1 90  ? 16.005  14.415  -5.057  1.00 25.60 ? 523 LYS A CD  1 
ATOM   723  C CE  . LYS A 1 90  ? 14.848  15.285  -4.597  1.00 27.33 ? 523 LYS A CE  1 
ATOM   724  N NZ  . LYS A 1 90  ? 13.568  14.975  -5.283  1.00 32.85 ? 523 LYS A NZ  1 
ATOM   725  N N   . GLU A 1 91  ? 19.353  10.442  -3.480  1.00 19.59 ? 524 GLU A N   1 
ATOM   726  C CA  . GLU A 1 91  ? 20.776  10.129  -3.530  1.00 21.99 ? 524 GLU A CA  1 
ATOM   727  C C   . GLU A 1 91  ? 21.030  8.627   -3.545  1.00 25.34 ? 524 GLU A C   1 
ATOM   728  O O   . GLU A 1 91  ? 21.913  8.145   -4.269  1.00 26.37 ? 524 GLU A O   1 
ATOM   729  C CB  . GLU A 1 91  ? 21.479  10.781  -2.338  1.00 23.60 ? 524 GLU A CB  1 
ATOM   730  C CG  . GLU A 1 91  ? 22.878  10.279  -2.083  1.00 30.85 ? 524 GLU A CG  1 
ATOM   731  C CD  . GLU A 1 91  ? 23.789  11.376  -1.589  1.00 42.38 ? 524 GLU A CD  1 
ATOM   732  O OE1 . GLU A 1 91  ? 23.727  12.486  -2.162  1.00 50.99 ? 524 GLU A OE1 1 
ATOM   733  O OE2 . GLU A 1 91  ? 24.557  11.138  -0.628  1.00 45.81 ? 524 GLU A OE2 1 
ATOM   734  N N   . GLN A 1 92  ? 20.268  7.869   -2.758  1.00 20.50 ? 525 GLN A N   1 
ATOM   735  C CA  . GLN A 1 92  ? 20.572  6.470   -2.504  1.00 22.14 ? 525 GLN A CA  1 
ATOM   736  C C   . GLN A 1 92  ? 19.782  5.518   -3.391  1.00 22.53 ? 525 GLN A C   1 
ATOM   737  O O   . GLN A 1 92  ? 20.233  4.391   -3.621  1.00 21.46 ? 525 GLN A O   1 
ATOM   738  C CB  . GLN A 1 92  ? 20.311  6.174   -1.016  1.00 27.32 ? 525 GLN A CB  1 
ATOM   739  C CG  . GLN A 1 92  ? 20.719  4.814   -0.445  1.00 32.37 ? 525 GLN A CG  1 
ATOM   740  C CD  . GLN A 1 92  ? 20.468  4.752   1.083   1.00 39.18 ? 525 GLN A CD  1 
ATOM   741  O OE1 . GLN A 1 92  ? 20.952  5.602   1.836   1.00 45.69 ? 525 GLN A OE1 1 
ATOM   742  N NE2 . GLN A 1 92  ? 19.688  3.766   1.530   1.00 34.35 ? 525 GLN A NE2 1 
ATOM   743  N N   . PHE A 1 93  ? 18.648  5.957   -3.939  1.00 19.63 ? 526 PHE A N   1 
ATOM   744  C CA  . PHE A 1 93  ? 17.776  5.118   -4.762  1.00 20.69 ? 526 PHE A CA  1 
ATOM   745  C C   . PHE A 1 93  ? 17.582  5.728   -6.148  1.00 24.13 ? 526 PHE A C   1 
ATOM   746  O O   . PHE A 1 93  ? 16.441  5.958   -6.569  1.00 21.91 ? 526 PHE A O   1 
ATOM   747  C CB  . PHE A 1 93  ? 16.413  4.938   -4.090  1.00 20.43 ? 526 PHE A CB  1 
ATOM   748  C CG  . PHE A 1 93  ? 16.434  4.108   -2.836  1.00 16.64 ? 526 PHE A CG  1 
ATOM   749  C CD1 . PHE A 1 93  ? 16.954  4.614   -1.661  1.00 21.71 ? 526 PHE A CD1 1 
ATOM   750  C CD2 . PHE A 1 93  ? 15.898  2.824   -2.834  1.00 18.29 ? 526 PHE A CD2 1 
ATOM   751  C CE1 . PHE A 1 93  ? 16.954  3.855   -0.510  1.00 20.40 ? 526 PHE A CE1 1 
ATOM   752  C CE2 . PHE A 1 93  ? 15.886  2.065   -1.676  1.00 18.21 ? 526 PHE A CE2 1 
ATOM   753  C CZ  . PHE A 1 93  ? 16.414  2.591   -0.516  1.00 16.43 ? 526 PHE A CZ  1 
ATOM   754  N N   . PRO A 1 94  ? 18.663  5.990   -6.896  1.00 25.07 ? 527 PRO A N   1 
ATOM   755  C CA  . PRO A 1 94  ? 18.498  6.732   -8.162  1.00 29.58 ? 527 PRO A CA  1 
ATOM   756  C C   . PRO A 1 94  ? 17.648  6.008   -9.205  1.00 27.61 ? 527 PRO A C   1 
ATOM   757  O O   . PRO A 1 94  ? 17.067  6.668   -10.072 1.00 31.14 ? 527 PRO A O   1 
ATOM   758  C CB  . PRO A 1 94  ? 19.942  6.943   -8.642  1.00 29.28 ? 527 PRO A CB  1 
ATOM   759  C CG  . PRO A 1 94  ? 20.728  5.870   -7.994  1.00 29.00 ? 527 PRO A CG  1 
ATOM   760  C CD  . PRO A 1 94  ? 20.070  5.611   -6.663  1.00 29.03 ? 527 PRO A CD  1 
ATOM   761  N N   . ASP A 1 95  ? 17.506  4.687   -9.126  1.00 29.08 ? 528 ASP A N   1 
ATOM   762  C CA  . ASP A 1 95  ? 16.711  3.986   -10.133 1.00 33.37 ? 528 ASP A CA  1 
ATOM   763  C C   . ASP A 1 95  ? 15.212  4.214   -9.961  1.00 32.32 ? 528 ASP A C   1 
ATOM   764  O O   . ASP A 1 95  ? 14.464  4.146   -10.944 1.00 31.88 ? 528 ASP A O   1 
ATOM   765  C CB  . ASP A 1 95  ? 17.012  2.489   -10.101 1.00 39.82 ? 528 ASP A CB  1 
ATOM   766  C CG  . ASP A 1 95  ? 18.383  2.161   -10.651 1.00 45.85 ? 528 ASP A CG  1 
ATOM   767  O OD1 . ASP A 1 95  ? 19.072  3.088   -11.142 1.00 47.20 ? 528 ASP A OD1 1 
ATOM   768  O OD2 . ASP A 1 95  ? 18.770  0.972   -10.591 1.00 56.78 ? 528 ASP A OD2 1 
ATOM   769  N N   . ILE A 1 96  ? 14.745  4.474   -8.740  1.00 26.45 ? 529 ILE A N   1 
ATOM   770  C CA  . ILE A 1 96  ? 13.319  4.616   -8.475  1.00 22.02 ? 529 ILE A CA  1 
ATOM   771  C C   . ILE A 1 96  ? 12.958  5.946   -7.829  1.00 21.85 ? 529 ILE A C   1 
ATOM   772  O O   . ILE A 1 96  ? 11.791  6.152   -7.490  1.00 20.08 ? 529 ILE A O   1 
ATOM   773  C CB  . ILE A 1 96  ? 12.784  3.454   -7.610  1.00 31.21 ? 529 ILE A CB  1 
ATOM   774  C CG1 . ILE A 1 96  ? 13.356  3.538   -6.192  1.00 25.93 ? 529 ILE A CG1 1 
ATOM   775  C CG2 . ILE A 1 96  ? 13.098  2.092   -8.254  1.00 32.73 ? 529 ILE A CG2 1 
ATOM   776  C CD1 . ILE A 1 96  ? 12.704  2.568   -5.218  1.00 25.39 ? 529 ILE A CD1 1 
ATOM   777  N N   . SER A 1 97  ? 13.916  6.852   -7.630  1.00 20.86 ? 530 SER A N   1 
ATOM   778  C CA  . SER A 1 97  ? 13.589  8.094   -6.932  1.00 21.02 ? 530 SER A CA  1 
ATOM   779  C C   . SER A 1 97  ? 12.544  8.921   -7.682  1.00 20.50 ? 530 SER A C   1 
ATOM   780  O O   . SER A 1 97  ? 11.822  9.710   -7.058  1.00 20.58 ? 530 SER A O   1 
ATOM   781  C CB  . SER A 1 97  ? 14.860  8.910   -6.694  1.00 23.97 ? 530 SER A CB  1 
ATOM   782  O OG  . SER A 1 97  ? 15.451  9.277   -7.912  1.00 25.69 ? 530 SER A OG  1 
ATOM   783  N N   . GLN A 1 98  ? 12.416  8.733   -9.001  1.00 17.85 ? 531 GLN A N   1 
ATOM   784  C CA  . GLN A 1 98  ? 11.347  9.411   -9.734  1.00 20.66 ? 531 GLN A CA  1 
ATOM   785  C C   . GLN A 1 98  ? 9.947   8.976   -9.303  1.00 19.47 ? 531 GLN A C   1 
ATOM   786  O O   . GLN A 1 98  ? 8.971   9.636   -9.676  1.00 19.38 ? 531 GLN A O   1 
ATOM   787  C CB  . GLN A 1 98  ? 11.516  9.183   -11.241 1.00 19.89 ? 531 GLN A CB  1 
ATOM   788  C CG  . GLN A 1 98  ? 11.244  7.754   -11.693 1.00 19.40 ? 531 GLN A CG  1 
ATOM   789  C CD  . GLN A 1 98  ? 11.423  7.613   -13.196 1.00 20.43 ? 531 GLN A CD  1 
ATOM   790  O OE1 . GLN A 1 98  ? 11.704  8.593   -13.878 1.00 17.42 ? 531 GLN A OE1 1 
ATOM   791  N NE2 . GLN A 1 98  ? 11.270  6.397   -13.714 1.00 18.90 ? 531 GLN A NE2 1 
ATOM   792  N N   . GLU A 1 99  ? 9.811   7.914   -8.508  1.00 15.52 ? 532 GLU A N   1 
ATOM   793  C CA  . GLU A 1 99  ? 8.498   7.393   -8.151  1.00 16.27 ? 532 GLU A CA  1 
ATOM   794  C C   . GLU A 1 99  ? 7.888   8.048   -6.921  1.00 21.93 ? 532 GLU A C   1 
ATOM   795  O O   . GLU A 1 99  ? 6.759   7.697   -6.556  1.00 18.15 ? 532 GLU A O   1 
ATOM   796  C CB  . GLU A 1 99  ? 8.580   5.879   -7.949  1.00 20.30 ? 532 GLU A CB  1 
ATOM   797  C CG  . GLU A 1 99  ? 9.126   5.172   -9.179  1.00 22.27 ? 532 GLU A CG  1 
ATOM   798  C CD  . GLU A 1 99  ? 9.042   3.649   -9.106  1.00 29.08 ? 532 GLU A CD  1 
ATOM   799  O OE1 . GLU A 1 99  ? 8.412   3.114   -8.160  1.00 25.82 ? 532 GLU A OE1 1 
ATOM   800  O OE2 . GLU A 1 99  ? 9.615   2.993   -10.013 1.00 28.15 ? 532 GLU A OE2 1 
ATOM   801  N N   . SER A 1 100 ? 8.581   8.985   -6.279  1.00 16.64 ? 533 SER A N   1 
ATOM   802  C CA  . SER A 1 100 ? 7.933   9.797   -5.255  1.00 19.50 ? 533 SER A CA  1 
ATOM   803  C C   . SER A 1 100 ? 8.738   11.066  -5.046  1.00 20.06 ? 533 SER A C   1 
ATOM   804  O O   . SER A 1 100 ? 9.966   11.019  -4.940  1.00 16.49 ? 533 SER A O   1 
ATOM   805  C CB  . SER A 1 100 ? 7.783   9.063   -3.913  1.00 20.49 ? 533 SER A CB  1 
ATOM   806  O OG  . SER A 1 100 ? 7.265   9.943   -2.911  1.00 18.63 ? 533 SER A OG  1 
ATOM   807  N N   . ASP A 1 101 ? 8.032   12.190  -4.962  1.00 22.93 ? 534 ASP A N   1 
ATOM   808  C CA  . ASP A 1 101 ? 8.632   13.468  -4.601  1.00 23.36 ? 534 ASP A CA  1 
ATOM   809  C C   . ASP A 1 101 ? 8.208   13.955  -3.211  1.00 22.42 ? 534 ASP A C   1 
ATOM   810  O O   . ASP A 1 101 ? 8.343   15.145  -2.915  1.00 21.32 ? 534 ASP A O   1 
ATOM   811  C CB  . ASP A 1 101 ? 8.279   14.515  -5.655  1.00 29.44 ? 534 ASP A CB  1 
ATOM   812  C CG  . ASP A 1 101 ? 6.825   14.447  -6.065  1.00 35.71 ? 534 ASP A CG  1 
ATOM   813  O OD1 . ASP A 1 101 ? 5.953   14.379  -5.166  1.00 44.10 ? 534 ASP A OD1 1 
ATOM   814  O OD2 . ASP A 1 101 ? 6.550   14.458  -7.287  1.00 47.50 ? 534 ASP A OD2 1 
ATOM   815  N N   . SER A 1 102 ? 7.711   13.065  -2.349  1.00 17.07 ? 535 SER A N   1 
ATOM   816  C CA  . SER A 1 102 ? 7.216   13.471  -1.036  1.00 14.54 ? 535 SER A CA  1 
ATOM   817  C C   . SER A 1 102 ? 8.375   13.713  -0.077  1.00 15.97 ? 535 SER A C   1 
ATOM   818  O O   . SER A 1 102 ? 9.463   13.155  -0.251  1.00 15.12 ? 535 SER A O   1 
ATOM   819  C CB  . SER A 1 102 ? 6.297   12.408  -0.457  1.00 20.34 ? 535 SER A CB  1 
ATOM   820  O OG  . SER A 1 102 ? 5.117   12.262  -1.224  1.00 18.49 ? 535 SER A OG  1 
ATOM   821  N N   . PRO A 1 103 ? 8.165   14.529  0.964   1.00 14.82 ? 536 PRO A N   1 
ATOM   822  C CA  . PRO A 1 103 ? 9.264   14.805  1.906   1.00 13.44 ? 536 PRO A CA  1 
ATOM   823  C C   . PRO A 1 103 ? 9.827   13.566  2.580   1.00 13.92 ? 536 PRO A C   1 
ATOM   824  O O   . PRO A 1 103 ? 11.025  13.539  2.899   1.00 12.35 ? 536 PRO A O   1 
ATOM   825  C CB  . PRO A 1 103 ? 8.615   15.761  2.921   1.00 17.97 ? 536 PRO A CB  1 
ATOM   826  C CG  . PRO A 1 103 ? 7.542   16.458  2.121   1.00 17.77 ? 536 PRO A CG  1 
ATOM   827  C CD  . PRO A 1 103 ? 6.994   15.394  1.212   1.00 16.59 ? 536 PRO A CD  1 
ATOM   828  N N   . PHE A 1 104 ? 9.014   12.539  2.812   1.00 11.95 ? 537 PHE A N   1 
ATOM   829  C CA  . PHE A 1 104 ? 9.524   11.281  3.322   1.00 11.39 ? 537 PHE A CA  1 
ATOM   830  C C   . PHE A 1 104 ? 9.015   10.152  2.448   1.00 10.07 ? 537 PHE A C   1 
ATOM   831  O O   . PHE A 1 104 ? 7.901   10.201  1.924   1.00 13.76 ? 537 PHE A O   1 
ATOM   832  C CB  . PHE A 1 104 ? 9.133   11.060  4.787   1.00 13.87 ? 537 PHE A CB  1 
ATOM   833  C CG  . PHE A 1 104 ? 9.726   12.069  5.694   1.00 12.72 ? 537 PHE A CG  1 
ATOM   834  C CD1 . PHE A 1 104 ? 11.042  11.961  6.095   1.00 18.05 ? 537 PHE A CD1 1 
ATOM   835  C CD2 . PHE A 1 104 ? 8.999   13.172  6.085   1.00 17.10 ? 537 PHE A CD2 1 
ATOM   836  C CE1 . PHE A 1 104 ? 11.622  12.929  6.914   1.00 16.27 ? 537 PHE A CE1 1 
ATOM   837  C CE2 . PHE A 1 104 ? 9.567   14.138  6.900   1.00 18.58 ? 537 PHE A CE2 1 
ATOM   838  C CZ  . PHE A 1 104 ? 10.884  14.016  7.301   1.00 17.91 ? 537 PHE A CZ  1 
ATOM   839  N N   . VAL A 1 105 ? 9.825   9.118   2.317   1.00 7.24  ? 538 VAL A N   1 
ATOM   840  C CA  . VAL A 1 105 ? 9.506   8.030   1.406   1.00 13.47 ? 538 VAL A CA  1 
ATOM   841  C C   . VAL A 1 105 ? 9.593   6.725   2.185   1.00 14.77 ? 538 VAL A C   1 
ATOM   842  O O   . VAL A 1 105 ? 10.642  6.411   2.758   1.00 14.73 ? 538 VAL A O   1 
ATOM   843  C CB  . VAL A 1 105 ? 10.435  8.011   0.182   1.00 14.99 ? 538 VAL A CB  1 
ATOM   844  C CG1 . VAL A 1 105 ? 10.052  6.876   -0.743  1.00 14.58 ? 538 VAL A CG1 1 
ATOM   845  C CG2 . VAL A 1 105 ? 10.341  9.326   -0.570  1.00 15.48 ? 538 VAL A CG2 1 
ATOM   846  N N   . PHE A 1 106 ? 8.488   5.987   2.231   1.00 13.30 ? 539 PHE A N   1 
ATOM   847  C CA  . PHE A 1 106 ? 8.432   4.700   2.913   1.00 16.66 ? 539 PHE A CA  1 
ATOM   848  C C   . PHE A 1 106 ? 8.841   3.644   1.891   1.00 17.29 ? 539 PHE A C   1 
ATOM   849  O O   . PHE A 1 106 ? 8.185   3.506   0.854   1.00 15.72 ? 539 PHE A O   1 
ATOM   850  C CB  . PHE A 1 106 ? 7.028   4.371   3.440   1.00 15.88 ? 539 PHE A CB  1 
ATOM   851  C CG  . PHE A 1 106 ? 6.471   5.339   4.475   1.00 18.92 ? 539 PHE A CG  1 
ATOM   852  C CD1 . PHE A 1 106 ? 7.170   6.459   4.890   1.00 19.78 ? 539 PHE A CD1 1 
ATOM   853  C CD2 . PHE A 1 106 ? 5.217   5.107   5.031   1.00 25.72 ? 539 PHE A CD2 1 
ATOM   854  C CE1 . PHE A 1 106 ? 6.622   7.335   5.845   1.00 19.12 ? 539 PHE A CE1 1 
ATOM   855  C CE2 . PHE A 1 106 ? 4.667   5.973   5.984   1.00 20.96 ? 539 PHE A CE2 1 
ATOM   856  C CZ  . PHE A 1 106 ? 5.379   7.085   6.385   1.00 19.23 ? 539 PHE A CZ  1 
ATOM   857  N N   . ILE A 1 107 ? 9.910   2.912   2.172   1.00 14.47 ? 540 ILE A N   1 
ATOM   858  C CA  . ILE A 1 107 ? 10.354  1.820   1.308   1.00 14.85 ? 540 ILE A CA  1 
ATOM   859  C C   . ILE A 1 107 ? 9.601   0.552   1.712   1.00 17.82 ? 540 ILE A C   1 
ATOM   860  O O   . ILE A 1 107 ? 9.713   0.109   2.858   1.00 17.31 ? 540 ILE A O   1 
ATOM   861  C CB  . ILE A 1 107 ? 11.873  1.616   1.425   1.00 15.32 ? 540 ILE A CB  1 
ATOM   862  C CG1 . ILE A 1 107 ? 12.622  2.950   1.241   1.00 17.71 ? 540 ILE A CG1 1 
ATOM   863  C CG2 . ILE A 1 107 ? 12.350  0.619   0.402   1.00 17.38 ? 540 ILE A CG2 1 
ATOM   864  C CD1 . ILE A 1 107 ? 12.365  3.594   -0.082  1.00 17.40 ? 540 ILE A CD1 1 
ATOM   865  N N   . CYS A 1 108 ? 8.855   -0.047  0.777   1.00 19.45 ? 541 CYS A N   1 
ATOM   866  C CA  . CYS A 1 108 ? 8.006   -1.202  1.078   1.00 15.23 ? 541 CYS A CA  1 
ATOM   867  C C   . CYS A 1 108 ? 8.470   -2.459  0.351   1.00 17.65 ? 541 CYS A C   1 
ATOM   868  O O   . CYS A 1 108 ? 8.757   -2.423  -0.853  1.00 18.53 ? 541 CYS A O   1 
ATOM   869  C CB  . CYS A 1 108 ? 6.546   -0.927  0.708   1.00 16.89 ? 541 CYS A CB  1 
ATOM   870  S SG  . CYS A 1 108 ? 5.839   0.533   1.547   1.00 27.05 ? 541 CYS A SG  1 
ATOM   871  N N   . LYS A 1 109 ? 8.498   -3.576  1.080   1.00 17.82 ? 542 LYS A N   1 
ATOM   872  C CA  . LYS A 1 109 ? 8.882   -4.882  0.550   1.00 19.06 ? 542 LYS A CA  1 
ATOM   873  C C   . LYS A 1 109 ? 7.810   -5.914  0.882   1.00 16.48 ? 542 LYS A C   1 
ATOM   874  O O   . LYS A 1 109 ? 6.917   -5.670  1.694   1.00 14.38 ? 542 LYS A O   1 
ATOM   875  C CB  . LYS A 1 109 ? 10.219  -5.362  1.133   1.00 18.19 ? 542 LYS A CB  1 
ATOM   876  C CG  . LYS A 1 109 ? 11.429  -4.481  0.846   1.00 25.70 ? 542 LYS A CG  1 
ATOM   877  C CD  . LYS A 1 109 ? 11.645  -4.218  -0.605  1.00 24.07 ? 542 LYS A CD  1 
ATOM   878  C CE  . LYS A 1 109 ? 13.098  -4.480  -0.995  1.00 32.59 ? 542 LYS A CE  1 
ATOM   879  N NZ  . LYS A 1 109 ? 14.061  -3.733  -0.149  1.00 30.06 ? 542 LYS A NZ  1 
ATOM   880  N N   . ASN A 1 110 ? 7.949   -7.092  0.276   1.00 18.29 ? 543 ASN A N   1 
ATOM   881  C CA  . ASN A 1 110 ? 7.153   -8.275  0.601   1.00 18.54 ? 543 ASN A CA  1 
ATOM   882  C C   . ASN A 1 110 ? 5.645   -8.019  0.664   1.00 14.61 ? 543 ASN A C   1 
ATOM   883  O O   . ASN A 1 110 ? 5.013   -8.295  1.688   1.00 18.41 ? 543 ASN A O   1 
ATOM   884  C CB  . ASN A 1 110 ? 7.637   -8.892  1.906   1.00 18.51 ? 543 ASN A CB  1 
ATOM   885  C CG  . ASN A 1 110 ? 9.111   -9.243  1.872   1.00 27.31 ? 543 ASN A CG  1 
ATOM   886  O OD1 . ASN A 1 110 ? 9.627   -9.706  0.854   1.00 29.68 ? 543 ASN A OD1 1 
ATOM   887  N ND2 . ASN A 1 110 ? 9.799   -8.995  2.974   1.00 25.45 ? 543 ASN A ND2 1 
ATOM   888  N N   . PRO A 1 111 ? 5.041   -7.500  -0.407  1.00 13.84 ? 544 PRO A N   1 
ATOM   889  C CA  . PRO A 1 111 ? 3.594   -7.240  -0.380  1.00 17.34 ? 544 PRO A CA  1 
ATOM   890  C C   . PRO A 1 111 ? 2.807   -8.537  -0.293  1.00 19.35 ? 544 PRO A C   1 
ATOM   891  O O   . PRO A 1 111 ? 3.177   -9.542  -0.902  1.00 16.12 ? 544 PRO A O   1 
ATOM   892  C CB  . PRO A 1 111 ? 3.334   -6.528  -1.711  1.00 19.93 ? 544 PRO A CB  1 
ATOM   893  C CG  . PRO A 1 111 ? 4.458   -7.021  -2.621  1.00 19.40 ? 544 PRO A CG  1 
ATOM   894  C CD  . PRO A 1 111 ? 5.640   -7.164  -1.716  1.00 21.20 ? 544 PRO A CD  1 
ATOM   895  N N   . GLN A 1 112 ? 1.722   -8.513  0.486   1.00 17.32 ? 545 GLN A N   1 
ATOM   896  C CA  . GLN A 1 112 ? 0.783   -9.629  0.526   1.00 18.88 ? 545 GLN A CA  1 
ATOM   897  C C   . GLN A 1 112 ? -0.647  -9.108  0.576   1.00 20.60 ? 545 GLN A C   1 
ATOM   898  O O   . GLN A 1 112 ? -0.953  -8.205  1.359   1.00 18.71 ? 545 GLN A O   1 
ATOM   899  C CB  . GLN A 1 112 ? 1.029   -10.514 1.735   1.00 19.16 ? 545 GLN A CB  1 
ATOM   900  C CG  . GLN A 1 112 ? 2.441   -10.962 1.919   1.00 23.25 ? 545 GLN A CG  1 
ATOM   901  C CD  . GLN A 1 112 ? 2.538   -11.911 3.070   1.00 29.00 ? 545 GLN A CD  1 
ATOM   902  O OE1 . GLN A 1 112 ? 1.931   -12.982 3.042   1.00 24.55 ? 545 GLN A OE1 1 
ATOM   903  N NE2 . GLN A 1 112 ? 3.265   -11.517 4.112   1.00 30.49 ? 545 GLN A NE2 1 
ATOM   904  N N   . GLU A 1 113 ? -1.517  -9.686  -0.241  1.00 16.04 ? 546 GLU A N   1 
ATOM   905  C CA  . GLU A 1 113 ? -2.922  -9.305  -0.288  1.00 20.57 ? 546 GLU A CA  1 
ATOM   906  C C   . GLU A 1 113 ? -3.771  -10.324 0.471   1.00 21.28 ? 546 GLU A C   1 
ATOM   907  O O   . GLU A 1 113 ? -3.487  -11.527 0.439   1.00 21.76 ? 546 GLU A O   1 
ATOM   908  C CB  . GLU A 1 113 ? -3.379  -9.194  -1.749  1.00 23.01 ? 546 GLU A CB  1 
ATOM   909  C CG  . GLU A 1 113 ? -4.646  -8.381  -1.964  1.00 30.25 ? 546 GLU A CG  1 
ATOM   910  C CD  . GLU A 1 113 ? -5.001  -8.216  -3.436  1.00 36.03 ? 546 GLU A CD  1 
ATOM   911  O OE1 . GLU A 1 113 ? -4.072  -8.020  -4.255  1.00 40.31 ? 546 GLU A OE1 1 
ATOM   912  O OE2 . GLU A 1 113 ? -6.208  -8.291  -3.777  1.00 36.87 ? 546 GLU A OE2 1 
ATOM   913  N N   . MET A 1 114 ? -4.822  -9.847  1.150   1.00 16.65 ? 547 MET A N   1 
ATOM   914  C CA  . MET A 1 114 ? -5.725  -10.743 1.874   1.00 19.05 ? 547 MET A CA  1 
ATOM   915  C C   . MET A 1 114 ? -6.720  -11.415 0.931   1.00 19.76 ? 547 MET A C   1 
ATOM   916  O O   . MET A 1 114 ? -7.277  -10.783 0.027   1.00 18.38 ? 547 MET A O   1 
ATOM   917  C CB  . MET A 1 114 ? -6.497  -9.995  2.962   1.00 17.18 ? 547 MET A CB  1 
ATOM   918  C CG  . MET A 1 114 ? -5.686  -9.732  4.223   1.00 19.80 ? 547 MET A CG  1 
ATOM   919  S SD  . MET A 1 114 ? -6.298  -8.201  4.943   1.00 23.59 ? 547 MET A SD  1 
ATOM   920  C CE  . MET A 1 114 ? -7.987  -8.698  5.324   1.00 19.71 ? 547 MET A CE  1 
ATOM   921  N N   . VAL A 1 115 ? -6.950  -12.711 1.164   1.00 21.52 ? 548 VAL A N   1 
ATOM   922  C CA  . VAL A 1 115 ? -7.872  -13.440 0.306   1.00 22.01 ? 548 VAL A CA  1 
ATOM   923  C C   . VAL A 1 115 ? -9.293  -12.893 0.447   1.00 19.77 ? 548 VAL A C   1 
ATOM   924  O O   . VAL A 1 115 ? -10.027 -12.789 -0.541  1.00 22.15 ? 548 VAL A O   1 
ATOM   925  C CB  . VAL A 1 115 ? -7.767  -14.954 0.596   1.00 24.34 ? 548 VAL A CB  1 
ATOM   926  C CG1 . VAL A 1 115 ? -8.148  -15.283 2.046   1.00 23.25 ? 548 VAL A CG1 1 
ATOM   927  C CG2 . VAL A 1 115 ? -8.577  -15.768 -0.421  1.00 25.15 ? 548 VAL A CG2 1 
ATOM   928  N N   . VAL A 1 116 ? -9.690  -12.467 1.640   1.00 19.75 ? 549 VAL A N   1 
ATOM   929  C CA  . VAL A 1 116 ? -10.973 -11.802 1.807   1.00 16.99 ? 549 VAL A CA  1 
ATOM   930  C C   . VAL A 1 116 ? -10.747 -10.454 2.474   1.00 17.61 ? 549 VAL A C   1 
ATOM   931  O O   . VAL A 1 116 ? -10.108 -10.372 3.526   1.00 17.81 ? 549 VAL A O   1 
ATOM   932  C CB  . VAL A 1 116 ? -11.968 -12.651 2.616   1.00 18.87 ? 549 VAL A CB  1 
ATOM   933  C CG1 . VAL A 1 116 ? -11.301 -13.189 3.849   1.00 28.85 ? 549 VAL A CG1 1 
ATOM   934  C CG2 . VAL A 1 116 ? -13.168 -11.806 2.983   1.00 16.14 ? 549 VAL A CG2 1 
ATOM   935  N N   . LYS A 1 117 ? -11.297 -9.409  1.886   1.00 14.71 ? 550 LYS A N   1 
ATOM   936  C CA  . LYS A 1 117 ? -11.084 -8.057  2.368   1.00 14.11 ? 550 LYS A CA  1 
ATOM   937  C C   . LYS A 1 117 ? -12.236 -7.678  3.285   1.00 18.50 ? 550 LYS A C   1 
ATOM   938  O O   . LYS A 1 117 ? -13.406 -7.954  2.984   1.00 18.47 ? 550 LYS A O   1 
ATOM   939  C CB  . LYS A 1 117 ? -10.940 -7.104  1.187   1.00 15.41 ? 550 LYS A CB  1 
ATOM   940  C CG  . LYS A 1 117 ? -9.795  -7.604  0.313   1.00 20.34 ? 550 LYS A CG  1 
ATOM   941  C CD  . LYS A 1 117 ? -9.523  -6.801  -0.907  1.00 23.90 ? 550 LYS A CD  1 
ATOM   942  C CE  . LYS A 1 117 ? -8.211  -7.296  -1.511  1.00 22.76 ? 550 LYS A CE  1 
ATOM   943  N NZ  . LYS A 1 117 ? -8.205  -8.789  -1.690  1.00 24.57 ? 550 LYS A NZ  1 
ATOM   944  N N   . PHE A 1 118 ? -11.900 -7.097  4.402   1.00 15.12 ? 551 PHE A N   1 
ATOM   945  C CA  . PHE A 1 118 ? -12.874 -6.826  5.431   1.00 16.46 ? 551 PHE A CA  1 
ATOM   946  C C   . PHE A 1 118 ? -13.089 -5.330  5.582   1.00 17.74 ? 551 PHE A C   1 
ATOM   947  O O   . PHE A 1 118 ? -12.112 -4.574  5.594   1.00 14.61 ? 551 PHE A O   1 
ATOM   948  C CB  . PHE A 1 118 ? -12.400 -7.405  6.763   1.00 14.38 ? 551 PHE A CB  1 
ATOM   949  C CG  . PHE A 1 118 ? -12.224 -8.910  6.741   1.00 18.21 ? 551 PHE A CG  1 
ATOM   950  C CD1 . PHE A 1 118 ? -13.284 -9.740  6.397   1.00 17.28 ? 551 PHE A CD1 1 
ATOM   951  C CD2 . PHE A 1 118 ? -11.023 -9.489  7.109   1.00 21.85 ? 551 PHE A CD2 1 
ATOM   952  C CE1 . PHE A 1 118 ? -13.139 -11.123 6.406   1.00 22.30 ? 551 PHE A CE1 1 
ATOM   953  C CE2 . PHE A 1 118 ? -10.868 -10.878 7.120   1.00 20.22 ? 551 PHE A CE2 1 
ATOM   954  C CZ  . PHE A 1 118 ? -11.916 -11.685 6.773   1.00 21.89 ? 551 PHE A CZ  1 
ATOM   955  N N   . PRO A 1 119 ? -14.348 -4.890  5.705   1.00 19.36 ? 552 PRO A N   1 
ATOM   956  C CA  . PRO A 1 119 ? -14.629 -3.467  5.935   1.00 17.04 ? 552 PRO A CA  1 
ATOM   957  C C   . PRO A 1 119 ? -13.929 -2.965  7.186   1.00 16.99 ? 552 PRO A C   1 
ATOM   958  O O   . PRO A 1 119 ? -13.789 -3.688  8.172   1.00 17.63 ? 552 PRO A O   1 
ATOM   959  C CB  . PRO A 1 119 ? -16.154 -3.426  6.106   1.00 21.36 ? 552 PRO A CB  1 
ATOM   960  C CG  . PRO A 1 119 ? -16.648 -4.668  5.442   1.00 21.66 ? 552 PRO A CG  1 
ATOM   961  C CD  . PRO A 1 119 ? -15.579 -5.696  5.613   1.00 18.15 ? 552 PRO A CD  1 
ATOM   962  N N   . ILE A 1 120 ? -13.493 -1.704  7.136   1.00 19.38 ? 553 ILE A N   1 
ATOM   963  C CA  . ILE A 1 120 ? -12.783 -1.091  8.254   1.00 18.86 ? 553 ILE A CA  1 
ATOM   964  C C   . ILE A 1 120 ? -12.795 0.416   8.067   1.00 21.47 ? 553 ILE A C   1 
ATOM   965  O O   . ILE A 1 120 ? -12.825 0.916   6.942   1.00 20.35 ? 553 ILE A O   1 
ATOM   966  C CB  . ILE A 1 120 ? -11.335 -1.636  8.373   1.00 20.82 ? 553 ILE A CB  1 
ATOM   967  C CG1 . ILE A 1 120 ? -10.771 -1.312  9.755   1.00 22.77 ? 553 ILE A CG1 1 
ATOM   968  C CG2 . ILE A 1 120 ? -10.447 -1.057  7.290   1.00 20.92 ? 553 ILE A CG2 1 
ATOM   969  C CD1 . ILE A 1 120 ? -9.736  -2.296  10.240  1.00 25.76 ? 553 ILE A CD1 1 
ATOM   970  N N   . LYS A 1 121 ? -12.771 1.144   9.185   1.00 22.50 ? 554 LYS A N   1 
ATOM   971  C CA  . LYS A 1 121 ? -12.724 2.602   9.194   1.00 22.97 ? 554 LYS A CA  1 
ATOM   972  C C   . LYS A 1 121 ? -11.302 3.052   9.514   1.00 22.08 ? 554 LYS A C   1 
ATOM   973  O O   . LYS A 1 121 ? -10.669 2.514   10.427  1.00 28.45 ? 554 LYS A O   1 
ATOM   974  C CB  . LYS A 1 121 ? -13.718 3.163   10.218  1.00 30.61 ? 554 LYS A CB  1 
ATOM   975  C CG  . LYS A 1 121 ? -15.196 2.975   9.835   1.00 36.08 ? 554 LYS A CG  1 
ATOM   976  C CD  . LYS A 1 121 ? -16.179 3.550   10.886  1.00 41.97 ? 554 LYS A CD  1 
ATOM   977  C CE  . LYS A 1 121 ? -16.390 2.603   12.089  1.00 41.47 ? 554 LYS A CE  1 
ATOM   978  N NZ  . LYS A 1 121 ? -17.462 3.049   13.058  1.00 35.55 ? 554 LYS A NZ  1 
ATOM   979  N N   . GLY A 1 122 ? -10.800 4.033   8.762   1.00 23.80 ? 555 GLY A N   1 
ATOM   980  C CA  . GLY A 1 122 ? -9.423  4.461   8.909   1.00 28.69 ? 555 GLY A CA  1 
ATOM   981  C C   . GLY A 1 122 ? -9.211  5.417   10.072  1.00 26.76 ? 555 GLY A C   1 
ATOM   982  O O   . GLY A 1 122 ? -10.140 5.847   10.747  1.00 28.48 ? 555 GLY A O   1 
ATOM   983  N N   . ASN A 1 123 ? -7.948  5.728   10.311  1.00 24.16 ? 556 ASN A N   1 
ATOM   984  C CA  . ASN A 1 123 ? -7.535  6.722   11.289  1.00 22.50 ? 556 ASN A CA  1 
ATOM   985  C C   . ASN A 1 123 ? -6.282  7.386   10.741  1.00 21.82 ? 556 ASN A C   1 
ATOM   986  O O   . ASN A 1 123 ? -5.753  6.973   9.700   1.00 22.36 ? 556 ASN A O   1 
ATOM   987  C CB  . ASN A 1 123 ? -7.279  6.088   12.666  1.00 21.07 ? 556 ASN A CB  1 
ATOM   988  C CG  . ASN A 1 123 ? -8.556  5.594   13.335  1.00 30.97 ? 556 ASN A CG  1 
ATOM   989  O OD1 . ASN A 1 123 ? -9.388  6.391   13.771  1.00 29.11 ? 556 ASN A OD1 1 
ATOM   990  N ND2 . ASN A 1 123 ? -8.712  4.271   13.427  1.00 26.12 ? 556 ASN A ND2 1 
ATOM   991  N N   . PRO A 1 124 ? -5.800  8.446   11.383  1.00 20.60 ? 557 PRO A N   1 
ATOM   992  C CA  . PRO A 1 124 ? -4.617  9.122   10.842  1.00 19.08 ? 557 PRO A CA  1 
ATOM   993  C C   . PRO A 1 124 ? -3.358  8.295   11.035  1.00 16.93 ? 557 PRO A C   1 
ATOM   994  O O   . PRO A 1 124 ? -3.245  7.502   11.976  1.00 16.06 ? 557 PRO A O   1 
ATOM   995  C CB  . PRO A 1 124 ? -4.533  10.423  11.654  1.00 20.98 ? 557 PRO A CB  1 
ATOM   996  C CG  . PRO A 1 124 ? -5.927  10.627  12.175  1.00 24.01 ? 557 PRO A CG  1 
ATOM   997  C CD  . PRO A 1 124 ? -6.442  9.249   12.439  1.00 20.33 ? 557 PRO A CD  1 
ATOM   998  N N   . LYS A 1 125 ? -2.407  8.504   10.131  1.00 21.45 ? 558 LYS A N   1 
ATOM   999  C CA  . LYS A 1 125 ? -1.014  8.072   10.292  1.00 15.31 ? 558 LYS A CA  1 
ATOM   1000 C C   . LYS A 1 125 ? -0.992  6.552   10.503  1.00 15.43 ? 558 LYS A C   1 
ATOM   1001 O O   . LYS A 1 125 ? -1.734  5.832   9.820   1.00 16.44 ? 558 LYS A O   1 
ATOM   1002 C CB  . LYS A 1 125 ? -0.380  8.910   11.382  1.00 20.70 ? 558 LYS A CB  1 
ATOM   1003 C CG  . LYS A 1 125 ? -0.035  10.330  10.924  1.00 19.43 ? 558 LYS A CG  1 
ATOM   1004 C CD  . LYS A 1 125 ? 0.788   11.048  11.979  1.00 24.60 ? 558 LYS A CD  1 
ATOM   1005 C CE  . LYS A 1 125 ? 1.165   12.480  11.560  1.00 29.22 ? 558 LYS A CE  1 
ATOM   1006 N NZ  . LYS A 1 125 ? -0.023  13.377  11.512  1.00 35.02 ? 558 LYS A NZ  1 
ATOM   1007 N N   . ILE A 1 126 ? -0.152  6.021   11.391  1.00 14.02 ? 559 ILE A N   1 
ATOM   1008 C CA  . ILE A 1 126 ? -0.044  4.577   11.599  1.00 15.87 ? 559 ILE A CA  1 
ATOM   1009 C C   . ILE A 1 126 ? -0.836  4.243   12.846  1.00 18.90 ? 559 ILE A C   1 
ATOM   1010 O O   . ILE A 1 126 ? -0.474  4.695   13.937  1.00 16.61 ? 559 ILE A O   1 
ATOM   1011 C CB  . ILE A 1 126 ? 1.416   4.140   11.758  1.00 16.39 ? 559 ILE A CB  1 
ATOM   1012 C CG1 . ILE A 1 126 ? 2.242   4.665   10.587  1.00 18.89 ? 559 ILE A CG1 1 
ATOM   1013 C CG2 . ILE A 1 126 ? 1.512   2.611   11.909  1.00 19.60 ? 559 ILE A CG2 1 
ATOM   1014 C CD1 . ILE A 1 126 ? 2.326   3.736   9.460   1.00 18.70 ? 559 ILE A CD1 1 
ATOM   1015 N N   . TRP A 1 127 ? -1.903  3.454   12.706  1.00 16.57 ? 560 TRP A N   1 
ATOM   1016 C CA  . TRP A 1 127 ? -2.832  3.237   13.811  1.00 15.58 ? 560 TRP A CA  1 
ATOM   1017 C C   . TRP A 1 127 ? -3.005  1.750   14.113  1.00 18.50 ? 560 TRP A C   1 
ATOM   1018 O O   . TRP A 1 127 ? -2.636  0.875   13.329  1.00 17.49 ? 560 TRP A O   1 
ATOM   1019 C CB  . TRP A 1 127 ? -4.187  3.915   13.528  1.00 17.78 ? 560 TRP A CB  1 
ATOM   1020 C CG  . TRP A 1 127 ? -4.754  3.589   12.175  1.00 18.12 ? 560 TRP A CG  1 
ATOM   1021 C CD1 . TRP A 1 127 ? -4.440  4.175   10.991  1.00 17.28 ? 560 TRP A CD1 1 
ATOM   1022 C CD2 . TRP A 1 127 ? -5.728  2.586   11.884  1.00 18.95 ? 560 TRP A CD2 1 
ATOM   1023 N NE1 . TRP A 1 127 ? -5.169  3.603   9.968   1.00 15.93 ? 560 TRP A NE1 1 
ATOM   1024 C CE2 . TRP A 1 127 ? -5.964  2.620   10.495  1.00 18.62 ? 560 TRP A CE2 1 
ATOM   1025 C CE3 . TRP A 1 127 ? -6.431  1.666   12.667  1.00 21.48 ? 560 TRP A CE3 1 
ATOM   1026 C CZ2 . TRP A 1 127 ? -6.885  1.777   9.874   1.00 18.42 ? 560 TRP A CZ2 1 
ATOM   1027 C CZ3 . TRP A 1 127 ? -7.335  0.826   12.047  1.00 25.07 ? 560 TRP A CZ3 1 
ATOM   1028 C CH2 . TRP A 1 127 ? -7.552  0.886   10.665  1.00 20.98 ? 560 TRP A CH2 1 
ATOM   1029 N N   . LYS A 1 128 ? -3.541  1.473   15.298  1.00 18.09 ? 561 LYS A N   1 
ATOM   1030 C CA  . LYS A 1 128 ? -3.586  0.119   15.836  1.00 19.99 ? 561 LYS A CA  1 
ATOM   1031 C C   . LYS A 1 128 ? -4.860  -0.605  15.402  1.00 20.42 ? 561 LYS A C   1 
ATOM   1032 O O   . LYS A 1 128 ? -5.971  -0.098  15.594  1.00 18.81 ? 561 LYS A O   1 
ATOM   1033 C CB  . LYS A 1 128 ? -3.495  0.166   17.364  1.00 24.08 ? 561 LYS A CB  1 
ATOM   1034 C CG  . LYS A 1 128 ? -3.591  -1.189  18.030  1.00 30.19 ? 561 LYS A CG  1 
ATOM   1035 C CD  . LYS A 1 128 ? -2.265  -1.931  17.983  1.00 27.36 ? 561 LYS A CD  1 
ATOM   1036 C CE  . LYS A 1 128 ? -2.381  -3.269  18.681  1.00 42.22 ? 561 LYS A CE  1 
ATOM   1037 N NZ  . LYS A 1 128 ? -1.039  -3.849  18.946  1.00 46.89 ? 561 LYS A NZ  1 
ATOM   1038 N N   . LEU A 1 129 ? -4.695  -1.792  14.820  1.00 18.68 ? 562 LEU A N   1 
ATOM   1039 C CA  . LEU A 1 129 ? -5.839  -2.610  14.428  1.00 22.95 ? 562 LEU A CA  1 
ATOM   1040 C C   . LEU A 1 129 ? -6.518  -3.226  15.646  1.00 25.43 ? 562 LEU A C   1 
ATOM   1041 O O   . LEU A 1 129 ? -5.854  -3.601  16.612  1.00 25.68 ? 562 LEU A O   1 
ATOM   1042 C CB  . LEU A 1 129 ? -5.399  -3.739  13.498  1.00 20.46 ? 562 LEU A CB  1 
ATOM   1043 C CG  . LEU A 1 129 ? -5.135  -3.454  12.034  1.00 19.43 ? 562 LEU A CG  1 
ATOM   1044 C CD1 . LEU A 1 129 ? -4.793  -4.753  11.332  1.00 23.27 ? 562 LEU A CD1 1 
ATOM   1045 C CD2 . LEU A 1 129 ? -6.337  -2.789  11.391  1.00 22.93 ? 562 LEU A CD2 1 
ATOM   1046 N N   . ASP A 1 130 ? -7.848  -3.341  15.580  1.00 29.88 ? 563 ASP A N   1 
ATOM   1047 C CA  . ASP A 1 130 ? -8.606  -4.142  16.537  1.00 28.69 ? 563 ASP A CA  1 
ATOM   1048 C C   . ASP A 1 130 ? -8.176  -5.606  16.467  1.00 27.20 ? 563 ASP A C   1 
ATOM   1049 O O   . ASP A 1 130 ? -7.861  -6.139  15.395  1.00 23.91 ? 563 ASP A O   1 
ATOM   1050 C CB  . ASP A 1 130 ? -10.112 -4.026  16.264  1.00 33.56 ? 563 ASP A CB  1 
ATOM   1051 C CG  . ASP A 1 130 ? -10.657 -2.616  16.502  1.00 46.93 ? 563 ASP A CG  1 
ATOM   1052 O OD1 . ASP A 1 130 ? -9.871  -1.717  16.881  1.00 48.21 ? 563 ASP A OD1 1 
ATOM   1053 O OD2 . ASP A 1 130 ? -11.880 -2.404  16.309  1.00 52.91 ? 563 ASP A OD2 1 
ATOM   1054 N N   . SER A 1 131 ? -8.184  -6.269  17.627  1.00 29.38 ? 564 SER A N   1 
ATOM   1055 C CA  . SER A 1 131 ? -7.636  -7.619  17.710  1.00 28.13 ? 564 SER A CA  1 
ATOM   1056 C C   . SER A 1 131 ? -8.399  -8.604  16.830  1.00 27.53 ? 564 SER A C   1 
ATOM   1057 O O   . SER A 1 131 ? -7.795  -9.506  16.231  1.00 29.79 ? 564 SER A O   1 
ATOM   1058 C CB  . SER A 1 131 ? -7.642  -8.098  19.159  1.00 39.37 ? 564 SER A CB  1 
ATOM   1059 O OG  . SER A 1 131 ? -7.270  -9.463  19.231  1.00 42.09 ? 564 SER A OG  1 
ATOM   1060 N N   . LYS A 1 132 ? -9.725  -8.455  16.734  1.00 25.12 ? 565 LYS A N   1 
ATOM   1061 C CA  . LYS A 1 132 ? -10.511 -9.431  15.983  1.00 28.13 ? 565 LYS A CA  1 
ATOM   1062 C C   . LYS A 1 132 ? -10.198 -9.369  14.493  1.00 22.30 ? 565 LYS A C   1 
ATOM   1063 O O   . LYS A 1 132 ? -9.933  -10.393 13.856  1.00 21.58 ? 565 LYS A O   1 
ATOM   1064 C CB  . LYS A 1 132 ? -11.999 -9.208  16.222  1.00 27.79 ? 565 LYS A CB  1 
ATOM   1065 C CG  . LYS A 1 132 ? -12.834 -10.243 15.523  1.00 30.67 ? 565 LYS A CG  1 
ATOM   1066 C CD  . LYS A 1 132 ? -12.436 -11.643 15.970  1.00 37.08 ? 565 LYS A CD  1 
ATOM   1067 C CE  . LYS A 1 132 ? -12.639 -12.677 14.847  1.00 42.17 ? 565 LYS A CE  1 
ATOM   1068 N NZ  . LYS A 1 132 ? -11.492 -12.738 13.887  1.00 22.93 ? 565 LYS A NZ  1 
ATOM   1069 N N   . ILE A 1 133 ? -10.223 -8.177  13.910  1.00 22.76 ? 566 ILE A N   1 
ATOM   1070 C CA  . ILE A 1 133 ? -9.915  -8.124  12.488  1.00 24.09 ? 566 ILE A CA  1 
ATOM   1071 C C   . ILE A 1 133 ? -8.452  -8.479  12.260  1.00 21.37 ? 566 ILE A C   1 
ATOM   1072 O O   . ILE A 1 133 ? -8.122  -9.133  11.266  1.00 24.32 ? 566 ILE A O   1 
ATOM   1073 C CB  . ILE A 1 133 ? -10.299 -6.759  11.888  1.00 24.09 ? 566 ILE A CB  1 
ATOM   1074 C CG1 . ILE A 1 133 ? -10.195 -6.812  10.358  1.00 20.42 ? 566 ILE A CG1 1 
ATOM   1075 C CG2 . ILE A 1 133 ? -9.436  -5.631  12.449  1.00 27.99 ? 566 ILE A CG2 1 
ATOM   1076 C CD1 . ILE A 1 133 ? -10.867 -5.636  9.682   1.00 25.08 ? 566 ILE A CD1 1 
ATOM   1077 N N   . HIS A 1 134 ? -7.566  -8.131  13.198  1.00 21.41 ? 567 HIS A N   1 
ATOM   1078 C CA  . HIS A 1 134 ? -6.161  -8.522  13.062  1.00 21.88 ? 567 HIS A CA  1 
ATOM   1079 C C   . HIS A 1 134 ? -6.012  -10.036 12.979  1.00 24.98 ? 567 HIS A C   1 
ATOM   1080 O O   . HIS A 1 134 ? -5.258  -10.554 12.143  1.00 23.38 ? 567 HIS A O   1 
ATOM   1081 C CB  . HIS A 1 134 ? -5.344  -7.965  14.228  1.00 23.78 ? 567 HIS A CB  1 
ATOM   1082 C CG  . HIS A 1 134 ? -3.910  -8.395  14.224  1.00 27.47 ? 567 HIS A CG  1 
ATOM   1083 N ND1 . HIS A 1 134 ? -3.115  -8.335  13.100  1.00 27.77 ? 567 HIS A ND1 1 
ATOM   1084 C CD2 . HIS A 1 134 ? -3.123  -8.885  15.212  1.00 29.81 ? 567 HIS A CD2 1 
ATOM   1085 C CE1 . HIS A 1 134 ? -1.902  -8.769  13.393  1.00 29.23 ? 567 HIS A CE1 1 
ATOM   1086 N NE2 . HIS A 1 134 ? -1.880  -9.108  14.669  1.00 34.78 ? 567 HIS A NE2 1 
ATOM   1087 N N   . GLN A 1 135 ? -6.742  -10.761 13.823  1.00 26.37 ? 568 GLN A N   1 
ATOM   1088 C CA  . GLN A 1 135 ? -6.696  -12.220 13.777  1.00 26.54 ? 568 GLN A CA  1 
ATOM   1089 C C   . GLN A 1 135 ? -7.167  -12.741 12.420  1.00 26.46 ? 568 GLN A C   1 
ATOM   1090 O O   . GLN A 1 135 ? -6.477  -13.540 11.776  1.00 25.76 ? 568 GLN A O   1 
ATOM   1091 C CB  . GLN A 1 135 ? -7.526  -12.788 14.927  1.00 30.17 ? 568 GLN A CB  1 
ATOM   1092 C CG  . GLN A 1 135 ? -6.931  -12.478 16.310  1.00 36.00 ? 568 GLN A CG  1 
ATOM   1093 C CD  . GLN A 1 135 ? -7.977  -12.435 17.427  1.00 37.14 ? 568 GLN A CD  1 
ATOM   1094 O OE1 . GLN A 1 135 ? -7.676  -12.045 18.558  1.00 40.40 ? 568 GLN A OE1 1 
ATOM   1095 N NE2 . GLN A 1 135 ? -9.205  -12.840 17.112  1.00 38.90 ? 568 GLN A NE2 1 
ATOM   1096 N N   . GLY A 1 136 ? -8.323  -12.263 11.947  1.00 27.63 ? 569 GLY A N   1 
ATOM   1097 C CA  . GLY A 1 136 ? -8.800  -12.677 10.635  1.00 24.32 ? 569 GLY A CA  1 
ATOM   1098 C C   . GLY A 1 136 ? -7.881  -12.245 9.506   1.00 25.82 ? 569 GLY A C   1 
ATOM   1099 O O   . GLY A 1 136 ? -7.693  -12.977 8.525   1.00 22.21 ? 569 GLY A O   1 
ATOM   1100 N N   . ALA A 1 137 ? -7.304  -11.046 9.621   1.00 22.08 ? 570 ALA A N   1 
ATOM   1101 C CA  . ALA A 1 137 ? -6.353  -10.575 8.619   1.00 25.13 ? 570 ALA A CA  1 
ATOM   1102 C C   . ALA A 1 137 ? -5.175  -11.531 8.486   1.00 23.12 ? 570 ALA A C   1 
ATOM   1103 O O   . ALA A 1 137 ? -4.776  -11.888 7.372   1.00 22.18 ? 570 ALA A O   1 
ATOM   1104 C CB  . ALA A 1 137 ? -5.860  -9.176  8.981   1.00 20.72 ? 570 ALA A CB  1 
ATOM   1105 N N   . LYS A 1 138 ? -4.601  -11.950 9.617   1.00 21.93 ? 571 LYS A N   1 
ATOM   1106 C CA  . LYS A 1 138 ? -3.429  -12.822 9.573   1.00 25.79 ? 571 LYS A CA  1 
ATOM   1107 C C   . LYS A 1 138 ? -3.751  -14.133 8.870   1.00 26.79 ? 571 LYS A C   1 
ATOM   1108 O O   . LYS A 1 138 ? -3.049  -14.538 7.933   1.00 27.88 ? 571 LYS A O   1 
ATOM   1109 C CB  . LYS A 1 138 ? -2.901  -13.075 10.988  1.00 29.29 ? 571 LYS A CB  1 
ATOM   1110 C CG  . LYS A 1 138 ? -1.764  -12.146 11.404  1.00 31.99 ? 571 LYS A CG  1 
ATOM   1111 C CD  . LYS A 1 138 ? -1.058  -12.625 12.672  1.00 33.20 ? 571 LYS A CD  1 
ATOM   1112 C CE  . LYS A 1 138 ? -1.870  -12.319 13.929  1.00 36.76 ? 571 LYS A CE  1 
ATOM   1113 N NZ  . LYS A 1 138 ? -2.522  -13.531 14.509  1.00 42.89 ? 571 LYS A NZ  1 
ATOM   1114 N N   . LYS A 1 139 ? -4.833  -14.791 9.285   1.00 24.05 ? 572 LYS A N   1 
ATOM   1115 C CA  . LYS A 1 139 ? -5.249  -16.029 8.625   1.00 26.39 ? 572 LYS A CA  1 
ATOM   1116 C C   . LYS A 1 139 ? -5.492  -15.831 7.130   1.00 28.15 ? 572 LYS A C   1 
ATOM   1117 O O   . LYS A 1 139 ? -5.331  -16.773 6.350   1.00 29.78 ? 572 LYS A O   1 
ATOM   1118 C CB  . LYS A 1 139 ? -6.508  -16.582 9.298   1.00 27.95 ? 572 LYS A CB  1 
ATOM   1119 C CG  . LYS A 1 139 ? -6.302  -16.998 10.761  1.00 29.13 ? 572 LYS A CG  1 
ATOM   1120 C CD  . LYS A 1 139 ? -7.375  -16.441 11.690  1.00 32.93 ? 572 LYS A CD  1 
ATOM   1121 C CE  . LYS A 1 139 ? -8.787  -16.670 11.164  1.00 36.27 ? 572 LYS A CE  1 
ATOM   1122 N NZ  . LYS A 1 139 ? -9.809  -15.885 11.938  1.00 39.30 ? 572 LYS A NZ  1 
ATOM   1123 N N   . GLY A 1 140 ? -5.854  -14.616 6.702   1.00 25.52 ? 573 GLY A N   1 
ATOM   1124 C CA  . GLY A 1 140 ? -6.213  -14.372 5.309   1.00 26.86 ? 573 GLY A CA  1 
ATOM   1125 C C   . GLY A 1 140 ? -5.058  -14.240 4.326   1.00 24.26 ? 573 GLY A C   1 
ATOM   1126 O O   . GLY A 1 140 ? -5.297  -14.114 3.116   1.00 22.11 ? 573 GLY A O   1 
ATOM   1127 N N   . LEU A 1 141 ? -3.814  -14.265 4.811   1.00 20.94 ? 574 LEU A N   1 
ATOM   1128 C CA  . LEU A 1 141 ? -2.645  -14.139 3.945   1.00 19.94 ? 574 LEU A CA  1 
ATOM   1129 C C   . LEU A 1 141 ? -2.362  -15.403 3.151   1.00 26.70 ? 574 LEU A C   1 
ATOM   1130 O O   . LEU A 1 141 ? -1.475  -15.396 2.292   1.00 26.24 ? 574 LEU A O   1 
ATOM   1131 C CB  . LEU A 1 141 ? -1.412  -13.790 4.778   1.00 25.11 ? 574 LEU A CB  1 
ATOM   1132 C CG  . LEU A 1 141 ? -1.486  -12.471 5.548   1.00 22.05 ? 574 LEU A CG  1 
ATOM   1133 C CD1 . LEU A 1 141 ? -0.135  -12.169 6.190   1.00 23.07 ? 574 LEU A CD1 1 
ATOM   1134 C CD2 . LEU A 1 141 ? -1.902  -11.367 4.607   1.00 19.57 ? 574 LEU A CD2 1 
ATOM   1135 N N   . MET A 1 142 ? -3.083  -16.484 3.421   1.00 25.34 ? 575 MET A N   1 
ATOM   1136 C CA  . MET A 1 142 ? -2.903  -17.748 2.722   1.00 27.54 ? 575 MET A CA  1 
ATOM   1137 C C   . MET A 1 142 ? -4.223  -18.087 2.046   1.00 28.34 ? 575 MET A C   1 
ATOM   1138 O O   . MET A 1 142 ? -5.259  -18.173 2.715   1.00 30.33 ? 575 MET A O   1 
ATOM   1139 C CB  . MET A 1 142 ? -2.467  -18.839 3.701   1.00 33.70 ? 575 MET A CB  1 
ATOM   1140 C CG  . MET A 1 142 ? -2.137  -20.179 3.069   1.00 42.11 ? 575 MET A CG  1 
ATOM   1141 S SD  . MET A 1 142 ? -2.014  -21.487 4.317   1.00 75.96 ? 575 MET A SD  1 
ATOM   1142 C CE  . MET A 1 142 ? -1.849  -22.944 3.277   1.00 50.64 ? 575 MET A CE  1 
ATOM   1143 N N   . LYS A 1 143 ? -4.187  -18.247 0.717   1.00 29.75 ? 576 LYS A N   1 
ATOM   1144 C CA  . LYS A 1 143 ? -5.419  -18.430 -0.043  1.00 27.74 ? 576 LYS A CA  1 
ATOM   1145 C C   . LYS A 1 143 ? -6.217  -19.624 0.455   1.00 33.21 ? 576 LYS A C   1 
ATOM   1146 O O   . LYS A 1 143 ? -7.452  -19.599 0.422   1.00 29.10 ? 576 LYS A O   1 
ATOM   1147 C CB  . LYS A 1 143 ? -5.109  -18.587 -1.530  1.00 28.18 ? 576 LYS A CB  1 
ATOM   1148 C CG  . LYS A 1 143 ? -5.414  -17.334 -2.339  1.00 29.02 ? 576 LYS A CG  1 
ATOM   1149 C CD  . LYS A 1 143 ? -5.187  -17.550 -3.827  1.00 33.66 ? 576 LYS A CD  1 
ATOM   1150 C CE  . LYS A 1 143 ? -4.536  -16.337 -4.467  1.00 35.98 ? 576 LYS A CE  1 
ATOM   1151 N NZ  . LYS A 1 143 ? -3.915  -16.707 -5.780  1.00 44.46 ? 576 LYS A NZ  1 
ATOM   1152 N N   . GLN A 1 144 ? -5.530  -20.656 0.949   1.00 31.87 ? 577 GLN A N   1 
ATOM   1153 C CA  . GLN A 1 144 ? -6.196  -21.875 1.390   1.00 34.20 ? 577 GLN A CA  1 
ATOM   1154 C C   . GLN A 1 144 ? -7.072  -21.668 2.622   1.00 35.00 ? 577 GLN A C   1 
ATOM   1155 O O   . GLN A 1 144 ? -7.972  -22.480 2.856   1.00 34.43 ? 577 GLN A O   1 
ATOM   1156 C CB  . GLN A 1 144 ? -5.158  -22.963 1.675   1.00 37.58 ? 577 GLN A CB  1 
ATOM   1157 C CG  . GLN A 1 144 ? -4.527  -23.570 0.426   1.00 39.23 ? 577 GLN A CG  1 
ATOM   1158 C CD  . GLN A 1 144 ? -3.503  -22.652 -0.249  1.00 42.99 ? 577 GLN A CD  1 
ATOM   1159 O OE1 . GLN A 1 144 ? -2.956  -21.732 0.375   1.00 36.24 ? 577 GLN A OE1 1 
ATOM   1160 N NE2 . GLN A 1 144 ? -3.233  -22.911 -1.531  1.00 34.02 ? 577 GLN A NE2 1 
ATOM   1161 N N   . ASN A 1 145 ? -6.840  -20.616 3.413   1.00 29.56 ? 578 ASN A N   1 
ATOM   1162 C CA  . ASN A 1 145 ? -7.621  -20.407 4.629   1.00 29.56 ? 578 ASN A CA  1 
ATOM   1163 C C   . ASN A 1 145 ? -8.933  -19.671 4.378   1.00 33.30 ? 578 ASN A C   1 
ATOM   1164 O O   . ASN A 1 145 ? -9.596  -19.294 5.347   1.00 33.12 ? 578 ASN A O   1 
ATOM   1165 C CB  . ASN A 1 145 ? -6.803  -19.645 5.674   1.00 32.20 ? 578 ASN A CB  1 
ATOM   1166 C CG  . ASN A 1 145 ? -5.552  -20.396 6.090   1.00 37.77 ? 578 ASN A CG  1 
ATOM   1167 O OD1 . ASN A 1 145 ? -5.492  -21.625 5.987   1.00 36.72 ? 578 ASN A OD1 1 
ATOM   1168 N ND2 . ASN A 1 145 ? -4.543  -19.663 6.558   1.00 35.66 ? 578 ASN A ND2 1 
ATOM   1169 N N   . LYS A 1 146 ? -9.313  -19.461 3.120   1.00 27.18 ? 579 LYS A N   1 
ATOM   1170 C CA  . LYS A 1 146 ? -10.582 -18.813 2.817   1.00 27.98 ? 579 LYS A CA  1 
ATOM   1171 C C   . LYS A 1 146 ? -11.746 -19.704 3.246   1.00 35.87 ? 579 LYS A C   1 
ATOM   1172 O O   . LYS A 1 146 ? -11.784 -20.896 2.926   1.00 28.80 ? 579 LYS A O   1 
ATOM   1173 C CB  . LYS A 1 146 ? -10.677 -18.499 1.327   1.00 32.84 ? 579 LYS A CB  1 
ATOM   1174 C CG  . LYS A 1 146 ? -12.008 -17.896 0.896   1.00 28.26 ? 579 LYS A CG  1 
ATOM   1175 C CD  . LYS A 1 146 ? -11.959 -17.440 -0.565  1.00 30.09 ? 579 LYS A CD  1 
ATOM   1176 C CE  . LYS A 1 146 ? -13.236 -16.715 -0.969  1.00 30.89 ? 579 LYS A CE  1 
ATOM   1177 N NZ  . LYS A 1 146 ? -13.126 -16.125 -2.342  1.00 27.43 ? 579 LYS A NZ  1 
ATOM   1178 N N   . ALA A 1 147 ? -12.703 -19.120 3.961   1.00 33.75 ? 580 ALA A N   1 
ATOM   1179 C CA  . ALA A 1 147 ? -13.870 -19.867 4.402   1.00 39.04 ? 580 ALA A CA  1 
ATOM   1180 C C   . ALA A 1 147 ? -15.154 -19.100 4.133   1.00 34.05 ? 580 ALA A C   1 
ATOM   1181 O O   . ALA A 1 147 ? -15.470 -18.164 4.859   1.00 38.74 ? 580 ALA A O   1 
ATOM   1182 C CB  . ALA A 1 147 ? -13.750 -20.191 5.865   1.00 36.99 ? 580 ALA A CB  1 
HETATM 1183 O O   . HOH B 2 .   ? -12.459 2.187   -4.829  1.00 36.78 ? 601 HOH A O   1 
HETATM 1184 O O   . HOH B 2 .   ? 6.508   2.896   -6.939  1.00 20.28 ? 602 HOH A O   1 
HETATM 1185 O O   . HOH B 2 .   ? 18.490  2.882   3.280   1.00 26.82 ? 603 HOH A O   1 
HETATM 1186 O O   . HOH B 2 .   ? -8.354  -10.735 -2.910  1.00 34.26 ? 604 HOH A O   1 
HETATM 1187 O O   . HOH B 2 .   ? -11.372 -14.538 -2.636  1.00 31.85 ? 605 HOH A O   1 
HETATM 1188 O O   . HOH B 2 .   ? 10.425  0.482   -13.902 1.00 30.32 ? 606 HOH A O   1 
HETATM 1189 O O   . HOH B 2 .   ? 4.867   -8.108  6.316   1.00 28.64 ? 607 HOH A O   1 
HETATM 1190 O O   . HOH B 2 .   ? -9.796  8.733   13.210  1.00 33.07 ? 608 HOH A O   1 
HETATM 1191 O O   . HOH B 2 .   ? 8.286   0.726   -20.549 1.00 24.49 ? 609 HOH A O   1 
HETATM 1192 O O   . HOH B 2 .   ? 13.973  5.908   13.446  1.00 23.41 ? 610 HOH A O   1 
HETATM 1193 O O   . HOH B 2 .   ? 12.036  12.155  -6.500  1.00 27.58 ? 611 HOH A O   1 
HETATM 1194 O O   . HOH B 2 .   ? -10.563 2.246   5.449   1.00 24.78 ? 612 HOH A O   1 
HETATM 1195 O O   . HOH B 2 .   ? -9.965  4.962   -1.372  1.00 25.17 ? 613 HOH A O   1 
HETATM 1196 O O   . HOH B 2 .   ? -2.774  -19.631 8.372   1.00 40.59 ? 614 HOH A O   1 
HETATM 1197 O O   . HOH B 2 .   ? 5.181   9.794   12.834  1.00 32.21 ? 615 HOH A O   1 
HETATM 1198 O O   . HOH B 2 .   ? 18.006  12.570  5.610   1.00 24.55 ? 616 HOH A O   1 
HETATM 1199 O O   . HOH B 2 .   ? -3.608  6.396   8.130   1.00 18.71 ? 617 HOH A O   1 
HETATM 1200 O O   . HOH B 2 .   ? -7.836  -4.460  -5.440  1.00 32.84 ? 618 HOH A O   1 
HETATM 1201 O O   . HOH B 2 .   ? 12.799  3.198   13.677  1.00 22.90 ? 619 HOH A O   1 
HETATM 1202 O O   . HOH B 2 .   ? 4.449   -2.441  -2.552  1.00 21.96 ? 620 HOH A O   1 
HETATM 1203 O O   . HOH B 2 .   ? -9.205  7.752   -4.199  1.00 24.83 ? 621 HOH A O   1 
HETATM 1204 O O   . HOH B 2 .   ? 19.861  14.156  -2.730  1.00 20.78 ? 622 HOH A O   1 
HETATM 1205 O O   . HOH B 2 .   ? -3.284  7.604   14.619  1.00 23.12 ? 623 HOH A O   1 
HETATM 1206 O O   . HOH B 2 .   ? 16.807  10.022  5.755   1.00 15.27 ? 624 HOH A O   1 
HETATM 1207 O O   . HOH B 2 .   ? -2.315  13.621  12.826  1.00 25.90 ? 625 HOH A O   1 
HETATM 1208 O O   . HOH B 2 .   ? 4.649   -9.080  4.198   1.00 31.61 ? 626 HOH A O   1 
HETATM 1209 O O   . HOH B 2 .   ? -10.625 4.089   -15.013 1.00 36.16 ? 627 HOH A O   1 
HETATM 1210 O O   . HOH B 2 .   ? 5.718   0.996   15.309  1.00 29.85 ? 628 HOH A O   1 
HETATM 1211 O O   . HOH B 2 .   ? 5.261   5.469   -6.434  1.00 22.56 ? 629 HOH A O   1 
HETATM 1212 O O   . HOH B 2 .   ? -8.025  -2.169  -13.496 1.00 33.19 ? 630 HOH A O   1 
HETATM 1213 O O   . HOH B 2 .   ? -15.958 -1.913  1.719   1.00 38.76 ? 631 HOH A O   1 
HETATM 1214 O O   . HOH B 2 .   ? 4.445   6.652   13.277  1.00 19.82 ? 632 HOH A O   1 
HETATM 1215 O O   . HOH B 2 .   ? -16.033 0.580   4.871   1.00 29.22 ? 633 HOH A O   1 
HETATM 1216 O O   . HOH B 2 .   ? -8.807  3.604   5.903   1.00 21.65 ? 634 HOH A O   1 
HETATM 1217 O O   . HOH B 2 .   ? 3.338   16.407  8.096   1.00 25.31 ? 635 HOH A O   1 
HETATM 1218 O O   . HOH B 2 .   ? 7.069   -3.704  -2.601  1.00 21.24 ? 636 HOH A O   1 
HETATM 1219 O O   . HOH B 2 .   ? 3.344   7.857   -2.769  1.00 29.00 ? 637 HOH A O   1 
HETATM 1220 O O   . HOH B 2 .   ? -0.824  11.528  5.903   1.00 28.85 ? 638 HOH A O   1 
HETATM 1221 O O   . HOH B 2 .   ? 15.275  0.749   8.675   1.00 23.16 ? 639 HOH A O   1 
HETATM 1222 O O   . HOH B 2 .   ? -6.831  2.299   16.752  1.00 33.77 ? 640 HOH A O   1 
HETATM 1223 O O   . HOH B 2 .   ? -0.559  -13.276 0.711   1.00 29.92 ? 641 HOH A O   1 
HETATM 1224 O O   . HOH B 2 .   ? -3.798  3.676   17.008  1.00 26.59 ? 642 HOH A O   1 
HETATM 1225 O O   . HOH B 2 .   ? -12.511 -0.206  -9.042  1.00 25.15 ? 643 HOH A O   1 
HETATM 1226 O O   . HOH B 2 .   ? 12.341  15.975  3.370   1.00 20.98 ? 644 HOH A O   1 
HETATM 1227 O O   . HOH B 2 .   ? 9.434   -7.511  -2.074  1.00 25.17 ? 645 HOH A O   1 
HETATM 1228 O O   . HOH B 2 .   ? -0.329  -11.770 -1.714  1.00 28.39 ? 646 HOH A O   1 
HETATM 1229 O O   . HOH B 2 .   ? -9.447  -1.973  13.707  1.00 26.71 ? 647 HOH A O   1 
HETATM 1230 O O   . HOH B 2 .   ? -3.589  8.049   6.077   1.00 20.72 ? 648 HOH A O   1 
HETATM 1231 O O   . HOH B 2 .   ? 15.976  8.028   7.573   1.00 28.83 ? 649 HOH A O   1 
HETATM 1232 O O   . HOH B 2 .   ? -13.762 -0.147  11.521  1.00 28.55 ? 650 HOH A O   1 
HETATM 1233 O O   . HOH B 2 .   ? -13.560 3.306   5.571   1.00 28.82 ? 651 HOH A O   1 
HETATM 1234 O O   . HOH B 2 .   ? 7.616   17.615  5.800   1.00 30.87 ? 652 HOH A O   1 
HETATM 1235 O O   . HOH B 2 .   ? 10.554  -1.001  -2.630  1.00 28.84 ? 653 HOH A O   1 
HETATM 1236 O O   . HOH B 2 .   ? 1.245   13.174  4.073   1.00 18.48 ? 654 HOH A O   1 
HETATM 1237 O O   . HOH B 2 .   ? 11.572  4.126   -11.916 1.00 28.06 ? 655 HOH A O   1 
HETATM 1238 O O   . HOH B 2 .   ? -4.180  -14.335 0.011   1.00 26.98 ? 656 HOH A O   1 
HETATM 1239 O O   . HOH B 2 .   ? -3.487  8.100   0.478   1.00 16.72 ? 657 HOH A O   1 
HETATM 1240 O O   . HOH B 2 .   ? 14.423  7.810   -10.935 1.00 25.87 ? 658 HOH A O   1 
HETATM 1241 O O   . HOH B 2 .   ? -2.790  10.586  8.083   1.00 25.56 ? 659 HOH A O   1 
HETATM 1242 O O   . HOH B 2 .   ? 7.153   -7.267  11.435  1.00 22.10 ? 660 HOH A O   1 
HETATM 1243 O O   . HOH B 2 .   ? 16.747  5.953   7.873   1.00 36.13 ? 661 HOH A O   1 
HETATM 1244 O O   . HOH B 2 .   ? 14.849  15.952  2.100   1.00 16.65 ? 662 HOH A O   1 
HETATM 1245 O O   . HOH B 2 .   ? 7.868   14.370  10.505  1.00 20.86 ? 663 HOH A O   1 
HETATM 1246 O O   . HOH B 2 .   ? 0.719   -9.680  -3.151  1.00 28.77 ? 664 HOH A O   1 
HETATM 1247 O O   . HOH B 2 .   ? 22.901  9.299   -6.922  1.00 32.34 ? 665 HOH A O   1 
HETATM 1248 O O   . HOH B 2 .   ? 8.405   -0.762  14.559  1.00 25.68 ? 666 HOH A O   1 
HETATM 1249 O O   . HOH B 2 .   ? -12.076 -16.338 5.175   1.00 34.18 ? 667 HOH A O   1 
HETATM 1250 O O   . HOH B 2 .   ? 0.696   8.235   -2.598  1.00 28.00 ? 668 HOH A O   1 
HETATM 1251 O O   . HOH B 2 .   ? 4.775   -13.757 5.753   1.00 36.53 ? 669 HOH A O   1 
HETATM 1252 O O   . HOH B 2 .   ? 4.376   11.390  -4.216  1.00 30.30 ? 670 HOH A O   1 
HETATM 1253 O O   . HOH B 2 .   ? 12.803  -2.973  8.455   1.00 22.87 ? 671 HOH A O   1 
HETATM 1254 O O   . HOH B 2 .   ? 1.860   6.958   14.035  1.00 27.41 ? 672 HOH A O   1 
HETATM 1255 O O   . HOH B 2 .   ? 1.935   7.706   -18.634 1.00 31.64 ? 673 HOH A O   1 
HETATM 1256 O O   . HOH B 2 .   ? 6.625   -0.316  -22.490 1.00 32.58 ? 674 HOH A O   1 
HETATM 1257 O O   . HOH B 2 .   ? 13.907  12.461  -8.289  1.00 30.39 ? 675 HOH A O   1 
HETATM 1258 O O   . HOH B 2 .   ? 1.398   -8.988  12.931  1.00 32.78 ? 676 HOH A O   1 
HETATM 1259 O O   . HOH B 2 .   ? 16.412  14.988  6.464   1.00 23.10 ? 677 HOH A O   1 
HETATM 1260 O O   . HOH B 2 .   ? 15.119  17.559  -0.217  1.00 29.62 ? 678 HOH A O   1 
HETATM 1261 O O   . HOH B 2 .   ? 11.803  -3.927  12.948  1.00 28.88 ? 679 HOH A O   1 
HETATM 1262 O O   . HOH B 2 .   ? -7.487  -3.436  -15.816 1.00 41.28 ? 680 HOH A O   1 
HETATM 1263 O O   . HOH B 2 .   ? 16.820  16.912  3.999   1.00 27.09 ? 681 HOH A O   1 
HETATM 1264 O O   . HOH B 2 .   ? 7.794   -14.260 -16.510 1.00 31.74 ? 682 HOH A O   1 
HETATM 1265 O O   . HOH B 2 .   ? 24.988  6.543   2.364   1.00 37.02 ? 683 HOH A O   1 
HETATM 1266 O O   . HOH B 2 .   ? 12.026  2.184   -14.019 1.00 31.92 ? 684 HOH A O   1 
HETATM 1267 O O   . HOH B 2 .   ? -16.070 2.920   4.942   1.00 38.38 ? 685 HOH A O   1 
HETATM 1268 O O   . HOH B 2 .   ? 15.383  -0.684  11.374  1.00 29.65 ? 686 HOH A O   1 
HETATM 1269 O O   . HOH B 2 .   ? 18.041  19.022  3.068   1.00 30.37 ? 687 HOH A O   1 
HETATM 1270 O O   . HOH B 2 .   ? 29.000  11.696  -1.349  1.00 40.76 ? 688 HOH A O   1 
HETATM 1271 O O   . HOH B 2 .   ? 12.656  17.069  5.717   1.00 23.55 ? 689 HOH A O   1 
HETATM 1272 O O   . HOH B 2 .   ? 13.121  -1.225  -5.776  1.00 43.25 ? 690 HOH A O   1 
HETATM 1273 O O   . HOH B 2 .   ? 14.386  20.230  1.971   1.00 37.04 ? 691 HOH A O   1 
# 
